data_6DVU
# 
_entry.id   6DVU 
# 
_audit_conform.dict_name       mmcif_pdbx.dic 
_audit_conform.dict_version    5.379 
_audit_conform.dict_location   http://mmcif.pdb.org/dictionaries/ascii/mmcif_pdbx.dic 
# 
loop_
_database_2.database_id 
_database_2.database_code 
_database_2.pdbx_database_accession 
_database_2.pdbx_DOI 
PDB   6DVU         pdb_00006dvu 10.2210/pdb6dvu/pdb 
WWPDB D_1000235306 ?            ?                   
# 
_pdbx_database_status.status_code                     REL 
_pdbx_database_status.status_code_sf                  REL 
_pdbx_database_status.status_code_mr                  ? 
_pdbx_database_status.entry_id                        6DVU 
_pdbx_database_status.recvd_initial_deposition_date   2018-06-25 
_pdbx_database_status.SG_entry                        N 
_pdbx_database_status.deposit_site                    RCSB 
_pdbx_database_status.process_site                    RCSB 
_pdbx_database_status.status_code_cs                  ? 
_pdbx_database_status.methods_development_category    ? 
_pdbx_database_status.pdb_format_compatible           Y 
_pdbx_database_status.status_code_nmr_data            ? 
# 
loop_
_audit_author.name 
_audit_author.pdbx_ordinal 
_audit_author.identifier_ORCID 
'McPherson, A.' 1 ? 
'Larson, S.B.'  2 ? 
# 
_citation.abstract                  ? 
_citation.abstract_id_CAS           ? 
_citation.book_id_ISBN              ? 
_citation.book_publisher            ? 
_citation.book_publisher_city       ? 
_citation.book_title                ? 
_citation.coordinate_linkage        ? 
_citation.country                   US 
_citation.database_id_Medline       ? 
_citation.details                   ? 
_citation.id                        primary 
_citation.journal_abbrev            'J. Lipid Res.' 
_citation.journal_id_ASTM           JLPRAW 
_citation.journal_id_CSD            0484 
_citation.journal_id_ISSN           1539-7262 
_citation.journal_full              ? 
_citation.journal_issue             ? 
_citation.journal_volume            60 
_citation.language                  ? 
_citation.page_first                400 
_citation.page_last                 411 
_citation.title                     'The structure of human apolipoprotein C-1 in four different crystal forms.' 
_citation.year                      2019 
_citation.database_id_CSD           ? 
_citation.pdbx_database_id_DOI      10.1194/jlr.M089441 
_citation.pdbx_database_id_PubMed   30559175 
_citation.unpublished_flag          ? 
# 
loop_
_citation_author.citation_id 
_citation_author.name 
_citation_author.ordinal 
_citation_author.identifier_ORCID 
primary 'McPherson, A.' 1 ? 
primary 'Larson, S.B.'  2 ? 
# 
_cell.angle_alpha                  90.00 
_cell.angle_alpha_esd              ? 
_cell.angle_beta                   95.16 
_cell.angle_beta_esd               ? 
_cell.angle_gamma                  90.00 
_cell.angle_gamma_esd              ? 
_cell.entry_id                     6DVU 
_cell.details                      ? 
_cell.formula_units_Z              ? 
_cell.length_a                     29.541 
_cell.length_a_esd                 ? 
_cell.length_b                     46.739 
_cell.length_b_esd                 ? 
_cell.length_c                     33.880 
_cell.length_c_esd                 ? 
_cell.volume                       ? 
_cell.volume_esd                   ? 
_cell.Z_PDB                        4 
_cell.reciprocal_angle_alpha       ? 
_cell.reciprocal_angle_beta        ? 
_cell.reciprocal_angle_gamma       ? 
_cell.reciprocal_angle_alpha_esd   ? 
_cell.reciprocal_angle_beta_esd    ? 
_cell.reciprocal_angle_gamma_esd   ? 
_cell.reciprocal_length_a          ? 
_cell.reciprocal_length_b          ? 
_cell.reciprocal_length_c          ? 
_cell.reciprocal_length_a_esd      ? 
_cell.reciprocal_length_b_esd      ? 
_cell.reciprocal_length_c_esd      ? 
_cell.pdbx_unique_axis             ? 
# 
_symmetry.entry_id                         6DVU 
_symmetry.cell_setting                     ? 
_symmetry.Int_Tables_number                4 
_symmetry.space_group_name_Hall            ? 
_symmetry.space_group_name_H-M             'P 1 21 1' 
_symmetry.pdbx_full_space_group_name_H-M   ? 
# 
loop_
_entity.id 
_entity.type 
_entity.src_method 
_entity.pdbx_description 
_entity.formula_weight 
_entity.pdbx_number_of_molecules 
_entity.pdbx_ec 
_entity.pdbx_mutation 
_entity.pdbx_fragment 
_entity.details 
1 polymer nat 'Apolipoprotein C-I' 9344.909 2  ? ? ? ? 
2 water   nat water                18.015   27 ? ? ? ? 
# 
_entity_name_com.entity_id   1 
_entity_name_com.name        'ApoC-I,Apolipoprotein C1' 
# 
_entity_poly.entity_id                      1 
_entity_poly.type                           'polypeptide(L)' 
_entity_poly.nstd_linkage                   no 
_entity_poly.nstd_monomer                   no 
_entity_poly.pdbx_seq_one_letter_code       
;MRLFLSLPVLVVVLSIVLEGPAPAQGTPDVSSALDKLKEFGNTLEDKARELISRIKQSELSAKMREWFSETFQKVKEKLK
IDS
;
_entity_poly.pdbx_seq_one_letter_code_can   
;MRLFLSLPVLVVVLSIVLEGPAPAQGTPDVSSALDKLKEFGNTLEDKARELISRIKQSELSAKMREWFSETFQKVKEKLK
IDS
;
_entity_poly.pdbx_strand_id                 A,B 
_entity_poly.pdbx_target_identifier         ? 
# 
loop_
_entity_poly_seq.entity_id 
_entity_poly_seq.num 
_entity_poly_seq.mon_id 
_entity_poly_seq.hetero 
1 1  MET n 
1 2  ARG n 
1 3  LEU n 
1 4  PHE n 
1 5  LEU n 
1 6  SER n 
1 7  LEU n 
1 8  PRO n 
1 9  VAL n 
1 10 LEU n 
1 11 VAL n 
1 12 VAL n 
1 13 VAL n 
1 14 LEU n 
1 15 SER n 
1 16 ILE n 
1 17 VAL n 
1 18 LEU n 
1 19 GLU n 
1 20 GLY n 
1 21 PRO n 
1 22 ALA n 
1 23 PRO n 
1 24 ALA n 
1 25 GLN n 
1 26 GLY n 
1 27 THR n 
1 28 PRO n 
1 29 ASP n 
1 30 VAL n 
1 31 SER n 
1 32 SER n 
1 33 ALA n 
1 34 LEU n 
1 35 ASP n 
1 36 LYS n 
1 37 LEU n 
1 38 LYS n 
1 39 GLU n 
1 40 PHE n 
1 41 GLY n 
1 42 ASN n 
1 43 THR n 
1 44 LEU n 
1 45 GLU n 
1 46 ASP n 
1 47 LYS n 
1 48 ALA n 
1 49 ARG n 
1 50 GLU n 
1 51 LEU n 
1 52 ILE n 
1 53 SER n 
1 54 ARG n 
1 55 ILE n 
1 56 LYS n 
1 57 GLN n 
1 58 SER n 
1 59 GLU n 
1 60 LEU n 
1 61 SER n 
1 62 ALA n 
1 63 LYS n 
1 64 MET n 
1 65 ARG n 
1 66 GLU n 
1 67 TRP n 
1 68 PHE n 
1 69 SER n 
1 70 GLU n 
1 71 THR n 
1 72 PHE n 
1 73 GLN n 
1 74 LYS n 
1 75 VAL n 
1 76 LYS n 
1 77 GLU n 
1 78 LYS n 
1 79 LEU n 
1 80 LYS n 
1 81 ILE n 
1 82 ASP n 
1 83 SER n 
# 
_entity_src_nat.entity_id                  1 
_entity_src_nat.pdbx_src_id                1 
_entity_src_nat.pdbx_alt_source_flag       sample 
_entity_src_nat.pdbx_beg_seq_num           1 
_entity_src_nat.pdbx_end_seq_num           83 
_entity_src_nat.common_name                Human 
_entity_src_nat.pdbx_organism_scientific   'Homo sapiens' 
_entity_src_nat.pdbx_ncbi_taxonomy_id      9606 
_entity_src_nat.genus                      ? 
_entity_src_nat.species                    ? 
_entity_src_nat.strain                     ? 
_entity_src_nat.tissue                     ? 
_entity_src_nat.tissue_fraction            ? 
_entity_src_nat.pdbx_secretion             ? 
_entity_src_nat.pdbx_fragment              ? 
_entity_src_nat.pdbx_variant               ? 
_entity_src_nat.pdbx_cell_line             ? 
_entity_src_nat.pdbx_atcc                  ? 
_entity_src_nat.pdbx_cellular_location     ? 
_entity_src_nat.pdbx_organ                 ? 
_entity_src_nat.pdbx_organelle             ? 
_entity_src_nat.pdbx_cell                  ? 
_entity_src_nat.pdbx_plasmid_name          ? 
_entity_src_nat.pdbx_plasmid_details       ? 
_entity_src_nat.details                    ? 
# 
_struct_ref.id                         1 
_struct_ref.db_name                    UNP 
_struct_ref.db_code                    APOC1_HUMAN 
_struct_ref.pdbx_db_accession          P02654 
_struct_ref.pdbx_db_isoform            ? 
_struct_ref.entity_id                  1 
_struct_ref.pdbx_seq_one_letter_code   
;MRLFLSLPVLVVVLSIVLEGPAPAQGTPDVSSALDKLKEFGNTLEDKARELISRIKQSELSAKMREWFSETFQKVKEKLK
IDS
;
_struct_ref.pdbx_align_begin           1 
# 
loop_
_struct_ref_seq.align_id 
_struct_ref_seq.ref_id 
_struct_ref_seq.pdbx_PDB_id_code 
_struct_ref_seq.pdbx_strand_id 
_struct_ref_seq.seq_align_beg 
_struct_ref_seq.pdbx_seq_align_beg_ins_code 
_struct_ref_seq.seq_align_end 
_struct_ref_seq.pdbx_seq_align_end_ins_code 
_struct_ref_seq.pdbx_db_accession 
_struct_ref_seq.db_align_beg 
_struct_ref_seq.pdbx_db_align_beg_ins_code 
_struct_ref_seq.db_align_end 
_struct_ref_seq.pdbx_db_align_end_ins_code 
_struct_ref_seq.pdbx_auth_seq_align_beg 
_struct_ref_seq.pdbx_auth_seq_align_end 
1 1 6DVU A 1 ? 83 ? P02654 1 ? 83 ? -25 57 
2 1 6DVU B 1 ? 83 ? P02654 1 ? 83 ? -25 57 
# 
loop_
_chem_comp.id 
_chem_comp.type 
_chem_comp.mon_nstd_flag 
_chem_comp.name 
_chem_comp.pdbx_synonyms 
_chem_comp.formula 
_chem_comp.formula_weight 
ALA 'L-peptide linking' y ALANINE         ? 'C3 H7 N O2'     89.093  
ARG 'L-peptide linking' y ARGININE        ? 'C6 H15 N4 O2 1' 175.209 
ASN 'L-peptide linking' y ASPARAGINE      ? 'C4 H8 N2 O3'    132.118 
ASP 'L-peptide linking' y 'ASPARTIC ACID' ? 'C4 H7 N O4'     133.103 
GLN 'L-peptide linking' y GLUTAMINE       ? 'C5 H10 N2 O3'   146.144 
GLU 'L-peptide linking' y 'GLUTAMIC ACID' ? 'C5 H9 N O4'     147.129 
GLY 'peptide linking'   y GLYCINE         ? 'C2 H5 N O2'     75.067  
HOH non-polymer         . WATER           ? 'H2 O'           18.015  
ILE 'L-peptide linking' y ISOLEUCINE      ? 'C6 H13 N O2'    131.173 
LEU 'L-peptide linking' y LEUCINE         ? 'C6 H13 N O2'    131.173 
LYS 'L-peptide linking' y LYSINE          ? 'C6 H15 N2 O2 1' 147.195 
MET 'L-peptide linking' y METHIONINE      ? 'C5 H11 N O2 S'  149.211 
PHE 'L-peptide linking' y PHENYLALANINE   ? 'C9 H11 N O2'    165.189 
PRO 'L-peptide linking' y PROLINE         ? 'C5 H9 N O2'     115.130 
SER 'L-peptide linking' y SERINE          ? 'C3 H7 N O3'     105.093 
THR 'L-peptide linking' y THREONINE       ? 'C4 H9 N O3'     119.119 
TRP 'L-peptide linking' y TRYPTOPHAN      ? 'C11 H12 N2 O2'  204.225 
VAL 'L-peptide linking' y VALINE          ? 'C5 H11 N O2'    117.146 
# 
_exptl.absorpt_coefficient_mu     ? 
_exptl.absorpt_correction_T_max   ? 
_exptl.absorpt_correction_T_min   ? 
_exptl.absorpt_correction_type    ? 
_exptl.absorpt_process_details    ? 
_exptl.entry_id                   6DVU 
_exptl.crystals_number            1 
_exptl.details                    ? 
_exptl.method                     'X-RAY DIFFRACTION' 
_exptl.method_details             ? 
# 
_exptl_crystal.colour                      ? 
_exptl_crystal.density_diffrn              ? 
_exptl_crystal.density_Matthews            1.87 
_exptl_crystal.density_method              ? 
_exptl_crystal.density_percent_sol         34 
_exptl_crystal.description                 'thin monoclinic laths' 
_exptl_crystal.F_000                       ? 
_exptl_crystal.id                          1 
_exptl_crystal.preparation                 ? 
_exptl_crystal.size_max                    ? 
_exptl_crystal.size_mid                    ? 
_exptl_crystal.size_min                    ? 
_exptl_crystal.size_rad                    ? 
_exptl_crystal.colour_lustre               ? 
_exptl_crystal.colour_modifier             ? 
_exptl_crystal.colour_primary              ? 
_exptl_crystal.density_meas                ? 
_exptl_crystal.density_meas_esd            ? 
_exptl_crystal.density_meas_gt             ? 
_exptl_crystal.density_meas_lt             ? 
_exptl_crystal.density_meas_temp           ? 
_exptl_crystal.density_meas_temp_esd       ? 
_exptl_crystal.density_meas_temp_gt        ? 
_exptl_crystal.density_meas_temp_lt        ? 
_exptl_crystal.pdbx_crystal_image_url      ? 
_exptl_crystal.pdbx_crystal_image_format   ? 
_exptl_crystal.pdbx_mosaicity              ? 
_exptl_crystal.pdbx_mosaicity_esd          ? 
# 
_exptl_crystal_grow.apparatus       ? 
_exptl_crystal_grow.atmosphere      ? 
_exptl_crystal_grow.crystal_id      1 
_exptl_crystal_grow.details         ? 
_exptl_crystal_grow.method          'VAPOR DIFFUSION, SITTING DROP' 
_exptl_crystal_grow.method_ref      ? 
_exptl_crystal_grow.pH              8 
_exptl_crystal_grow.pressure        ? 
_exptl_crystal_grow.pressure_esd    ? 
_exptl_crystal_grow.seeding         ? 
_exptl_crystal_grow.seeding_ref     ? 
_exptl_crystal_grow.temp            298 
_exptl_crystal_grow.temp_details    ? 
_exptl_crystal_grow.temp_esd        ? 
_exptl_crystal_grow.time            ? 
_exptl_crystal_grow.pdbx_details    
;Crystallized in Cryschem sitting drop plates with reservoirs of 16%-18% 2-methyl-2,4-pentanediol (MPD), 0.1 M sodium acetate and 0.25% octyl-beta-s-1-thioglucopyanoside. The drops were composed of equal amounts of 8 mg/ml protein in 0.02 ammonium bicarbonate and reservoir.
;
_exptl_crystal_grow.pdbx_pH_range   '5.0 7.0' 
# 
_diffrn.ambient_environment    ? 
_diffrn.ambient_temp           298 
_diffrn.ambient_temp_details   ? 
_diffrn.ambient_temp_esd       ? 
_diffrn.crystal_id             1 
_diffrn.crystal_support        ? 
_diffrn.crystal_treatment      ? 
_diffrn.details                ? 
_diffrn.id                     1 
_diffrn.ambient_pressure       ? 
_diffrn.ambient_pressure_esd   ? 
_diffrn.ambient_pressure_gt    ? 
_diffrn.ambient_pressure_lt    ? 
_diffrn.ambient_temp_gt        ? 
_diffrn.ambient_temp_lt        ? 
# 
_diffrn_detector.details                      ? 
_diffrn_detector.detector                     'AREA DETECTOR' 
_diffrn_detector.diffrn_id                    1 
_diffrn_detector.type                         SDMS 
_diffrn_detector.area_resol_mean              ? 
_diffrn_detector.dtime                        ? 
_diffrn_detector.pdbx_frames_total            ? 
_diffrn_detector.pdbx_collection_time_total   ? 
_diffrn_detector.pdbx_collection_date         1992-06-15 
# 
_diffrn_radiation.collimation                      ? 
_diffrn_radiation.diffrn_id                        1 
_diffrn_radiation.filter_edge                      ? 
_diffrn_radiation.inhomogeneity                    ? 
_diffrn_radiation.monochromator                    Supper 
_diffrn_radiation.polarisn_norm                    ? 
_diffrn_radiation.polarisn_ratio                   ? 
_diffrn_radiation.probe                            ? 
_diffrn_radiation.type                             ? 
_diffrn_radiation.xray_symbol                      ? 
_diffrn_radiation.wavelength_id                    1 
_diffrn_radiation.pdbx_monochromatic_or_laue_m_l   M 
_diffrn_radiation.pdbx_wavelength_list             ? 
_diffrn_radiation.pdbx_wavelength                  ? 
_diffrn_radiation.pdbx_diffrn_protocol             'SINGLE WAVELENGTH' 
_diffrn_radiation.pdbx_analyzer                    ? 
_diffrn_radiation.pdbx_scattering_type             x-ray 
# 
_diffrn_radiation_wavelength.id           1 
_diffrn_radiation_wavelength.wavelength   1.5418 
_diffrn_radiation_wavelength.wt           1.0 
# 
_diffrn_source.current                     ? 
_diffrn_source.details                     ? 
_diffrn_source.diffrn_id                   1 
_diffrn_source.power                       ? 
_diffrn_source.size                        ? 
_diffrn_source.source                      'ROTATING ANODE' 
_diffrn_source.target                      ? 
_diffrn_source.type                        RIGAKU 
_diffrn_source.voltage                     ? 
_diffrn_source.take-off_angle              ? 
_diffrn_source.pdbx_wavelength_list        1.5418 
_diffrn_source.pdbx_wavelength             ? 
_diffrn_source.pdbx_synchrotron_beamline   ? 
_diffrn_source.pdbx_synchrotron_site       ? 
# 
_reflns.B_iso_Wilson_estimate            ? 
_reflns.entry_id                         6DVU 
_reflns.data_reduction_details           ? 
_reflns.data_reduction_method            ? 
_reflns.d_resolution_high                1.80 
_reflns.d_resolution_low                 35.0 
_reflns.details                          ? 
_reflns.limit_h_max                      ? 
_reflns.limit_h_min                      ? 
_reflns.limit_k_max                      ? 
_reflns.limit_k_min                      ? 
_reflns.limit_l_max                      ? 
_reflns.limit_l_min                      ? 
_reflns.number_all                       ? 
_reflns.number_obs                       7315 
_reflns.observed_criterion               ? 
_reflns.observed_criterion_F_max         ? 
_reflns.observed_criterion_F_min         ? 
_reflns.observed_criterion_I_max         ? 
_reflns.observed_criterion_I_min         ? 
_reflns.observed_criterion_sigma_F       ? 
_reflns.observed_criterion_sigma_I       ? 
_reflns.percent_possible_obs             85.2 
_reflns.R_free_details                   ? 
_reflns.Rmerge_F_all                     ? 
_reflns.Rmerge_F_obs                     ? 
_reflns.Friedel_coverage                 ? 
_reflns.number_gt                        ? 
_reflns.threshold_expression             ? 
_reflns.pdbx_redundancy                  7.2 
_reflns.pdbx_Rmerge_I_obs                0.094 
_reflns.pdbx_Rmerge_I_all                ? 
_reflns.pdbx_Rsym_value                  0.094 
_reflns.pdbx_netI_over_av_sigmaI         6.7 
_reflns.pdbx_netI_over_sigmaI            6.7 
_reflns.pdbx_res_netI_over_av_sigmaI_2   ? 
_reflns.pdbx_res_netI_over_sigmaI_2      ? 
_reflns.pdbx_chi_squared                 ? 
_reflns.pdbx_scaling_rejects             ? 
_reflns.pdbx_d_res_high_opt              ? 
_reflns.pdbx_d_res_low_opt               ? 
_reflns.pdbx_d_res_opt_method            ? 
_reflns.phase_calculation_details        ? 
_reflns.pdbx_Rrim_I_all                  0.114 
_reflns.pdbx_Rpim_I_all                  0.055 
_reflns.pdbx_d_opt                       ? 
_reflns.pdbx_number_measured_all         ? 
_reflns.pdbx_diffrn_id                   1 
_reflns.pdbx_ordinal                     1 
_reflns.pdbx_CC_half                     .993 
_reflns.pdbx_R_split                     ? 
# 
_reflns_shell.d_res_high                  1.8 
_reflns_shell.d_res_low                   1.95 
_reflns_shell.meanI_over_sigI_all         ? 
_reflns_shell.meanI_over_sigI_obs         3.2 
_reflns_shell.number_measured_all         ? 
_reflns_shell.number_measured_obs         ? 
_reflns_shell.number_possible             ? 
_reflns_shell.number_unique_all           ? 
_reflns_shell.number_unique_obs           613 
_reflns_shell.percent_possible_all        76.0 
_reflns_shell.percent_possible_obs        ? 
_reflns_shell.Rmerge_F_all                ? 
_reflns_shell.Rmerge_F_obs                ? 
_reflns_shell.Rmerge_I_all                ? 
_reflns_shell.Rmerge_I_obs                .457 
_reflns_shell.meanI_over_sigI_gt          ? 
_reflns_shell.meanI_over_uI_all           ? 
_reflns_shell.meanI_over_uI_gt            ? 
_reflns_shell.number_measured_gt          ? 
_reflns_shell.number_unique_gt            ? 
_reflns_shell.percent_possible_gt         ? 
_reflns_shell.Rmerge_F_gt                 ? 
_reflns_shell.Rmerge_I_gt                 ? 
_reflns_shell.pdbx_redundancy             4.5 
_reflns_shell.pdbx_Rsym_value             .457 
_reflns_shell.pdbx_chi_squared            ? 
_reflns_shell.pdbx_netI_over_sigmaI_all   ? 
_reflns_shell.pdbx_netI_over_sigmaI_obs   ? 
_reflns_shell.pdbx_Rrim_I_all             .721 
_reflns_shell.pdbx_Rpim_I_all             .315 
_reflns_shell.pdbx_rejects                ? 
_reflns_shell.pdbx_ordinal                1 
_reflns_shell.pdbx_diffrn_id              1 
_reflns_shell.pdbx_CC_half                .640 
_reflns_shell.pdbx_R_split                ? 
# 
_refine.aniso_B[1][1]                            1.91 
_refine.aniso_B[1][2]                            0.00 
_refine.aniso_B[1][3]                            -0.49 
_refine.aniso_B[2][2]                            -0.02 
_refine.aniso_B[2][3]                            0.00 
_refine.aniso_B[3][3]                            -1.77 
_refine.B_iso_max                                ? 
_refine.B_iso_mean                               32.597 
_refine.B_iso_min                                ? 
_refine.correlation_coeff_Fo_to_Fc               0.940 
_refine.correlation_coeff_Fo_to_Fc_free          0.907 
_refine.details                                  'HYDROGENS HAVE BEEN ADDED IN THE RIDING POSITIONS' 
_refine.diff_density_max                         ? 
_refine.diff_density_max_esd                     ? 
_refine.diff_density_min                         ? 
_refine.diff_density_min_esd                     ? 
_refine.diff_density_rms                         ? 
_refine.diff_density_rms_esd                     ? 
_refine.entry_id                                 6DVU 
_refine.pdbx_refine_id                           'X-RAY DIFFRACTION' 
_refine.ls_abs_structure_details                 ? 
_refine.ls_abs_structure_Flack                   ? 
_refine.ls_abs_structure_Flack_esd               ? 
_refine.ls_abs_structure_Rogers                  ? 
_refine.ls_abs_structure_Rogers_esd              ? 
_refine.ls_d_res_high                            1.80 
_refine.ls_d_res_low                             33.00 
_refine.ls_extinction_coef                       ? 
_refine.ls_extinction_coef_esd                   ? 
_refine.ls_extinction_expression                 ? 
_refine.ls_extinction_method                     ? 
_refine.ls_goodness_of_fit_all                   ? 
_refine.ls_goodness_of_fit_all_esd               ? 
_refine.ls_goodness_of_fit_obs                   ? 
_refine.ls_goodness_of_fit_obs_esd               ? 
_refine.ls_hydrogen_treatment                    ? 
_refine.ls_matrix_type                           ? 
_refine.ls_number_constraints                    ? 
_refine.ls_number_parameters                     ? 
_refine.ls_number_reflns_all                     ? 
_refine.ls_number_reflns_obs                     6965 
_refine.ls_number_reflns_R_free                  353 
_refine.ls_number_reflns_R_work                  ? 
_refine.ls_number_restraints                     ? 
_refine.ls_percent_reflns_obs                    84.97 
_refine.ls_percent_reflns_R_free                 4.8 
_refine.ls_R_factor_all                          ? 
_refine.ls_R_factor_obs                          0.22426 
_refine.ls_R_factor_R_free                       0.27626 
_refine.ls_R_factor_R_free_error                 ? 
_refine.ls_R_factor_R_free_error_details         ? 
_refine.ls_R_factor_R_work                       0.22139 
_refine.ls_R_Fsqd_factor_obs                     ? 
_refine.ls_R_I_factor_obs                        ? 
_refine.ls_redundancy_reflns_all                 ? 
_refine.ls_redundancy_reflns_obs                 ? 
_refine.ls_restrained_S_all                      ? 
_refine.ls_restrained_S_obs                      ? 
_refine.ls_shift_over_esd_max                    ? 
_refine.ls_shift_over_esd_mean                   ? 
_refine.ls_structure_factor_coef                 ? 
_refine.ls_weighting_details                     ? 
_refine.ls_weighting_scheme                      ? 
_refine.ls_wR_factor_all                         ? 
_refine.ls_wR_factor_obs                         ? 
_refine.ls_wR_factor_R_free                      ? 
_refine.ls_wR_factor_R_work                      ? 
_refine.occupancy_max                            ? 
_refine.occupancy_min                            ? 
_refine.solvent_model_details                    'BABINET MODEL WITH MASK' 
_refine.solvent_model_param_bsol                 ? 
_refine.solvent_model_param_ksol                 ? 
_refine.ls_R_factor_gt                           ? 
_refine.ls_goodness_of_fit_gt                    ? 
_refine.ls_goodness_of_fit_ref                   ? 
_refine.ls_shift_over_su_max                     ? 
_refine.ls_shift_over_su_max_lt                  ? 
_refine.ls_shift_over_su_mean                    ? 
_refine.ls_shift_over_su_mean_lt                 ? 
_refine.pdbx_ls_sigma_I                          ? 
_refine.pdbx_ls_sigma_F                          ? 
_refine.pdbx_ls_sigma_Fsqd                       ? 
_refine.pdbx_data_cutoff_high_absF               ? 
_refine.pdbx_data_cutoff_high_rms_absF           ? 
_refine.pdbx_data_cutoff_low_absF                ? 
_refine.pdbx_isotropic_thermal_model             ? 
_refine.pdbx_ls_cross_valid_method               THROUGHOUT 
_refine.pdbx_method_to_determine_struct          'MOLECULAR REPLACEMENT' 
_refine.pdbx_starting_model                      1ROP 
_refine.pdbx_stereochemistry_target_values       'MAXIMUM LIKELIHOOD' 
_refine.pdbx_R_Free_selection_details            RANDOM 
_refine.pdbx_stereochem_target_val_spec_case     ? 
_refine.pdbx_overall_ESU_R                       0.220 
_refine.pdbx_overall_ESU_R_Free                  0.191 
_refine.pdbx_solvent_vdw_probe_radii             1.20 
_refine.pdbx_solvent_ion_probe_radii             0.80 
_refine.pdbx_solvent_shrinkage_radii             0.80 
_refine.pdbx_real_space_R                        ? 
_refine.pdbx_density_correlation                 ? 
_refine.pdbx_pd_number_of_powder_patterns        ? 
_refine.pdbx_pd_number_of_points                 ? 
_refine.pdbx_pd_meas_number_of_points            ? 
_refine.pdbx_pd_proc_ls_prof_R_factor            ? 
_refine.pdbx_pd_proc_ls_prof_wR_factor           ? 
_refine.pdbx_pd_Marquardt_correlation_coeff      ? 
_refine.pdbx_pd_Fsqrd_R_factor                   ? 
_refine.pdbx_pd_ls_matrix_band_width             ? 
_refine.pdbx_overall_phase_error                 ? 
_refine.pdbx_overall_SU_R_free_Cruickshank_DPI   ? 
_refine.pdbx_overall_SU_R_free_Blow_DPI          ? 
_refine.pdbx_overall_SU_R_Blow_DPI               ? 
_refine.pdbx_TLS_residual_ADP_flag               ? 
_refine.pdbx_diffrn_id                           1 
_refine.overall_SU_B                             6.135 
_refine.overall_SU_ML                            0.174 
_refine.overall_SU_R_Cruickshank_DPI             ? 
_refine.overall_SU_R_free                        ? 
_refine.overall_FOM_free_R_set                   ? 
_refine.overall_FOM_work_R_set                   ? 
_refine.pdbx_average_fsc_overall                 ? 
_refine.pdbx_average_fsc_work                    ? 
_refine.pdbx_average_fsc_free                    ? 
# 
_refine_hist.pdbx_refine_id                   'X-RAY DIFFRACTION' 
_refine_hist.cycle_id                         1 
_refine_hist.pdbx_number_atoms_protein        859 
_refine_hist.pdbx_number_atoms_nucleic_acid   0 
_refine_hist.pdbx_number_atoms_ligand         0 
_refine_hist.number_atoms_solvent             27 
_refine_hist.number_atoms_total               886 
_refine_hist.d_res_high                       1.80 
_refine_hist.d_res_low                        33.00 
# 
loop_
_refine_ls_restr.pdbx_refine_id 
_refine_ls_restr.criterion 
_refine_ls_restr.dev_ideal 
_refine_ls_restr.dev_ideal_target 
_refine_ls_restr.number 
_refine_ls_restr.rejects 
_refine_ls_restr.type 
_refine_ls_restr.weight 
_refine_ls_restr.pdbx_restraint_function 
'X-RAY DIFFRACTION' ? 0.009  0.019  876  ? r_bond_refined_d             ? ? 
'X-RAY DIFFRACTION' ? 0.001  0.020  889  ? r_bond_other_d               ? ? 
'X-RAY DIFFRACTION' ? 1.049  1.985  1160 ? r_angle_refined_deg          ? ? 
'X-RAY DIFFRACTION' ? 0.608  3.000  2073 ? r_angle_other_deg            ? ? 
'X-RAY DIFFRACTION' ? 3.956  5.000  104  ? r_dihedral_angle_1_deg       ? ? 
'X-RAY DIFFRACTION' ? 34.618 24.500 40   ? r_dihedral_angle_2_deg       ? ? 
'X-RAY DIFFRACTION' ? 16.124 15.000 205  ? r_dihedral_angle_3_deg       ? ? 
'X-RAY DIFFRACTION' ? 18.166 15.000 7    ? r_dihedral_angle_4_deg       ? ? 
'X-RAY DIFFRACTION' ? 0.055  0.200  128  ? r_chiral_restr               ? ? 
'X-RAY DIFFRACTION' ? 0.004  0.020  918  ? r_gen_planes_refined         ? ? 
'X-RAY DIFFRACTION' ? 0.000  0.020  173  ? r_gen_planes_other           ? ? 
'X-RAY DIFFRACTION' ? ?      ?      ?    ? r_nbd_refined                ? ? 
'X-RAY DIFFRACTION' ? ?      ?      ?    ? r_nbd_other                  ? ? 
'X-RAY DIFFRACTION' ? ?      ?      ?    ? r_nbtor_refined              ? ? 
'X-RAY DIFFRACTION' ? ?      ?      ?    ? r_nbtor_other                ? ? 
'X-RAY DIFFRACTION' ? ?      ?      ?    ? r_xyhbond_nbd_refined        ? ? 
'X-RAY DIFFRACTION' ? ?      ?      ?    ? r_xyhbond_nbd_other          ? ? 
'X-RAY DIFFRACTION' ? ?      ?      ?    ? r_metal_ion_refined          ? ? 
'X-RAY DIFFRACTION' ? ?      ?      ?    ? r_metal_ion_other            ? ? 
'X-RAY DIFFRACTION' ? ?      ?      ?    ? r_symmetry_vdw_refined       ? ? 
'X-RAY DIFFRACTION' ? ?      ?      ?    ? r_symmetry_vdw_other         ? ? 
'X-RAY DIFFRACTION' ? ?      ?      ?    ? r_symmetry_hbond_refined     ? ? 
'X-RAY DIFFRACTION' ? ?      ?      ?    ? r_symmetry_hbond_other       ? ? 
'X-RAY DIFFRACTION' ? ?      ?      ?    ? r_symmetry_metal_ion_refined ? ? 
'X-RAY DIFFRACTION' ? ?      ?      ?    ? r_symmetry_metal_ion_other   ? ? 
'X-RAY DIFFRACTION' ? 3.539  2.631  416  ? r_mcbond_it                  ? ? 
'X-RAY DIFFRACTION' ? 3.517  2.622  415  ? r_mcbond_other               ? ? 
'X-RAY DIFFRACTION' ? 4.971  3.889  517  ? r_mcangle_it                 ? ? 
'X-RAY DIFFRACTION' ? 4.973  3.898  518  ? r_mcangle_other              ? ? 
'X-RAY DIFFRACTION' ? 5.896  3.510  460  ? r_scbond_it                  ? ? 
'X-RAY DIFFRACTION' ? 5.890  3.516  461  ? r_scbond_other               ? ? 
'X-RAY DIFFRACTION' ? ?      ?      ?    ? r_scangle_it                 ? ? 
'X-RAY DIFFRACTION' ? 8.977  4.939  643  ? r_scangle_other              ? ? 
'X-RAY DIFFRACTION' ? 10.757 32.602 1042 ? r_long_range_B_refined       ? ? 
'X-RAY DIFFRACTION' ? 10.754 32.608 1041 ? r_long_range_B_other         ? ? 
'X-RAY DIFFRACTION' ? ?      ?      ?    ? r_rigid_bond_restr           ? ? 
'X-RAY DIFFRACTION' ? ?      ?      ?    ? r_sphericity_free            ? ? 
'X-RAY DIFFRACTION' ? ?      ?      ?    ? r_sphericity_bonded          ? ? 
# 
_refine_ls_shell.pdbx_refine_id                   'X-RAY DIFFRACTION' 
_refine_ls_shell.d_res_high                       1.800 
_refine_ls_shell.d_res_low                        1.847 
_refine_ls_shell.number_reflns_all                ? 
_refine_ls_shell.number_reflns_obs                ? 
_refine_ls_shell.number_reflns_R_free             16 
_refine_ls_shell.number_reflns_R_work             370 
_refine_ls_shell.percent_reflns_obs               60.60 
_refine_ls_shell.percent_reflns_R_free            ? 
_refine_ls_shell.R_factor_all                     ? 
_refine_ls_shell.R_factor_obs                     ? 
_refine_ls_shell.R_factor_R_free                  0.502 
_refine_ls_shell.R_factor_R_free_error            ? 
_refine_ls_shell.R_factor_R_work                  0.431 
_refine_ls_shell.redundancy_reflns_all            ? 
_refine_ls_shell.redundancy_reflns_obs            ? 
_refine_ls_shell.wR_factor_all                    ? 
_refine_ls_shell.wR_factor_obs                    ? 
_refine_ls_shell.wR_factor_R_free                 ? 
_refine_ls_shell.wR_factor_R_work                 ? 
_refine_ls_shell.pdbx_total_number_of_bins_used   20 
_refine_ls_shell.pdbx_phase_error                 ? 
_refine_ls_shell.pdbx_fsc_work                    ? 
_refine_ls_shell.pdbx_fsc_free                    ? 
# 
_struct.entry_id                     6DVU 
_struct.title                        'Structure of the Monoclinic-1 (Monocl-1) Crystal Form of Human Apolipoprotein C1' 
_struct.pdbx_model_details           ? 
_struct.pdbx_formula_weight          ? 
_struct.pdbx_formula_weight_method   ? 
_struct.pdbx_model_type_details      ? 
_struct.pdbx_CASP_flag               N 
# 
_struct_keywords.entry_id        6DVU 
_struct_keywords.text            'lipoprotein, alpha-helix, lipoprotein particles, lipid metabolism, LIPID TRANSPORT' 
_struct_keywords.pdbx_keywords   'LIPID TRANSPORT' 
# 
loop_
_struct_asym.id 
_struct_asym.pdbx_blank_PDB_chainid_flag 
_struct_asym.pdbx_modified 
_struct_asym.entity_id 
_struct_asym.details 
A N N 1 ? 
B N N 1 ? 
C N N 2 ? 
D N N 2 ? 
# 
loop_
_struct_conf.conf_type_id 
_struct_conf.id 
_struct_conf.pdbx_PDB_helix_id 
_struct_conf.beg_label_comp_id 
_struct_conf.beg_label_asym_id 
_struct_conf.beg_label_seq_id 
_struct_conf.pdbx_beg_PDB_ins_code 
_struct_conf.end_label_comp_id 
_struct_conf.end_label_asym_id 
_struct_conf.end_label_seq_id 
_struct_conf.pdbx_end_PDB_ins_code 
_struct_conf.beg_auth_comp_id 
_struct_conf.beg_auth_asym_id 
_struct_conf.beg_auth_seq_id 
_struct_conf.end_auth_comp_id 
_struct_conf.end_auth_asym_id 
_struct_conf.end_auth_seq_id 
_struct_conf.pdbx_PDB_helix_class 
_struct_conf.details 
_struct_conf.pdbx_PDB_helix_length 
HELX_P HELX_P1 AA1 SER A 31 ? LEU A 79 ? SER A 5 LEU A 53 1 ? 49 
HELX_P HELX_P2 AA2 VAL B 30 ? ILE B 81 ? VAL B 4 ILE B 55 1 ? 52 
# 
_struct_conf_type.id          HELX_P 
_struct_conf_type.criteria    ? 
_struct_conf_type.reference   ? 
# 
_atom_sites.entry_id                    6DVU 
_atom_sites.fract_transf_matrix[1][1]   -0.01012871 
_atom_sites.fract_transf_matrix[1][2]   -0.02060046 
_atom_sites.fract_transf_matrix[1][3]   0.02506511 
_atom_sites.fract_transf_matrix[2][1]   -0.02015010 
_atom_sites.fract_transf_matrix[2][2]   0.00130152 
_atom_sites.fract_transf_matrix[2][3]   -0.00707288 
_atom_sites.fract_transf_matrix[3][1]   0.00379583 
_atom_sites.fract_transf_matrix[3][2]   -0.02502297 
_atom_sites.fract_transf_matrix[3][3]   -0.01541866 
_atom_sites.fract_transf_vector[1]      0.746070 
_atom_sites.fract_transf_vector[2]      0.286610 
_atom_sites.fract_transf_vector[3]      0.726768 
# 
loop_
_atom_type.symbol 
C 
N 
O 
S 
# 
loop_
_atom_site.group_PDB 
_atom_site.id 
_atom_site.type_symbol 
_atom_site.label_atom_id 
_atom_site.label_alt_id 
_atom_site.label_comp_id 
_atom_site.label_asym_id 
_atom_site.label_entity_id 
_atom_site.label_seq_id 
_atom_site.pdbx_PDB_ins_code 
_atom_site.Cartn_x 
_atom_site.Cartn_y 
_atom_site.Cartn_z 
_atom_site.occupancy 
_atom_site.B_iso_or_equiv 
_atom_site.pdbx_formal_charge 
_atom_site.auth_seq_id 
_atom_site.auth_comp_id 
_atom_site.auth_asym_id 
_atom_site.auth_atom_id 
_atom_site.pdbx_PDB_model_num 
ATOM   1   N N   . SER A 1 31 ? 8.831   -43.082 -1.610  1.00 64.46  ? 5   SER A N   1 
ATOM   2   C CA  . SER A 1 31 ? 7.900   -42.007 -1.163  1.00 55.60  ? 5   SER A CA  1 
ATOM   3   C C   . SER A 1 31 ? 8.533   -40.615 -1.248  1.00 55.17  ? 5   SER A C   1 
ATOM   4   O O   . SER A 1 31 ? 8.059   -39.666 -0.613  1.00 46.87  ? 5   SER A O   1 
ATOM   5   C CB  . SER A 1 31 ? 7.441   -42.295 0.269   1.00 53.43  ? 5   SER A CB  1 
ATOM   6   O OG  . SER A 1 31 ? 6.978   -43.632 0.379   1.00 57.62  ? 5   SER A OG  1 
ATOM   7   N N   . SER A 1 32 ? 9.578   -40.492 -2.063  1.00 53.80  ? 6   SER A N   1 
ATOM   8   C CA  . SER A 1 32 ? 10.342  -39.250 -2.191  1.00 52.09  ? 6   SER A CA  1 
ATOM   9   C C   . SER A 1 32 ? 9.540   -38.094 -2.778  1.00 41.38  ? 6   SER A C   1 
ATOM   10  O O   . SER A 1 32 ? 9.529   -37.002 -2.211  1.00 44.00  ? 6   SER A O   1 
ATOM   11  C CB  . SER A 1 32 ? 11.579  -39.485 -3.070  1.00 61.65  ? 6   SER A CB  1 
ATOM   12  O OG  . SER A 1 32 ? 12.340  -38.291 -3.214  1.00 61.20  ? 6   SER A OG  1 
ATOM   13  N N   . ALA A 1 33 ? 8.887   -38.327 -3.916  1.00 31.73  ? 7   ALA A N   1 
ATOM   14  C CA  . ALA A 1 33 ? 8.073   -37.287 -4.552  1.00 39.22  ? 7   ALA A CA  1 
ATOM   15  C C   . ALA A 1 33 ? 6.891   -36.869 -3.663  1.00 40.47  ? 7   ALA A C   1 
ATOM   16  O O   . ALA A 1 33 ? 6.462   -35.714 -3.712  1.00 43.77  ? 7   ALA A O   1 
ATOM   17  C CB  . ALA A 1 33 ? 7.569   -37.744 -5.906  1.00 38.69  ? 7   ALA A CB  1 
ATOM   18  N N   . LEU A 1 34 ? 6.371   -37.806 -2.862  1.00 37.73  ? 8   LEU A N   1 
ATOM   19  C CA  . LEU A 1 34 ? 5.234   -37.522 -1.976  1.00 34.56  ? 8   LEU A CA  1 
ATOM   20  C C   . LEU A 1 34 ? 5.597   -36.594 -0.810  1.00 35.05  ? 8   LEU A C   1 
ATOM   21  O O   . LEU A 1 34 ? 4.973   -35.551 -0.627  1.00 30.85  ? 8   LEU A O   1 
ATOM   22  C CB  . LEU A 1 34 ? 4.624   -38.821 -1.452  1.00 37.96  ? 8   LEU A CB  1 
ATOM   23  C CG  . LEU A 1 34 ? 3.999   -39.704 -2.540  1.00 36.99  ? 8   LEU A CG  1 
ATOM   24  C CD1 . LEU A 1 34 ? 3.313   -40.923 -1.944  1.00 35.22  ? 8   LEU A CD1 1 
ATOM   25  C CD2 . LEU A 1 34 ? 3.022   -38.892 -3.363  1.00 42.39  ? 8   LEU A CD2 1 
ATOM   26  N N   . ASP A 1 35 ? 6.624   -36.948 -0.047  1.00 34.82  ? 9   ASP A N   1 
ATOM   27  C CA  . ASP A 1 35 ? 7.032   -36.120 1.108   1.00 48.34  ? 9   ASP A CA  1 
ATOM   28  C C   . ASP A 1 35 ? 7.563   -34.760 0.661   1.00 40.31  ? 9   ASP A C   1 
ATOM   29  O O   . ASP A 1 35 ? 7.516   -33.794 1.411   1.00 43.03  ? 9   ASP A O   1 
ATOM   30  C CB  . ASP A 1 35 ? 8.096   -36.827 1.957   1.00 53.46  ? 9   ASP A CB  1 
ATOM   31  C CG  . ASP A 1 35 ? 7.783   -38.287 2.187   1.00 63.64  ? 9   ASP A CG  1 
ATOM   32  O OD1 . ASP A 1 35 ? 6.596   -38.618 2.425   1.00 80.28  ? 9   ASP A OD1 1 
ATOM   33  O OD2 . ASP A 1 35 ? 8.728   -39.105 2.111   1.00 80.14  ? 9   ASP A OD2 1 
ATOM   34  N N   . LYS A 1 36 ? 8.078   -34.697 -0.565  1.00 49.84  ? 10  LYS A N   1 
ATOM   35  C CA  . LYS A 1 36 ? 8.503   -33.432 -1.157  1.00 49.83  ? 10  LYS A CA  1 
ATOM   36  C C   . LYS A 1 36 ? 7.276   -32.544 -1.406  1.00 47.17  ? 10  LYS A C   1 
ATOM   37  O O   . LYS A 1 36 ? 7.304   -31.332 -1.156  1.00 38.37  ? 10  LYS A O   1 
ATOM   38  C CB  . LYS A 1 36 ? 9.274   -33.698 -2.457  1.00 52.14  ? 10  LYS A CB  1 
ATOM   39  C CG  . LYS A 1 36 ? 9.644   -32.472 -3.279  1.00 54.53  ? 10  LYS A CG  1 
ATOM   40  C CD  . LYS A 1 36 ? 10.070  -32.882 -4.690  1.00 57.64  ? 10  LYS A CD  1 
ATOM   41  C CE  . LYS A 1 36 ? 8.899   -33.363 -5.548  1.00 51.87  ? 10  LYS A CE  1 
ATOM   42  N NZ  . LYS A 1 36 ? 9.340   -33.796 -6.901  1.00 44.43  ? 10  LYS A NZ  1 
ATOM   43  N N   . LEU A 1 37 ? 6.199   -33.158 -1.895  1.00 38.72  ? 11  LEU A N   1 
ATOM   44  C CA  . LEU A 1 37 ? 4.971   -32.432 -2.149  1.00 38.31  ? 11  LEU A CA  1 
ATOM   45  C C   . LEU A 1 37 ? 4.302   -32.007 -0.835  1.00 35.11  ? 11  LEU A C   1 
ATOM   46  O O   . LEU A 1 37 ? 3.609   -30.985 -0.795  1.00 29.72  ? 11  LEU A O   1 
ATOM   47  C CB  . LEU A 1 37 ? 4.016   -33.278 -3.002  1.00 43.77  ? 11  LEU A CB  1 
ATOM   48  C CG  . LEU A 1 37 ? 4.294   -33.276 -4.510  1.00 50.26  ? 11  LEU A CG  1 
ATOM   49  C CD1 . LEU A 1 37 ? 3.599   -34.453 -5.178  1.00 55.10  ? 11  LEU A CD1 1 
ATOM   50  C CD2 . LEU A 1 37 ? 3.861   -31.966 -5.169  1.00 54.70  ? 11  LEU A CD2 1 
ATOM   51  N N   . LYS A 1 38 ? 4.496   -32.796 0.227   1.00 34.73  ? 12  LYS A N   1 
ATOM   52  C CA  . LYS A 1 38 ? 3.853   -32.518 1.519   1.00 34.34  ? 12  LYS A CA  1 
ATOM   53  C C   . LYS A 1 38 ? 4.479   -31.307 2.191   1.00 35.11  ? 12  LYS A C   1 
ATOM   54  O O   . LYS A 1 38 ? 3.792   -30.521 2.827   1.00 32.13  ? 12  LYS A O   1 
ATOM   55  C CB  . LYS A 1 38 ? 3.934   -33.722 2.458   1.00 35.04  ? 12  LYS A CB  1 
ATOM   56  C CG  . LYS A 1 38 ? 2.971   -34.842 2.128   1.00 40.40  ? 12  LYS A CG  1 
ATOM   57  C CD  . LYS A 1 38 ? 2.742   -35.778 3.312   1.00 41.35  ? 12  LYS A CD  1 
ATOM   58  C CE  . LYS A 1 38 ? 3.965   -36.621 3.625   1.00 38.98  ? 12  LYS A CE  1 
ATOM   59  N NZ  . LYS A 1 38 ? 3.704   -37.522 4.780   1.00 41.58  ? 12  LYS A NZ  1 
ATOM   60  N N   . GLU A 1 39 ? 5.792   -31.179 2.047   1.00 35.26  ? 13  GLU A N   1 
ATOM   61  C CA  . GLU A 1 39 ? 6.527   -30.021 2.539   1.00 37.95  ? 13  GLU A CA  1 
ATOM   62  C C   . GLU A 1 39 ? 6.116   -28.764 1.799   1.00 30.56  ? 13  GLU A C   1 
ATOM   63  O O   . GLU A 1 39 ? 5.980   -27.684 2.392   1.00 28.84  ? 13  GLU A O   1 
ATOM   64  C CB  . GLU A 1 39 ? 8.030   -30.249 2.344   1.00 44.10  ? 13  GLU A CB  1 
ATOM   65  C CG  . GLU A 1 39 ? 8.575   -31.382 3.193   1.00 55.78  ? 13  GLU A CG  1 
ATOM   66  C CD  . GLU A 1 39 ? 10.048  -31.663 2.958   1.00 65.12  ? 13  GLU A CD  1 
ATOM   67  O OE1 . GLU A 1 39 ? 10.638  -31.087 2.011   1.00 65.08  ? 13  GLU A OE1 1 
ATOM   68  O OE2 . GLU A 1 39 ? 10.609  -32.470 3.736   1.00 65.89  ? 13  GLU A OE2 1 
ATOM   69  N N   . PHE A 1 40 ? 5.955   -28.935 0.495   1.00 26.80  ? 14  PHE A N   1 
ATOM   70  C CA  . PHE A 1 40 ? 5.489   -27.912 -0.425  1.00 27.42  ? 14  PHE A CA  1 
ATOM   71  C C   . PHE A 1 40 ? 4.118   -27.369 -0.028  1.00 26.74  ? 14  PHE A C   1 
ATOM   72  O O   . PHE A 1 40 ? 3.936   -26.149 0.067   1.00 24.85  ? 14  PHE A O   1 
ATOM   73  C CB  . PHE A 1 40 ? 5.410   -28.537 -1.814  1.00 32.80  ? 14  PHE A CB  1 
ATOM   74  C CG  . PHE A 1 40 ? 4.740   -27.683 -2.833  1.00 34.28  ? 14  PHE A CG  1 
ATOM   75  C CD1 . PHE A 1 40 ? 5.380   -26.569 -3.343  1.00 41.58  ? 14  PHE A CD1 1 
ATOM   76  C CD2 . PHE A 1 40 ? 3.472   -27.994 -3.286  1.00 39.05  ? 14  PHE A CD2 1 
ATOM   77  C CE1 . PHE A 1 40 ? 4.764   -25.783 -4.298  1.00 44.72  ? 14  PHE A CE1 1 
ATOM   78  C CE2 . PHE A 1 40 ? 2.848   -27.208 -4.227  1.00 39.13  ? 14  PHE A CE2 1 
ATOM   79  C CZ  . PHE A 1 40 ? 3.494   -26.101 -4.734  1.00 37.48  ? 14  PHE A CZ  1 
ATOM   80  N N   . GLY A 1 41 ? 3.170   -28.277 0.222   1.00 25.62  ? 15  GLY A N   1 
ATOM   81  C CA  . GLY A 1 41 ? 1.828   -27.903 0.692   1.00 25.42  ? 15  GLY A CA  1 
ATOM   82  C C   . GLY A 1 41 ? 1.843   -27.108 1.991   1.00 30.20  ? 15  GLY A C   1 
ATOM   83  O O   . GLY A 1 41 ? 1.129   -26.091 2.137   1.00 25.14  ? 15  GLY A O   1 
ATOM   84  N N   . ASN A 1 42 ? 2.684   -27.542 2.932   1.00 30.27  ? 16  ASN A N   1 
ATOM   85  C CA  . ASN A 1 42 ? 2.854   -26.846 4.209   1.00 30.97  ? 16  ASN A CA  1 
ATOM   86  C C   . ASN A 1 42 ? 3.520   -25.460 4.141   1.00 30.48  ? 16  ASN A C   1 
ATOM   87  O O   . ASN A 1 42 ? 3.119   -24.553 4.851   1.00 26.77  ? 16  ASN A O   1 
ATOM   88  C CB  . ASN A 1 42 ? 3.599   -27.730 5.207   1.00 42.30  ? 16  ASN A CB  1 
ATOM   89  C CG  . ASN A 1 42 ? 2.710   -28.151 6.359   1.00 51.51  ? 16  ASN A CG  1 
ATOM   90  O OD1 . ASN A 1 42 ? 2.197   -27.302 7.089   1.00 55.33  ? 16  ASN A OD1 1 
ATOM   91  N ND2 . ASN A 1 42 ? 2.505   -29.456 6.516   1.00 55.33  ? 16  ASN A ND2 1 
ATOM   92  N N   . THR A 1 43 ? 4.552   -25.312 3.320   1.00 27.31  ? 17  THR A N   1 
ATOM   93  C CA  . THR A 1 43 ? 5.128   -23.998 3.057   1.00 28.47  ? 17  THR A CA  1 
ATOM   94  C C   . THR A 1 43 ? 4.070   -23.067 2.430   1.00 27.74  ? 17  THR A C   1 
ATOM   95  O O   . THR A 1 43 ? 3.906   -21.931 2.869   1.00 25.03  ? 17  THR A O   1 
ATOM   96  C CB  . THR A 1 43 ? 6.372   -24.117 2.154   1.00 36.48  ? 17  THR A CB  1 
ATOM   97  O OG1 . THR A 1 43 ? 7.285   -25.052 2.735   1.00 36.83  ? 17  THR A OG1 1 
ATOM   98  C CG2 . THR A 1 43 ? 7.075   -22.785 2.008   1.00 39.82  ? 17  THR A CG2 1 
ATOM   99  N N   . LEU A 1 44 ? 3.349   -23.564 1.429   1.00 20.93  ? 18  LEU A N   1 
ATOM   100 C CA  . LEU A 1 44 ? 2.256   -22.816 0.810   1.00 24.96  ? 18  LEU A CA  1 
ATOM   101 C C   . LEU A 1 44 ? 1.203   -22.341 1.805   1.00 21.67  ? 18  LEU A C   1 
ATOM   102 O O   . LEU A 1 44 ? 0.743   -21.209 1.756   1.00 21.27  ? 18  LEU A O   1 
ATOM   103 C CB  . LEU A 1 44 ? 1.560   -23.651 -0.256  1.00 24.87  ? 18  LEU A CB  1 
ATOM   104 C CG  . LEU A 1 44 ? 2.104   -23.534 -1.671  1.00 31.54  ? 18  LEU A CG  1 
ATOM   105 C CD1 . LEU A 1 44 ? 1.133   -24.214 -2.610  1.00 33.85  ? 18  LEU A CD1 1 
ATOM   106 C CD2 . LEU A 1 44 ? 2.312   -22.074 -2.055  1.00 29.84  ? 18  LEU A CD2 1 
ATOM   107 N N   . GLU A 1 45 ? 0.822   -23.226 2.704   1.00 25.11  ? 19  GLU A N   1 
ATOM   108 C CA  . GLU A 1 45 ? -0.183  -22.919 3.686   1.00 25.64  ? 19  GLU A CA  1 
ATOM   109 C C   . GLU A 1 45 ? 0.318   -21.836 4.623   1.00 24.86  ? 19  GLU A C   1 
ATOM   110 O O   . GLU A 1 45 ? -0.419  -20.912 4.943   1.00 22.98  ? 19  GLU A O   1 
ATOM   111 C CB  . GLU A 1 45 ? -0.552  -24.190 4.442   1.00 28.27  ? 19  GLU A CB  1 
ATOM   112 C CG  . GLU A 1 45 ? -1.822  -24.077 5.259   1.00 31.34  ? 19  GLU A CG  1 
ATOM   113 C CD  . GLU A 1 45 ? -1.552  -23.607 6.666   1.00 39.88  ? 19  GLU A CD  1 
ATOM   114 O OE1 . GLU A 1 45 ? -0.371  -23.353 6.991   1.00 45.28  ? 19  GLU A OE1 1 
ATOM   115 O OE2 . GLU A 1 45 ? -2.521  -23.492 7.447   1.00 46.28  ? 19  GLU A OE2 1 
ATOM   116 N N   . ASP A 1 46 ? 1.576   -21.943 5.060   1.00 24.73  ? 20  ASP A N   1 
ATOM   117 C CA  . ASP A 1 46 ? 2.178   -20.946 5.931   1.00 26.64  ? 20  ASP A CA  1 
ATOM   118 C C   . ASP A 1 46 ? 2.319   -19.599 5.214   1.00 23.91  ? 20  ASP A C   1 
ATOM   119 O O   . ASP A 1 46 ? 2.113   -18.547 5.812   1.00 24.22  ? 20  ASP A O   1 
ATOM   120 C CB  . ASP A 1 46 ? 3.561   -21.423 6.424   1.00 30.83  ? 20  ASP A CB  1 
ATOM   121 C CG  . ASP A 1 46 ? 4.253   -20.408 7.341   1.00 40.63  ? 20  ASP A CG  1 
ATOM   122 O OD1 . ASP A 1 46 ? 3.711   -20.103 8.433   1.00 54.24  ? 20  ASP A OD1 1 
ATOM   123 O OD2 . ASP A 1 46 ? 5.358   -19.934 6.994   1.00 48.16  ? 20  ASP A OD2 1 
ATOM   124 N N   . LYS A 1 47 ? 2.690   -19.624 3.935   1.00 22.27  ? 21  LYS A N   1 
ATOM   125 C CA  . LYS A 1 47 ? 2.877   -18.378 3.214   1.00 20.71  ? 21  LYS A CA  1 
ATOM   126 C C   . LYS A 1 47 ? 1.534   -17.647 2.984   1.00 22.29  ? 21  LYS A C   1 
ATOM   127 O O   . LYS A 1 47 ? 1.463   -16.396 3.030   1.00 16.71  ? 21  LYS A O   1 
ATOM   128 C CB  . LYS A 1 47 ? 3.634   -18.618 1.912   1.00 24.03  ? 21  LYS A CB  1 
ATOM   129 C CG  . LYS A 1 47 ? 5.125   -18.853 2.166   1.00 28.51  ? 21  LYS A CG  1 
ATOM   130 C CD  . LYS A 1 47 ? 5.989   -18.611 0.944   1.00 34.38  ? 21  LYS A CD  1 
ATOM   131 C CE  . LYS A 1 47 ? 7.469   -18.697 1.314   1.00 43.25  ? 21  LYS A CE  1 
ATOM   132 N NZ  . LYS A 1 47 ? 8.347   -18.194 0.221   1.00 50.78  ? 21  LYS A NZ  1 
ATOM   133 N N   . ALA A 1 48 ? 0.479   -18.432 2.775   1.00 19.52  ? 22  ALA A N   1 
ATOM   134 C CA  . ALA A 1 48 ? -0.863  -17.884 2.633   1.00 21.20  ? 22  ALA A CA  1 
ATOM   135 C C   . ALA A 1 48 ? -1.305  -17.149 3.896   1.00 20.18  ? 22  ALA A C   1 
ATOM   136 O O   . ALA A 1 48 ? -1.857  -16.047 3.821   1.00 18.86  ? 22  ALA A O   1 
ATOM   137 C CB  . ALA A 1 48 ? -1.851  -18.980 2.272   1.00 19.73  ? 22  ALA A CB  1 
ATOM   138 N N   . ARG A 1 49 ? -1.051  -17.738 5.048   1.00 18.75  ? 23  ARG A N   1 
ATOM   139 C CA  . ARG A 1 49 ? -1.454  -17.116 6.300   1.00 22.83  ? 23  ARG A CA  1 
ATOM   140 C C   . ARG A 1 49 ? -0.625  -15.855 6.575   1.00 22.53  ? 23  ARG A C   1 
ATOM   141 O O   . ARG A 1 49 ? -1.161  -14.827 6.974   1.00 24.94  ? 23  ARG A O   1 
ATOM   142 C CB  . ARG A 1 49 ? -1.337  -18.117 7.459   1.00 26.70  ? 23  ARG A CB  1 
ATOM   143 C CG  . ARG A 1 49 ? -2.286  -19.289 7.296   1.00 33.36  ? 23  ARG A CG  1 
ATOM   144 C CD  . ARG A 1 49 ? -2.389  -20.156 8.536   1.00 34.85  ? 23  ARG A CD  1 
ATOM   145 N NE  . ARG A 1 49 ? -1.209  -20.987 8.720   1.00 34.96  ? 23  ARG A NE  1 
ATOM   146 C CZ  . ARG A 1 49 ? -0.236  -20.730 9.585   1.00 44.82  ? 23  ARG A CZ  1 
ATOM   147 N NH1 . ARG A 1 49 ? -0.295  -19.658 10.376  1.00 40.26  ? 23  ARG A NH1 1 
ATOM   148 N NH2 . ARG A 1 49 ? 0.805   -21.555 9.663   1.00 46.24  ? 23  ARG A NH2 1 
ATOM   149 N N   . GLU A 1 50 ? 0.674   -15.933 6.328   1.00 21.80  ? 24  GLU A N   1 
ATOM   150 C CA  . GLU A 1 50 ? 1.549   -14.774 6.426   1.00 25.40  ? 24  GLU A CA  1 
ATOM   151 C C   . GLU A 1 50 ? 1.034   -13.616 5.572   1.00 19.55  ? 24  GLU A C   1 
ATOM   152 O O   . GLU A 1 50 ? 0.931   -12.478 6.049   1.00 18.20  ? 24  GLU A O   1 
ATOM   153 C CB  . GLU A 1 50 ? 2.978   -15.149 6.012   1.00 30.31  ? 24  GLU A CB  1 
ATOM   154 C CG  . GLU A 1 50 ? 3.970   -13.990 5.941   1.00 40.72  ? 24  GLU A CG  1 
ATOM   155 C CD  . GLU A 1 50 ? 4.786   -13.760 7.216   1.00 50.76  ? 24  GLU A CD  1 
ATOM   156 O OE1 . GLU A 1 50 ? 4.795   -14.635 8.115   1.00 56.99  ? 24  GLU A OE1 1 
ATOM   157 O OE2 . GLU A 1 50 ? 5.442   -12.690 7.312   1.00 53.91  ? 24  GLU A OE2 1 
ATOM   158 N N   . LEU A 1 51 ? 0.730   -13.911 4.311   1.00 19.39  ? 25  LEU A N   1 
ATOM   159 C CA  . LEU A 1 51 ? 0.160   -12.931 3.411   1.00 17.05  ? 25  LEU A CA  1 
ATOM   160 C C   . LEU A 1 51 ? -1.106  -12.294 3.989   1.00 14.81  ? 25  LEU A C   1 
ATOM   161 O O   . LEU A 1 51 ? -1.278  -11.082 3.948   1.00 16.51  ? 25  LEU A O   1 
ATOM   162 C CB  . LEU A 1 51 ? -0.187  -13.582 2.078   1.00 17.95  ? 25  LEU A CB  1 
ATOM   163 C CG  . LEU A 1 51 ? -0.703  -12.598 1.027   1.00 20.77  ? 25  LEU A CG  1 
ATOM   164 C CD1 . LEU A 1 51 ? 0.409   -11.631 0.671   1.00 23.09  ? 25  LEU A CD1 1 
ATOM   165 C CD2 . LEU A 1 51 ? -1.178  -13.350 -0.211  1.00 21.48  ? 25  LEU A CD2 1 
ATOM   166 N N   . ILE A 1 52 ? -2.005  -13.109 4.497   1.00 15.88  ? 26  ILE A N   1 
ATOM   167 C CA  . ILE A 1 52 ? -3.267  -12.581 5.012   1.00 18.07  ? 26  ILE A CA  1 
ATOM   168 C C   . ILE A 1 52 ? -2.980  -11.553 6.128   1.00 19.66  ? 26  ILE A C   1 
ATOM   169 O O   . ILE A 1 52 ? -3.562  -10.479 6.153   1.00 18.96  ? 26  ILE A O   1 
ATOM   170 C CB  . ILE A 1 52 ? -4.190  -13.719 5.500   1.00 20.75  ? 26  ILE A CB  1 
ATOM   171 C CG1 . ILE A 1 52 ? -4.735  -14.516 4.321   1.00 25.27  ? 26  ILE A CG1 1 
ATOM   172 C CG2 . ILE A 1 52 ? -5.355  -13.173 6.298   1.00 20.91  ? 26  ILE A CG2 1 
ATOM   173 C CD1 . ILE A 1 52 ? -5.194  -15.905 4.700   1.00 27.33  ? 26  ILE A CD1 1 
ATOM   174 N N   . SER A 1 53 ? -2.052  -11.886 7.018   1.00 20.64  ? 27  SER A N   1 
ATOM   175 C CA  . SER A 1 53 ? -1.689  -11.036 8.157   1.00 23.52  ? 27  SER A CA  1 
ATOM   176 C C   . SER A 1 53 ? -1.098  -9.705  7.705   1.00 22.58  ? 27  SER A C   1 
ATOM   177 O O   . SER A 1 53 ? -1.444  -8.667  8.238   1.00 20.13  ? 27  SER A O   1 
ATOM   178 C CB  . SER A 1 53 ? -0.696  -11.778 9.039   1.00 23.76  ? 27  SER A CB  1 
ATOM   179 O OG  . SER A 1 53 ? -0.404  -11.024 10.180  1.00 33.09  ? 27  SER A OG  1 
ATOM   180 N N   . ARG A 1 54 ? -0.249  -9.743  6.681   1.00 21.02  ? 28  ARG A N   1 
ATOM   181 C CA  A ARG A 1 54 ? 0.323   -8.529  6.115   0.50 20.36  ? 28  ARG A CA  1 
ATOM   182 C CA  B ARG A 1 54 ? 0.332   -8.538  6.093   0.50 21.93  ? 28  ARG A CA  1 
ATOM   183 C C   . ARG A 1 54 ? -0.709  -7.677  5.364   1.00 19.93  ? 28  ARG A C   1 
ATOM   184 O O   . ARG A 1 54 ? -0.643  -6.446  5.395   1.00 17.92  ? 28  ARG A O   1 
ATOM   185 C CB  A ARG A 1 54 ? 1.467   -8.891  5.182   0.50 21.35  ? 28  ARG A CB  1 
ATOM   186 C CB  B ARG A 1 54 ? 1.438   -8.919  5.112   0.50 25.34  ? 28  ARG A CB  1 
ATOM   187 C CG  A ARG A 1 54 ? 2.637   -9.516  5.903   0.50 23.26  ? 28  ARG A CG  1 
ATOM   188 C CG  B ARG A 1 54 ? 2.676   -9.492  5.769   0.50 30.38  ? 28  ARG A CG  1 
ATOM   189 C CD  A ARG A 1 54 ? 3.576   -10.193 4.919   0.50 25.26  ? 28  ARG A CD  1 
ATOM   190 C CD  B ARG A 1 54 ? 3.764   -9.780  4.740   0.50 35.48  ? 28  ARG A CD  1 
ATOM   191 N NE  A ARG A 1 54 ? 4.829   -10.572 5.560   0.50 26.27  ? 28  ARG A NE  1 
ATOM   192 N NE  B ARG A 1 54 ? 3.587   -11.075 4.084   0.50 39.65  ? 28  ARG A NE  1 
ATOM   193 C CZ  A ARG A 1 54 ? 6.023   -10.142 5.168   0.50 22.71  ? 28  ARG A CZ  1 
ATOM   194 C CZ  B ARG A 1 54 ? 4.585   -11.790 3.574   0.50 44.09  ? 28  ARG A CZ  1 
ATOM   195 N NH1 A ARG A 1 54 ? 6.135   -9.327  4.132   0.50 22.14  ? 28  ARG A NH1 1 
ATOM   196 N NH1 B ARG A 1 54 ? 5.828   -11.333 3.649   0.50 48.42  ? 28  ARG A NH1 1 
ATOM   197 N NH2 A ARG A 1 54 ? 7.098   -10.541 5.812   0.50 23.78  ? 28  ARG A NH2 1 
ATOM   198 N NH2 B ARG A 1 54 ? 4.345   -12.960 2.992   0.50 42.26  ? 28  ARG A NH2 1 
ATOM   199 N N   . ILE A 1 55 ? -1.644  -8.326  4.664   1.00 17.66  ? 29  ILE A N   1 
ATOM   200 C CA  . ILE A 1 55 ? -2.745  -7.611  4.046   1.00 17.38  ? 29  ILE A CA  1 
ATOM   201 C C   . ILE A 1 55 ? -3.553  -6.841  5.090   1.00 17.25  ? 29  ILE A C   1 
ATOM   202 O O   . ILE A 1 55 ? -3.889  -5.684  4.876   1.00 17.67  ? 29  ILE A O   1 
ATOM   203 C CB  . ILE A 1 55 ? -3.715  -8.551  3.317   1.00 20.04  ? 29  ILE A CB  1 
ATOM   204 C CG1 . ILE A 1 55 ? -3.042  -9.168  2.102   1.00 21.82  ? 29  ILE A CG1 1 
ATOM   205 C CG2 . ILE A 1 55 ? -4.951  -7.775  2.854   1.00 24.67  ? 29  ILE A CG2 1 
ATOM   206 C CD1 . ILE A 1 55 ? -3.728  -10.437 1.655   1.00 26.42  ? 29  ILE A CD1 1 
ATOM   207 N N   . LYS A 1 56 ? -3.856  -7.480  6.214   1.00 19.65  ? 30  LYS A N   1 
ATOM   208 C CA  . LYS A 1 56 ? -4.650  -6.821  7.271   1.00 23.07  ? 30  LYS A CA  1 
ATOM   209 C C   . LYS A 1 56 ? -3.886  -5.701  7.972   1.00 20.76  ? 30  LYS A C   1 
ATOM   210 O O   . LYS A 1 56 ? -4.480  -4.727  8.377   1.00 21.29  ? 30  LYS A O   1 
ATOM   211 C CB  . LYS A 1 56 ? -5.144  -7.824  8.309   1.00 26.27  ? 30  LYS A CB  1 
ATOM   212 C CG  . LYS A 1 56 ? -6.313  -8.651  7.805   1.00 37.16  ? 30  LYS A CG  1 
ATOM   213 C CD  . LYS A 1 56 ? -6.255  -10.066 8.342   1.00 49.60  ? 30  LYS A CD  1 
ATOM   214 C CE  . LYS A 1 56 ? -7.424  -10.898 7.835   1.00 61.91  ? 30  LYS A CE  1 
ATOM   215 N NZ  . LYS A 1 56 ? -7.633  -10.765 6.363   1.00 75.07  ? 30  LYS A NZ  1 
ATOM   216 N N   . GLN A 1 57 ? -2.578  -5.849  8.122   1.00 21.29  ? 31  GLN A N   1 
ATOM   217 C CA  . GLN A 1 57 ? -1.771  -4.806  8.750   1.00 22.20  ? 31  GLN A CA  1 
ATOM   218 C C   . GLN A 1 57 ? -1.650  -3.597  7.805   1.00 20.45  ? 31  GLN A C   1 
ATOM   219 O O   . GLN A 1 57 ? -1.739  -2.440  8.229   1.00 17.03  ? 31  GLN A O   1 
ATOM   220 C CB  . GLN A 1 57 ? -0.428  -5.376  9.187   1.00 23.44  ? 31  GLN A CB  1 
ATOM   221 C CG  . GLN A 1 57 ? -0.559  -6.499  10.215  1.00 26.94  ? 31  GLN A CG  1 
ATOM   222 C CD  . GLN A 1 57 ? 0.775   -7.067  10.645  1.00 31.88  ? 31  GLN A CD  1 
ATOM   223 O OE1 . GLN A 1 57 ? 1.098   -8.238  10.376  1.00 37.41  ? 31  GLN A OE1 1 
ATOM   224 N NE2 . GLN A 1 57 ? 1.583   -6.231  11.284  1.00 34.99  ? 31  GLN A NE2 1 
ATOM   225 N N   . SER A 1 58 ? -1.523  -3.865  6.514   1.00 19.03  ? 32  SER A N   1 
ATOM   226 C CA  . SER A 1 58 ? -1.525  -2.800  5.519   1.00 17.87  ? 32  SER A CA  1 
ATOM   227 C C   . SER A 1 58 ? -2.847  -2.058  5.454   1.00 16.68  ? 32  SER A C   1 
ATOM   228 O O   . SER A 1 58 ? -2.847  -0.847  5.331   1.00 18.87  ? 32  SER A O   1 
ATOM   229 C CB  . SER A 1 58 ? -1.193  -3.347  4.154   1.00 19.26  ? 32  SER A CB  1 
ATOM   230 O OG  . SER A 1 58 ? 0.084   -3.952  4.226   1.00 23.45  ? 32  SER A OG  1 
ATOM   231 N N   . GLU A 1 59 ? -3.951  -2.795  5.527   1.00 16.77  ? 33  GLU A N   1 
ATOM   232 C CA  . GLU A 1 59 ? -5.304  -2.240  5.545   1.00 20.71  ? 33  GLU A CA  1 
ATOM   233 C C   . GLU A 1 59 ? -5.506  -1.340  6.757   1.00 18.66  ? 33  GLU A C   1 
ATOM   234 O O   . GLU A 1 59 ? -6.016  -0.251  6.632   1.00 18.32  ? 33  GLU A O   1 
ATOM   235 C CB  . GLU A 1 59 ? -6.342  -3.372  5.546   1.00 24.25  ? 33  GLU A CB  1 
ATOM   236 C CG  . GLU A 1 59 ? -7.719  -2.983  5.022   1.00 35.45  ? 33  GLU A CG  1 
ATOM   237 C CD  . GLU A 1 59 ? -8.799  -3.972  5.435   1.00 42.12  ? 33  GLU A CD  1 
ATOM   238 O OE1 . GLU A 1 59 ? -8.497  -5.186  5.543   1.00 38.63  ? 33  GLU A OE1 1 
ATOM   239 O OE2 . GLU A 1 59 ? -9.948  -3.528  5.672   1.00 48.74  ? 33  GLU A OE2 1 
ATOM   240 N N   . LEU A 1 60 ? -5.046  -1.787  7.916   1.00 20.43  ? 34  LEU A N   1 
ATOM   241 C CA  . LEU A 1 60 ? -5.074  -0.983  9.136   1.00 19.28  ? 34  LEU A CA  1 
ATOM   242 C C   . LEU A 1 60 ? -4.244  0.296   8.986   1.00 18.07  ? 34  LEU A C   1 
ATOM   243 O O   . LEU A 1 60 ? -4.683  1.385   9.353   1.00 15.13  ? 34  LEU A O   1 
ATOM   244 C CB  . LEU A 1 60 ? -4.543  -1.817  10.317  1.00 21.27  ? 34  LEU A CB  1 
ATOM   245 C CG  . LEU A 1 60 ? -4.563  -1.182  11.706  1.00 24.18  ? 34  LEU A CG  1 
ATOM   246 C CD1 . LEU A 1 60 ? -5.990  -0.912  12.156  1.00 28.58  ? 34  LEU A CD1 1 
ATOM   247 C CD2 . LEU A 1 60 ? -3.834  -2.083  12.679  1.00 23.60  ? 34  LEU A CD2 1 
ATOM   248 N N   . SER A 1 61 ? -3.030  0.159   8.466   1.00 17.62  ? 35  SER A N   1 
ATOM   249 C CA  . SER A 1 61 ? -2.184  1.306   8.218   1.00 15.74  ? 35  SER A CA  1 
ATOM   250 C C   . SER A 1 61 ? -2.864  2.316   7.278   1.00 15.10  ? 35  SER A C   1 
ATOM   251 O O   . SER A 1 61 ? -2.902  3.512   7.569   1.00 15.51  ? 35  SER A O   1 
ATOM   252 C CB  . SER A 1 61 ? -0.841  0.876   7.639   1.00 18.90  ? 35  SER A CB  1 
ATOM   253 O OG  . SER A 1 61 ? -0.001  2.021   7.514   1.00 28.24  ? 35  SER A OG  1 
ATOM   254 N N   . ALA A 1 62 ? -3.389  1.830   6.164   1.00 15.36  ? 36  ALA A N   1 
ATOM   255 C CA  . ALA A 1 62 ? -4.008  2.699   5.169   1.00 15.75  ? 36  ALA A CA  1 
ATOM   256 C C   . ALA A 1 62 ? -5.261  3.394   5.727   1.00 18.35  ? 36  ALA A C   1 
ATOM   257 O O   . ALA A 1 62 ? -5.483  4.588   5.497   1.00 20.03  ? 36  ALA A O   1 
ATOM   258 C CB  . ALA A 1 62 ? -4.353  1.909   3.922   1.00 16.71  ? 36  ALA A CB  1 
ATOM   259 N N   . LYS A 1 63 ? -6.073  2.655   6.461   1.00 17.56  ? 37  LYS A N   1 
ATOM   260 C CA  . LYS A 1 63 ? -7.286  3.241   7.022   1.00 18.97  ? 37  LYS A CA  1 
ATOM   261 C C   . LYS A 1 63 ? -6.959  4.329   8.066   1.00 17.87  ? 37  LYS A C   1 
ATOM   262 O O   . LYS A 1 63 ? -7.650  5.334   8.139   1.00 15.89  ? 37  LYS A O   1 
ATOM   263 C CB  . LYS A 1 63 ? -8.195  2.153   7.603   1.00 24.37  ? 37  LYS A CB  1 
ATOM   264 C CG  . LYS A 1 63 ? -8.783  1.229   6.532   1.00 32.42  ? 37  LYS A CG  1 
ATOM   265 C CD  . LYS A 1 63 ? -10.089 0.572   6.965   1.00 36.73  ? 37  LYS A CD  1 
ATOM   266 C CE  . LYS A 1 63 ? -9.898  -0.780  7.645   1.00 44.08  ? 37  LYS A CE  1 
ATOM   267 N NZ  . LYS A 1 63 ? -9.649  -0.687  9.115   1.00 48.56  ? 37  LYS A NZ  1 
ATOM   268 N N   . MET A 1 64 ? -5.888  4.153   8.853   1.00 20.71  ? 38  MET A N   1 
ATOM   269 C CA  . MET A 1 64 ? -5.473  5.187   9.826   1.00 17.87  ? 38  MET A CA  1 
ATOM   270 C C   . MET A 1 64 ? -4.882  6.423   9.146   1.00 20.60  ? 38  MET A C   1 
ATOM   271 O O   . MET A 1 64 ? -5.146  7.564   9.551   1.00 19.78  ? 38  MET A O   1 
ATOM   272 C CB  . MET A 1 64 ? -4.480  4.599   10.839  1.00 22.10  ? 38  MET A CB  1 
ATOM   273 C CG  . MET A 1 64 ? -5.112  3.532   11.717  1.00 29.42  ? 38  MET A CG  1 
ATOM   274 S SD  . MET A 1 64 ? -4.074  3.024   13.084  1.00 43.82  ? 38  MET A SD  1 
ATOM   275 C CE  . MET A 1 64 ? -4.121  4.492   14.109  1.00 37.08  ? 38  MET A CE  1 
ATOM   276 N N   . ARG A 1 65 ? -4.097  6.209   8.095   1.00 19.13  ? 39  ARG A N   1 
ATOM   277 C CA  . ARG A 1 65 ? -3.582  7.314   7.267   1.00 20.20  ? 39  ARG A CA  1 
ATOM   278 C C   . ARG A 1 65 ? -4.761  8.154   6.796   1.00 18.64  ? 39  ARG A C   1 
ATOM   279 O O   . ARG A 1 65 ? -4.818  9.334   7.056   1.00 17.19  ? 39  ARG A O   1 
ATOM   280 C CB  . ARG A 1 65 ? -2.788  6.779   6.056   1.00 21.66  ? 39  ARG A CB  1 
ATOM   281 C CG  . ARG A 1 65 ? -1.841  7.789   5.385   1.00 30.15  ? 39  ARG A CG  1 
ATOM   282 C CD  . ARG A 1 65 ? -1.201  7.241   4.102   1.00 36.67  ? 39  ARG A CD  1 
ATOM   283 N NE  . ARG A 1 65 ? -1.244  5.776   4.040   1.00 44.20  ? 39  ARG A NE  1 
ATOM   284 C CZ  . ARG A 1 65 ? -0.221  4.953   4.288   1.00 58.98  ? 39  ARG A CZ  1 
ATOM   285 N NH1 . ARG A 1 65 ? 0.983   5.425   4.595   1.00 63.29  ? 39  ARG A NH1 1 
ATOM   286 N NH2 . ARG A 1 65 ? -0.399  3.633   4.216   1.00 52.51  ? 39  ARG A NH2 1 
ATOM   287 N N   . GLU A 1 66 ? -5.732  7.511   6.154   1.00 16.90  ? 40  GLU A N   1 
ATOM   288 C CA  . GLU A 1 66 ? -6.887  8.205   5.581   1.00 21.22  ? 40  GLU A CA  1 
ATOM   289 C C   . GLU A 1 66 ? -7.719  8.902   6.649   1.00 15.87  ? 40  GLU A C   1 
ATOM   290 O O   . GLU A 1 66 ? -8.089  10.054  6.501   1.00 19.57  ? 40  GLU A O   1 
ATOM   291 C CB  . GLU A 1 66 ? -7.775  7.236   4.782   1.00 27.87  ? 40  GLU A CB  1 
ATOM   292 C CG  . GLU A 1 66 ? -7.025  6.411   3.726   1.00 40.54  ? 40  GLU A CG  1 
ATOM   293 C CD  . GLU A 1 66 ? -7.076  6.997   2.321   1.00 54.31  ? 40  GLU A CD  1 
ATOM   294 O OE1 . GLU A 1 66 ? -8.092  7.644   1.980   1.00 78.71  ? 40  GLU A OE1 1 
ATOM   295 O OE2 . GLU A 1 66 ? -6.105  6.790   1.551   1.00 60.64  ? 40  GLU A OE2 1 
ATOM   296 N N   . TRP A 1 67 ? -8.016  8.206   7.745   1.00 16.11  ? 41  TRP A N   1 
ATOM   297 C CA  . TRP A 1 67 ? -8.702  8.829   8.832   1.00 13.85  ? 41  TRP A CA  1 
ATOM   298 C C   . TRP A 1 67 ? -7.959  10.046  9.417   1.00 15.99  ? 41  TRP A C   1 
ATOM   299 O O   . TRP A 1 67 ? -8.541  11.119  9.606   1.00 15.67  ? 41  TRP A O   1 
ATOM   300 C CB  . TRP A 1 67 ? -8.951  7.766   9.875   1.00 17.41  ? 41  TRP A CB  1 
ATOM   301 C CG  . TRP A 1 67 ? -9.834  8.161   11.012  1.00 17.69  ? 41  TRP A CG  1 
ATOM   302 C CD1 . TRP A 1 67 ? -10.832 9.082   11.013  1.00 19.18  ? 41  TRP A CD1 1 
ATOM   303 C CD2 . TRP A 1 67 ? -9.846  7.544   12.298  1.00 20.33  ? 41  TRP A CD2 1 
ATOM   304 N NE1 . TRP A 1 67 ? -11.436 9.112   12.255  1.00 19.11  ? 41  TRP A NE1 1 
ATOM   305 C CE2 . TRP A 1 67 ? -10.852 8.163   13.050  1.00 20.91  ? 41  TRP A CE2 1 
ATOM   306 C CE3 . TRP A 1 67 ? -9.098  6.514   12.885  1.00 23.24  ? 41  TRP A CE3 1 
ATOM   307 C CZ2 . TRP A 1 67 ? -11.110 7.810   14.362  1.00 26.71  ? 41  TRP A CZ2 1 
ATOM   308 C CZ3 . TRP A 1 67 ? -9.355  6.167   14.199  1.00 26.58  ? 41  TRP A CZ3 1 
ATOM   309 C CH2 . TRP A 1 67 ? -10.356 6.809   14.917  1.00 22.96  ? 41  TRP A CH2 1 
ATOM   310 N N   . PHE A 1 68 ? -6.680  9.886   9.763   1.00 15.53  ? 42  PHE A N   1 
ATOM   311 C CA  . PHE A 1 68 ? -5.920  11.016  10.323  1.00 16.32  ? 42  PHE A CA  1 
ATOM   312 C C   . PHE A 1 68 ? -5.925  12.239  9.400   1.00 17.84  ? 42  PHE A C   1 
ATOM   313 O O   . PHE A 1 68 ? -6.123  13.363  9.831   1.00 15.16  ? 42  PHE A O   1 
ATOM   314 C CB  . PHE A 1 68 ? -4.449  10.609  10.592  1.00 18.06  ? 42  PHE A CB  1 
ATOM   315 C CG  . PHE A 1 68 ? -4.248  9.741   11.814  1.00 20.94  ? 42  PHE A CG  1 
ATOM   316 C CD1 . PHE A 1 68 ? -5.303  9.044   12.406  1.00 22.78  ? 42  PHE A CD1 1 
ATOM   317 C CD2 . PHE A 1 68 ? -2.982  9.597   12.361  1.00 24.94  ? 42  PHE A CD2 1 
ATOM   318 C CE1 . PHE A 1 68 ? -5.108  8.254   13.523  1.00 22.18  ? 42  PHE A CE1 1 
ATOM   319 C CE2 . PHE A 1 68 ? -2.779  8.794   13.475  1.00 24.29  ? 42  PHE A CE2 1 
ATOM   320 C CZ  . PHE A 1 68 ? -3.839  8.123   14.055  1.00 23.66  ? 42  PHE A CZ  1 
ATOM   321 N N   . SER A 1 69 ? -5.667  11.999  8.116   1.00 19.24  ? 43  SER A N   1 
ATOM   322 C CA  . SER A 1 69 ? -5.575  13.054  7.132   1.00 19.64  ? 43  SER A CA  1 
ATOM   323 C C   . SER A 1 69 ? -6.911  13.797  6.963   1.00 19.63  ? 43  SER A C   1 
ATOM   324 O O   . SER A 1 69 ? -6.958  15.013  6.890   1.00 22.01  ? 43  SER A O   1 
ATOM   325 C CB  . SER A 1 69 ? -5.117  12.441  5.801   1.00 23.89  ? 43  SER A CB  1 
ATOM   326 O OG  . SER A 1 69 ? -5.147  13.400  4.786   1.00 33.83  ? 43  SER A OG  1 
ATOM   327 N N   . GLU A 1 70 ? -7.991  13.047  6.893   1.00 18.64  ? 44  GLU A N   1 
ATOM   328 C CA  . GLU A 1 70 ? -9.318  13.608  6.782   1.00 20.18  ? 44  GLU A CA  1 
ATOM   329 C C   . GLU A 1 70 ? -9.727  14.413  8.012   1.00 19.63  ? 44  GLU A C   1 
ATOM   330 O O   . GLU A 1 70 ? -10.319 15.492  7.897   1.00 17.85  ? 44  GLU A O   1 
ATOM   331 C CB  . GLU A 1 70 ? -10.302 12.463  6.538   1.00 24.86  ? 44  GLU A CB  1 
ATOM   332 C CG  . GLU A 1 70 ? -11.751 12.781  6.772   1.00 34.08  ? 44  GLU A CG  1 
ATOM   333 C CD  . GLU A 1 70 ? -12.657 11.591  6.490   1.00 51.59  ? 44  GLU A CD  1 
ATOM   334 O OE1 . GLU A 1 70 ? -12.264 10.681  5.682   1.00 39.49  ? 44  GLU A OE1 1 
ATOM   335 O OE2 . GLU A 1 70 ? -13.772 11.582  7.079   1.00 52.25  ? 44  GLU A OE2 1 
ATOM   336 N N   . THR A 1 71 ? -9.403  13.892  9.187   1.00 15.58  ? 45  THR A N   1 
ATOM   337 C CA  . THR A 1 71 ? -9.666  14.621  10.416  1.00 17.90  ? 45  THR A CA  1 
ATOM   338 C C   . THR A 1 71 ? -8.874  15.933  10.432  1.00 16.30  ? 45  THR A C   1 
ATOM   339 O O   . THR A 1 71 ? -9.403  16.983  10.748  1.00 18.62  ? 45  THR A O   1 
ATOM   340 C CB  . THR A 1 71 ? -9.358  13.755  11.642  1.00 17.32  ? 45  THR A CB  1 
ATOM   341 O OG1 . THR A 1 71 ? -10.155 12.566  11.556  1.00 17.74  ? 45  THR A OG1 1 
ATOM   342 C CG2 . THR A 1 71 ? -9.670  14.500  12.939  1.00 18.36  ? 45  THR A CG2 1 
ATOM   343 N N   . PHE A 1 72 ? -7.621  15.871  10.029  1.00 19.78  ? 46  PHE A N   1 
ATOM   344 C CA  . PHE A 1 72 ? -6.821  17.058  9.990   1.00 19.90  ? 46  PHE A CA  1 
ATOM   345 C C   . PHE A 1 72 ? -7.400  18.105  9.060   1.00 21.20  ? 46  PHE A C   1 
ATOM   346 O O   . PHE A 1 72 ? -7.441  19.275  9.411   1.00 18.66  ? 46  PHE A O   1 
ATOM   347 C CB  . PHE A 1 72 ? -5.393  16.764  9.568   1.00 22.28  ? 46  PHE A CB  1 
ATOM   348 C CG  . PHE A 1 72 ? -4.562  17.998  9.527   1.00 28.93  ? 46  PHE A CG  1 
ATOM   349 C CD1 . PHE A 1 72 ? -4.335  18.722  10.697  1.00 29.77  ? 46  PHE A CD1 1 
ATOM   350 C CD2 . PHE A 1 72 ? -4.089  18.488  8.334   1.00 27.43  ? 46  PHE A CD2 1 
ATOM   351 C CE1 . PHE A 1 72 ? -3.604  19.893  10.673  1.00 36.88  ? 46  PHE A CE1 1 
ATOM   352 C CE2 . PHE A 1 72 ? -3.353  19.656  8.304   1.00 36.67  ? 46  PHE A CE2 1 
ATOM   353 C CZ  . PHE A 1 72 ? -3.111  20.360  9.472   1.00 38.99  ? 46  PHE A CZ  1 
ATOM   354 N N   . GLN A 1 73 ? -7.849  17.670  7.878   1.00 24.35  ? 47  GLN A N   1 
ATOM   355 C CA  . GLN A 1 73 ? -8.403  18.568  6.868   1.00 24.40  ? 47  GLN A CA  1 
ATOM   356 C C   . GLN A 1 73 ? -9.699  19.238  7.336   1.00 23.11  ? 47  GLN A C   1 
ATOM   357 O O   . GLN A 1 73 ? -9.906  20.418  7.063   1.00 26.48  ? 47  GLN A O   1 
ATOM   358 C CB  . GLN A 1 73 ? -8.638  17.837  5.548   1.00 26.34  ? 47  GLN A CB  1 
ATOM   359 C CG  . GLN A 1 73 ? -7.374  17.325  4.863   1.00 31.36  ? 47  GLN A CG  1 
ATOM   360 C CD  . GLN A 1 73 ? -6.474  18.424  4.323   1.00 36.38  ? 47  GLN A CD  1 
ATOM   361 O OE1 . GLN A 1 73 ? -6.948  19.419  3.777   1.00 47.58  ? 47  GLN A OE1 1 
ATOM   362 N NE2 . GLN A 1 73 ? -5.160  18.237  4.460   1.00 35.55  ? 47  GLN A NE2 1 
ATOM   363 N N   . LYS A 1 74 ? -10.559 18.488  8.028   1.00 22.00  ? 48  LYS A N   1 
ATOM   364 C CA  . LYS A 1 74 ? -11.768 19.037  8.671   1.00 19.10  ? 48  LYS A CA  1 
ATOM   365 C C   . LYS A 1 74 ? -11.466 20.081  9.731   1.00 21.64  ? 48  LYS A C   1 
ATOM   366 O O   . LYS A 1 74 ? -12.208 21.041  9.878   1.00 22.37  ? 48  LYS A O   1 
ATOM   367 C CB  . LYS A 1 74 ? -12.549 17.939  9.378   1.00 23.91  ? 48  LYS A CB  1 
ATOM   368 C CG  . LYS A 1 74 ? -13.249 16.917  8.505   1.00 28.45  ? 48  LYS A CG  1 
ATOM   369 C CD  . LYS A 1 74 ? -13.644 15.734  9.390   1.00 32.92  ? 48  LYS A CD  1 
ATOM   370 C CE  . LYS A 1 74 ? -13.988 14.492  8.597   1.00 37.73  ? 48  LYS A CE  1 
ATOM   371 N NZ  . LYS A 1 74 ? -14.135 13.313  9.514   1.00 48.00  ? 48  LYS A NZ  1 
ATOM   372 N N   . VAL A 1 75 ? -10.405 19.870  10.513  1.00 22.54  ? 49  VAL A N   1 
ATOM   373 C CA  . VAL A 1 75 ? -9.974  20.814  11.523  1.00 22.85  ? 49  VAL A CA  1 
ATOM   374 C C   . VAL A 1 75 ? -9.475  22.078  10.824  1.00 26.03  ? 49  VAL A C   1 
ATOM   375 O O   . VAL A 1 75 ? -9.836  23.191  11.198  1.00 31.57  ? 49  VAL A O   1 
ATOM   376 C CB  . VAL A 1 75 ? -8.860  20.221  12.426  1.00 26.56  ? 49  VAL A CB  1 
ATOM   377 C CG1 . VAL A 1 75 ? -8.336  21.244  13.418  1.00 24.76  ? 49  VAL A CG1 1 
ATOM   378 C CG2 . VAL A 1 75 ? -9.374  19.009  13.175  1.00 27.64  ? 49  VAL A CG2 1 
ATOM   379 N N   . LYS A 1 76 ? -8.669  21.895  9.791   1.00 26.96  ? 50  LYS A N   1 
ATOM   380 C CA  . LYS A 1 76 ? -8.250  22.986  8.915   1.00 31.80  ? 50  LYS A CA  1 
ATOM   381 C C   . LYS A 1 76 ? -9.437  23.799  8.409   1.00 32.39  ? 50  LYS A C   1 
ATOM   382 O O   . LYS A 1 76 ? -9.489  25.020  8.593   1.00 33.89  ? 50  LYS A O   1 
ATOM   383 C CB  . LYS A 1 76 ? -7.491  22.437  7.706   1.00 34.49  ? 50  LYS A CB  1 
ATOM   384 C CG  . LYS A 1 76 ? -5.983  22.550  7.767   1.00 44.36  ? 50  LYS A CG  1 
ATOM   385 C CD  . LYS A 1 76 ? -5.365  22.005  6.477   1.00 45.97  ? 50  LYS A CD  1 
ATOM   386 C CE  . LYS A 1 76 ? -4.062  22.714  6.137   1.00 58.17  ? 50  LYS A CE  1 
ATOM   387 N NZ  . LYS A 1 76 ? -3.473  22.248  4.849   1.00 62.43  ? 50  LYS A NZ  1 
ATOM   388 N N   . GLU A 1 77 ? -10.388 23.103  7.789   1.00 26.59  ? 51  GLU A N   1 
ATOM   389 C CA  . GLU A 1 77 ? -11.577 23.716  7.202   1.00 29.91  ? 51  GLU A CA  1 
ATOM   390 C C   . GLU A 1 77 ? -12.388 24.506  8.219   1.00 30.76  ? 51  GLU A C   1 
ATOM   391 O O   . GLU A 1 77 ? -12.895 25.574  7.910   1.00 37.12  ? 51  GLU A O   1 
ATOM   392 C CB  . GLU A 1 77 ? -12.465 22.640  6.552   1.00 35.49  ? 51  GLU A CB  1 
ATOM   393 C CG  . GLU A 1 77 ? -11.888 22.035  5.273   1.00 39.96  ? 51  GLU A CG  1 
ATOM   394 C CD  . GLU A 1 77 ? -12.625 20.785  4.789   1.00 43.27  ? 51  GLU A CD  1 
ATOM   395 O OE1 . GLU A 1 77 ? -13.818 20.601  5.125   1.00 42.84  ? 51  GLU A OE1 1 
ATOM   396 O OE2 . GLU A 1 77 ? -12.006 19.981  4.052   1.00 45.82  ? 51  GLU A OE2 1 
ATOM   397 N N   . LYS A 1 78 ? -12.516 23.989  9.433   1.00 31.45  ? 52  LYS A N   1 
ATOM   398 C CA  . LYS A 1 78 ? -13.310 24.661  10.456  1.00 31.47  ? 52  LYS A CA  1 
ATOM   399 C C   . LYS A 1 78 ? -12.625 25.877  11.070  1.00 38.47  ? 52  LYS A C   1 
ATOM   400 O O   . LYS A 1 78 ? -13.294 26.725  11.675  1.00 40.42  ? 52  LYS A O   1 
ATOM   401 C CB  . LYS A 1 78 ? -13.699 23.687  11.560  1.00 35.05  ? 52  LYS A CB  1 
ATOM   402 C CG  . LYS A 1 78 ? -14.770 22.715  11.115  1.00 41.99  ? 52  LYS A CG  1 
ATOM   403 C CD  . LYS A 1 78 ? -14.891 21.528  12.046  1.00 48.38  ? 52  LYS A CD  1 
ATOM   404 C CE  . LYS A 1 78 ? -15.870 20.515  11.476  1.00 52.51  ? 52  LYS A CE  1 
ATOM   405 N NZ  . LYS A 1 78 ? -17.257 21.063  11.434  1.00 53.87  ? 52  LYS A NZ  1 
ATOM   406 N N   . LEU A 1 79 ? -11.308 25.960  10.915  1.00 31.22  ? 53  LEU A N   1 
ATOM   407 C CA  . LEU A 1 79 ? -10.541 27.076  11.456  1.00 35.69  ? 53  LEU A CA  1 
ATOM   408 C C   . LEU A 1 79 ? -9.849  27.861  10.346  1.00 42.51  ? 53  LEU A C   1 
ATOM   409 O O   . LEU A 1 79 ? -8.773  28.422  10.555  1.00 38.78  ? 53  LEU A O   1 
ATOM   410 C CB  . LEU A 1 79 ? -9.510  26.577  12.469  1.00 29.77  ? 53  LEU A CB  1 
ATOM   411 C CG  . LEU A 1 79 ? -10.052 25.754  13.640  1.00 26.88  ? 53  LEU A CG  1 
ATOM   412 C CD1 . LEU A 1 79 ? -9.084  24.641  14.010  1.00 30.18  ? 53  LEU A CD1 1 
ATOM   413 C CD2 . LEU A 1 79 ? -10.333 26.647  14.839  1.00 27.59  ? 53  LEU A CD2 1 
ATOM   414 N N   . LYS A 1 80 ? -10.466 27.857  9.164   1.00 49.35  ? 54  LYS A N   1 
ATOM   415 C CA  . LYS A 1 80 ? -9.955  28.565  7.987   1.00 50.44  ? 54  LYS A CA  1 
ATOM   416 C C   . LYS A 1 80 ? -8.526  28.156  7.638   1.00 64.40  ? 54  LYS A C   1 
ATOM   417 O O   . LYS A 1 80 ? -8.211  26.969  7.558   1.00 85.33  ? 54  LYS A O   1 
ATOM   418 C CB  . LYS A 1 80 ? -10.079 30.088  8.139   1.00 56.75  ? 54  LYS A CB  1 
ATOM   419 C CG  . LYS A 1 80 ? -11.510 30.599  8.122   1.00 55.85  ? 54  LYS A CG  1 
ATOM   420 C CD  . LYS A 1 80 ? -12.507 29.452  8.144   1.00 66.12  ? 54  LYS A CD  1 
ATOM   421 C CE  . LYS A 1 80 ? -13.937 29.964  8.206   1.00 75.47  ? 54  LYS A CE  1 
ATOM   422 N NZ  . LYS A 1 80 ? -14.616 29.561  9.468   1.00 71.56  ? 54  LYS A NZ  1 
ATOM   423 N N   . ILE A 1 81 ? -7.667  29.149  7.430   1.00 63.98  ? 55  ILE A N   1 
ATOM   424 C CA  . ILE A 1 81 ? -6.272  28.895  7.089   1.00 69.90  ? 55  ILE A CA  1 
ATOM   425 C C   . ILE A 1 81 ? -5.355  29.171  8.276   1.00 76.54  ? 55  ILE A C   1 
ATOM   426 O O   . ILE A 1 81 ? -5.304  28.392  9.227   1.00 72.95  ? 55  ILE A O   1 
ATOM   427 C CB  . ILE A 1 81 ? -5.819  29.752  5.892   1.00 64.88  ? 55  ILE A CB  1 
ATOM   428 C CG1 . ILE A 1 81 ? -6.550  29.320  4.620   1.00 64.30  ? 55  ILE A CG1 1 
ATOM   429 C CG2 . ILE A 1 81 ? -4.313  29.654  5.707   1.00 67.04  ? 55  ILE A CG2 1 
ATOM   430 C CD1 . ILE A 1 81 ? -5.903  29.818  3.345   1.00 59.42  ? 55  ILE A CD1 1 
ATOM   431 N N   . ASP B 1 29 ? -4.507  44.997  -10.261 1.00 48.71  ? 3   ASP B N   1 
ATOM   432 C CA  . ASP B 1 29 ? -5.473  44.328  -9.337  1.00 41.99  ? 3   ASP B CA  1 
ATOM   433 C C   . ASP B 1 29 ? -4.762  43.340  -8.419  1.00 42.56  ? 3   ASP B C   1 
ATOM   434 O O   . ASP B 1 29 ? -4.785  42.128  -8.643  1.00 35.21  ? 3   ASP B O   1 
ATOM   435 C CB  . ASP B 1 29 ? -6.554  43.612  -10.144 1.00 38.51  ? 3   ASP B CB  1 
ATOM   436 C CG  . ASP B 1 29 ? -7.640  43.024  -9.275  1.00 39.48  ? 3   ASP B CG  1 
ATOM   437 O OD1 . ASP B 1 29 ? -7.555  43.139  -8.026  1.00 41.55  ? 3   ASP B OD1 1 
ATOM   438 O OD2 . ASP B 1 29 ? -8.587  42.440  -9.848  1.00 46.60  ? 3   ASP B OD2 1 
ATOM   439 N N   . VAL B 1 30 ? -4.153  43.864  -7.365  1.00 42.73  ? 4   VAL B N   1 
ATOM   440 C CA  . VAL B 1 30 ? -3.352  43.044  -6.469  1.00 45.23  ? 4   VAL B CA  1 
ATOM   441 C C   . VAL B 1 30 ? -4.182  42.015  -5.708  1.00 42.73  ? 4   VAL B C   1 
ATOM   442 O O   . VAL B 1 30 ? -3.707  40.925  -5.391  1.00 30.82  ? 4   VAL B O   1 
ATOM   443 C CB  . VAL B 1 30 ? -2.614  43.909  -5.437  1.00 46.53  ? 4   VAL B CB  1 
ATOM   444 C CG1 . VAL B 1 30 ? -1.763  43.026  -4.525  1.00 49.00  ? 4   VAL B CG1 1 
ATOM   445 C CG2 . VAL B 1 30 ? -1.749  44.940  -6.151  1.00 51.60  ? 4   VAL B CG2 1 
ATOM   446 N N   . SER B 1 31 ? -5.413  42.385  -5.387  1.00 38.22  ? 5   SER B N   1 
ATOM   447 C CA  . SER B 1 31 ? -6.249  41.553  -4.560  1.00 33.96  ? 5   SER B CA  1 
ATOM   448 C C   . SER B 1 31 ? -6.490  40.234  -5.267  1.00 29.68  ? 5   SER B C   1 
ATOM   449 O O   . SER B 1 31 ? -6.235  39.195  -4.708  1.00 28.10  ? 5   SER B O   1 
ATOM   450 C CB  . SER B 1 31 ? -7.568  42.278  -4.231  1.00 38.05  ? 5   SER B CB  1 
ATOM   451 O OG  . SER B 1 31 ? -8.516  41.393  -3.652  1.00 37.48  ? 5   SER B OG  1 
ATOM   452 N N   . SER B 1 32 ? -6.979  40.277  -6.503  1.00 32.55  ? 6   SER B N   1 
ATOM   453 C CA  . SER B 1 32 ? -7.195  39.069  -7.269  1.00 33.51  ? 6   SER B CA  1 
ATOM   454 C C   . SER B 1 32 ? -5.891  38.241  -7.407  1.00 34.42  ? 6   SER B C   1 
ATOM   455 O O   . SER B 1 32 ? -5.944  37.017  -7.483  1.00 27.28  ? 6   SER B O   1 
ATOM   456 C CB  . SER B 1 32 ? -7.761  39.408  -8.661  1.00 39.93  ? 6   SER B CB  1 
ATOM   457 O OG  . SER B 1 32 ? -9.058  39.996  -8.589  1.00 38.02  ? 6   SER B OG  1 
ATOM   458 N N   . ALA B 1 33 ? -4.736  38.907  -7.465  1.00 31.45  ? 7   ALA B N   1 
ATOM   459 C CA  . ALA B 1 33 ? -3.438  38.207  -7.633  1.00 33.01  ? 7   ALA B CA  1 
ATOM   460 C C   . ALA B 1 33 ? -3.088  37.352  -6.420  1.00 26.18  ? 7   ALA B C   1 
ATOM   461 O O   . ALA B 1 33 ? -2.800  36.177  -6.543  1.00 19.97  ? 7   ALA B O   1 
ATOM   462 C CB  . ALA B 1 33 ? -2.311  39.202  -7.920  1.00 32.93  ? 7   ALA B CB  1 
ATOM   463 N N   . LEU B 1 34 ? -3.126  37.942  -5.242  1.00 24.15  ? 8   LEU B N   1 
ATOM   464 C CA  . LEU B 1 34 ? -2.830  37.191  -4.041  1.00 24.37  ? 8   LEU B CA  1 
ATOM   465 C C   . LEU B 1 34 ? -3.833  36.071  -3.852  1.00 24.13  ? 8   LEU B C   1 
ATOM   466 O O   . LEU B 1 34 ? -3.470  34.981  -3.437  1.00 24.67  ? 8   LEU B O   1 
ATOM   467 C CB  . LEU B 1 34 ? -2.838  38.114  -2.823  1.00 27.57  ? 8   LEU B CB  1 
ATOM   468 C CG  . LEU B 1 34 ? -1.664  39.093  -2.742  1.00 26.18  ? 8   LEU B CG  1 
ATOM   469 C CD1 . LEU B 1 34 ? -1.910  40.050  -1.600  1.00 29.73  ? 8   LEU B CD1 1 
ATOM   470 C CD2 . LEU B 1 34 ? -0.340  38.395  -2.568  1.00 27.93  ? 8   LEU B CD2 1 
ATOM   471 N N   . ASP B 1 35 ? -5.107  36.327  -4.154  1.00 24.35  ? 9   ASP B N   1 
ATOM   472 C CA  . ASP B 1 35 ? -6.122  35.278  -4.010  1.00 22.69  ? 9   ASP B CA  1 
ATOM   473 C C   . ASP B 1 35 ? -5.839  34.119  -4.961  1.00 19.26  ? 9   ASP B C   1 
ATOM   474 O O   . ASP B 1 35 ? -6.002  32.974  -4.610  1.00 17.54  ? 9   ASP B O   1 
ATOM   475 C CB  . ASP B 1 35 ? -7.522  35.832  -4.270  1.00 28.58  ? 9   ASP B CB  1 
ATOM   476 C CG  . ASP B 1 35 ? -8.016  36.725  -3.139  1.00 30.97  ? 9   ASP B CG  1 
ATOM   477 O OD1 . ASP B 1 35 ? -7.600  36.519  -1.980  1.00 27.05  ? 9   ASP B OD1 1 
ATOM   478 O OD2 . ASP B 1 35 ? -8.831  37.638  -3.416  1.00 37.64  ? 9   ASP B OD2 1 
ATOM   479 N N   . LYS B 1 36 ? -5.433  34.415  -6.183  1.00 18.10  ? 10  LYS B N   1 
ATOM   480 C CA  . LYS B 1 36 ? -5.117  33.354  -7.124  1.00 19.07  ? 10  LYS B CA  1 
ATOM   481 C C   . LYS B 1 36 ? -3.919  32.526  -6.624  1.00 15.57  ? 10  LYS B C   1 
ATOM   482 O O   . LYS B 1 36 ? -3.890  31.318  -6.777  1.00 14.40  ? 10  LYS B O   1 
ATOM   483 C CB  . LYS B 1 36 ? -4.816  33.932  -8.509  1.00 24.51  ? 10  LYS B CB  1 
ATOM   484 C CG  . LYS B 1 36 ? -4.470  32.880  -9.542  1.00 31.07  ? 10  LYS B CG  1 
ATOM   485 C CD  . LYS B 1 36 ? -5.647  31.951  -9.868  1.00 33.97  ? 10  LYS B CD  1 
ATOM   486 C CE  . LYS B 1 36 ? -5.144  30.589  -10.346 1.00 41.23  ? 10  LYS B CE  1 
ATOM   487 N NZ  . LYS B 1 36 ? -6.259  29.630  -10.572 1.00 51.81  ? 10  LYS B NZ  1 
ATOM   488 N N   . LEU B 1 37 ? -2.951  33.188  -6.012  1.00 14.00  ? 11  LEU B N   1 
ATOM   489 C CA  . LEU B 1 37 ? -1.789  32.473  -5.480  1.00 16.89  ? 11  LEU B CA  1 
ATOM   490 C C   . LEU B 1 37 ? -2.197  31.630  -4.282  1.00 18.04  ? 11  LEU B C   1 
ATOM   491 O O   . LEU B 1 37 ? -1.641  30.559  -4.067  1.00 19.42  ? 11  LEU B O   1 
ATOM   492 C CB  . LEU B 1 37 ? -0.670  33.435  -5.106  1.00 17.82  ? 11  LEU B CB  1 
ATOM   493 C CG  . LEU B 1 37 ? 0.174   33.952  -6.260  1.00 24.20  ? 11  LEU B CG  1 
ATOM   494 C CD1 . LEU B 1 37 ? 1.010   35.140  -5.823  1.00 23.19  ? 11  LEU B CD1 1 
ATOM   495 C CD2 . LEU B 1 37 ? 1.057   32.850  -6.843  1.00 25.05  ? 11  LEU B CD2 1 
ATOM   496 N N   . LYS B 1 38 ? -3.158  32.116  -3.492  1.00 18.76  ? 12  LYS B N   1 
ATOM   497 C CA  . LYS B 1 38 ? -3.684  31.335  -2.359  1.00 19.70  ? 12  LYS B CA  1 
ATOM   498 C C   . LYS B 1 38 ? -4.324  30.055  -2.848  1.00 19.52  ? 12  LYS B C   1 
ATOM   499 O O   . LYS B 1 38 ? -4.147  28.970  -2.273  1.00 20.08  ? 12  LYS B O   1 
ATOM   500 C CB  . LYS B 1 38 ? -4.758  32.118  -1.601  1.00 22.71  ? 12  LYS B CB  1 
ATOM   501 C CG  . LYS B 1 38 ? -4.317  32.854  -0.361  1.00 28.22  ? 12  LYS B CG  1 
ATOM   502 C CD  . LYS B 1 38 ? -5.520  33.531  0.272   1.00 28.42  ? 12  LYS B CD  1 
ATOM   503 C CE  . LYS B 1 38 ? -5.163  34.887  0.841   1.00 31.13  ? 12  LYS B CE  1 
ATOM   504 N NZ  . LYS B 1 38 ? -6.387  35.709  1.053   1.00 33.32  ? 12  LYS B NZ  1 
ATOM   505 N N   . GLU B 1 39 ? -5.104  30.188  -3.907  1.00 18.40  ? 13  GLU B N   1 
ATOM   506 C CA  . GLU B 1 39 ? -5.769  29.055  -4.484  1.00 17.92  ? 13  GLU B CA  1 
ATOM   507 C C   . GLU B 1 39 ? -4.769  28.071  -5.059  1.00 16.17  ? 13  GLU B C   1 
ATOM   508 O O   . GLU B 1 39 ? -4.929  26.872  -4.959  1.00 14.15  ? 13  GLU B O   1 
ATOM   509 C CB  . GLU B 1 39 ? -6.720  29.532  -5.567  1.00 20.67  ? 13  GLU B CB  1 
ATOM   510 C CG  . GLU B 1 39 ? -7.377  28.409  -6.327  1.00 28.43  ? 13  GLU B CG  1 
ATOM   511 C CD  . GLU B 1 39 ? -8.423  28.932  -7.287  1.00 39.70  ? 13  GLU B CD  1 
ATOM   512 O OE1 . GLU B 1 39 ? -8.077  29.809  -8.125  1.00 40.61  ? 13  GLU B OE1 1 
ATOM   513 O OE2 . GLU B 1 39 ? -9.583  28.469  -7.192  1.00 43.55  ? 13  GLU B OE2 1 
ATOM   514 N N   . PHE B 1 40 ? -3.749  28.580  -5.726  1.00 17.71  ? 14  PHE B N   1 
ATOM   515 C CA  . PHE B 1 40 ? -2.701  27.724  -6.234  1.00 18.51  ? 14  PHE B CA  1 
ATOM   516 C C   . PHE B 1 40 ? -2.021  26.934  -5.095  1.00 19.22  ? 14  PHE B C   1 
ATOM   517 O O   . PHE B 1 40 ? -1.870  25.690  -5.143  1.00 16.88  ? 14  PHE B O   1 
ATOM   518 C CB  . PHE B 1 40 ? -1.662  28.568  -6.960  1.00 16.87  ? 14  PHE B CB  1 
ATOM   519 C CG  . PHE B 1 40 ? -0.416  27.812  -7.283  1.00 16.78  ? 14  PHE B CG  1 
ATOM   520 C CD1 . PHE B 1 40 ? -0.400  26.903  -8.322  1.00 16.38  ? 14  PHE B CD1 1 
ATOM   521 C CD2 . PHE B 1 40 ? 0.704   27.951  -6.506  1.00 17.33  ? 14  PHE B CD2 1 
ATOM   522 C CE1 . PHE B 1 40 ? 0.732   26.174  -8.604  1.00 17.45  ? 14  PHE B CE1 1 
ATOM   523 C CE2 . PHE B 1 40 ? 1.842   27.228  -6.787  1.00 17.52  ? 14  PHE B CE2 1 
ATOM   524 C CZ  . PHE B 1 40 ? 1.853   26.343  -7.837  1.00 15.62  ? 14  PHE B CZ  1 
ATOM   525 N N   . GLY B 1 41 ? -1.583  27.659  -4.080  1.00 17.85  ? 15  GLY B N   1 
ATOM   526 C CA  . GLY B 1 41 ? -0.897  27.023  -2.937  1.00 16.73  ? 15  GLY B CA  1 
ATOM   527 C C   . GLY B 1 41 ? -1.709  25.920  -2.278  1.00 17.15  ? 15  GLY B C   1 
ATOM   528 O O   . GLY B 1 41 ? -1.182  24.849  -2.006  1.00 13.33  ? 15  GLY B O   1 
ATOM   529 N N   . ASN B 1 42 ? -3.001  26.173  -2.055  1.00 17.97  ? 16  ASN B N   1 
ATOM   530 C CA  . ASN B 1 42 ? -3.905  25.153  -1.495  1.00 21.77  ? 16  ASN B CA  1 
ATOM   531 C C   . ASN B 1 42 ? -4.062  23.906  -2.354  1.00 19.68  ? 16  ASN B C   1 
ATOM   532 O O   . ASN B 1 42 ? -4.010  22.794  -1.860  1.00 19.48  ? 16  ASN B O   1 
ATOM   533 C CB  . ASN B 1 42 ? -5.291  25.762  -1.221  1.00 27.63  ? 16  ASN B CB  1 
ATOM   534 C CG  . ASN B 1 42 ? -5.338  26.494  0.105   1.00 33.96  ? 16  ASN B CG  1 
ATOM   535 O OD1 . ASN B 1 42 ? -5.157  25.877  1.164   1.00 45.85  ? 16  ASN B OD1 1 
ATOM   536 N ND2 . ASN B 1 42 ? -5.553  27.814  0.063   1.00 34.27  ? 16  ASN B ND2 1 
ATOM   537 N N   . THR B 1 43 ? -4.285  24.089  -3.644  1.00 20.53  ? 17  THR B N   1 
ATOM   538 C CA  . THR B 1 43 ? -4.361  22.970  -4.576  1.00 18.64  ? 17  THR B CA  1 
ATOM   539 C C   . THR B 1 43 ? -3.023  22.192  -4.659  1.00 18.78  ? 17  THR B C   1 
ATOM   540 O O   . THR B 1 43 ? -3.023  20.973  -4.702  1.00 18.18  ? 17  THR B O   1 
ATOM   541 C CB  . THR B 1 43 ? -4.714  23.478  -5.977  1.00 20.16  ? 17  THR B CB  1 
ATOM   542 O OG1 . THR B 1 43 ? -5.901  24.263  -5.911  1.00 24.14  ? 17  THR B OG1 1 
ATOM   543 C CG2 . THR B 1 43 ? -4.947  22.339  -6.903  1.00 20.45  ? 17  THR B CG2 1 
ATOM   544 N N   . LEU B 1 44 ? -1.898  22.905  -4.709  1.00 17.06  ? 18  LEU B N   1 
ATOM   545 C CA  . LEU B 1 44 ? -0.574  22.255  -4.740  1.00 17.17  ? 18  LEU B CA  1 
ATOM   546 C C   . LEU B 1 44 ? -0.383  21.377  -3.490  1.00 15.15  ? 18  LEU B C   1 
ATOM   547 O O   . LEU B 1 44 ? 0.125   20.270  -3.535  1.00 15.30  ? 18  LEU B O   1 
ATOM   548 C CB  . LEU B 1 44 ? 0.544   23.307  -4.822  1.00 15.44  ? 18  LEU B CB  1 
ATOM   549 C CG  . LEU B 1 44 ? 1.951   22.693  -4.766  1.00 15.90  ? 18  LEU B CG  1 
ATOM   550 C CD1 . LEU B 1 44 ? 2.144   21.808  -5.981  1.00 16.61  ? 18  LEU B CD1 1 
ATOM   551 C CD2 . LEU B 1 44 ? 3.019   23.758  -4.660  1.00 17.57  ? 18  LEU B CD2 1 
ATOM   552 N N   . GLU B 1 45 ? -0.846  21.876  -2.363  1.00 17.28  ? 19  GLU B N   1 
ATOM   553 C CA  . GLU B 1 45 ? -0.806  21.077  -1.152  1.00 19.56  ? 19  GLU B CA  1 
ATOM   554 C C   . GLU B 1 45 ? -1.646  19.812  -1.316  1.00 20.05  ? 19  GLU B C   1 
ATOM   555 O O   . GLU B 1 45 ? -1.188  18.714  -0.971  1.00 19.87  ? 19  GLU B O   1 
ATOM   556 C CB  . GLU B 1 45 ? -1.235  21.936  0.040   1.00 21.30  ? 19  GLU B CB  1 
ATOM   557 C CG  . GLU B 1 45 ? -0.725  21.444  1.369   1.00 25.06  ? 19  GLU B CG  1 
ATOM   558 C CD  . GLU B 1 45 ? -1.525  20.267  1.842   1.00 35.98  ? 19  GLU B CD  1 
ATOM   559 O OE1 . GLU B 1 45 ? -2.767  20.308  1.668   1.00 43.54  ? 19  GLU B OE1 1 
ATOM   560 O OE2 . GLU B 1 45 ? -0.917  19.304  2.361   1.00 49.75  ? 19  GLU B OE2 1 
ATOM   561 N N   . ASP B 1 46 ? -2.856  19.932  -1.866  1.00 18.71  ? 20  ASP B N   1 
ATOM   562 C CA  . ASP B 1 46 ? -3.704  18.759  -2.052  1.00 20.00  ? 20  ASP B CA  1 
ATOM   563 C C   . ASP B 1 46 ? -3.147  17.734  -3.052  1.00 19.73  ? 20  ASP B C   1 
ATOM   564 O O   . ASP B 1 46 ? -3.298  16.518  -2.888  1.00 23.98  ? 20  ASP B O   1 
ATOM   565 C CB  . ASP B 1 46 ? -5.107  19.165  -2.516  1.00 22.98  ? 20  ASP B CB  1 
ATOM   566 C CG  . ASP B 1 46 ? -5.909  19.846  -1.421  1.00 27.33  ? 20  ASP B CG  1 
ATOM   567 O OD1 . ASP B 1 46 ? -5.509  19.782  -0.243  1.00 37.13  ? 20  ASP B OD1 1 
ATOM   568 O OD2 . ASP B 1 46 ? -6.942  20.450  -1.750  1.00 36.13  ? 20  ASP B OD2 1 
ATOM   569 N N   . LYS B 1 47 ? -2.556  18.229  -4.113  1.00 17.51  ? 21  LYS B N   1 
ATOM   570 C CA  . LYS B 1 47 ? -2.018  17.376  -5.140  1.00 20.04  ? 21  LYS B CA  1 
ATOM   571 C C   . LYS B 1 47 ? -0.764  16.647  -4.666  1.00 16.14  ? 21  LYS B C   1 
ATOM   572 O O   . LYS B 1 47 ? -0.498  15.513  -5.100  1.00 19.33  ? 21  LYS B O   1 
ATOM   573 C CB  . LYS B 1 47 ? -1.726  18.197  -6.391  1.00 22.68  ? 21  LYS B CB  1 
ATOM   574 C CG  . LYS B 1 47 ? -2.991  18.768  -7.026  1.00 27.97  ? 21  LYS B CG  1 
ATOM   575 C CD  . LYS B 1 47 ? -3.908  17.705  -7.596  1.00 34.55  ? 21  LYS B CD  1 
ATOM   576 C CE  . LYS B 1 47 ? -5.357  18.168  -7.628  1.00 39.71  ? 21  LYS B CE  1 
ATOM   577 N NZ  . LYS B 1 47 ? -6.038  17.957  -6.313  1.00 41.68  ? 21  LYS B NZ  1 
ATOM   578 N N   . ALA B 1 48 ? -0.005  17.296  -3.797  1.00 14.29  ? 22  ALA B N   1 
ATOM   579 C CA  . ALA B 1 48 ? 1.160   16.665  -3.202  1.00 16.43  ? 22  ALA B CA  1 
ATOM   580 C C   . ALA B 1 48 ? 0.707   15.463  -2.357  1.00 17.94  ? 22  ALA B C   1 
ATOM   581 O O   . ALA B 1 48 ? 1.317   14.375  -2.415  1.00 16.57  ? 22  ALA B O   1 
ATOM   582 C CB  . ALA B 1 48 ? 1.938   17.656  -2.361  1.00 16.22  ? 22  ALA B CB  1 
ATOM   583 N N   . ARG B 1 49 ? -0.374  15.648  -1.604  1.00 19.60  ? 23  ARG B N   1 
ATOM   584 C CA  . ARG B 1 49 ? -0.922  14.543  -0.794  1.00 20.19  ? 23  ARG B CA  1 
ATOM   585 C C   . ARG B 1 49 ? -1.446  13.390  -1.656  1.00 22.68  ? 23  ARG B C   1 
ATOM   586 O O   . ARG B 1 49 ? -1.207  12.218  -1.342  1.00 23.70  ? 23  ARG B O   1 
ATOM   587 C CB  . ARG B 1 49 ? -2.041  15.069  0.109   1.00 29.46  ? 23  ARG B CB  1 
ATOM   588 C CG  . ARG B 1 49 ? -1.594  16.094  1.143   1.00 34.31  ? 23  ARG B CG  1 
ATOM   589 C CD  . ARG B 1 49 ? -2.623  16.220  2.265   1.00 42.83  ? 23  ARG B CD  1 
ATOM   590 N NE  . ARG B 1 49 ? -4.000  16.135  1.767   1.00 52.43  ? 23  ARG B NE  1 
ATOM   591 C CZ  . ARG B 1 49 ? -4.793  17.181  1.540   1.00 57.86  ? 23  ARG B CZ  1 
ATOM   592 N NH1 . ARG B 1 49 ? -4.367  18.414  1.781   1.00 58.76  ? 23  ARG B NH1 1 
ATOM   593 N NH2 . ARG B 1 49 ? -6.023  16.998  1.072   1.00 66.10  ? 23  ARG B NH2 1 
ATOM   594 N N   . GLU B 1 50 ? -2.169  13.711  -2.733  1.00 21.98  ? 24  GLU B N   1 
ATOM   595 C CA  . GLU B 1 50 ? -2.654  12.695  -3.663  1.00 24.67  ? 24  GLU B CA  1 
ATOM   596 C C   . GLU B 1 50 ? -1.481  11.951  -4.290  1.00 26.02  ? 24  GLU B C   1 
ATOM   597 O O   . GLU B 1 50 ? -1.542  10.742  -4.499  1.00 21.47  ? 24  GLU B O   1 
ATOM   598 C CB  . GLU B 1 50 ? -3.500  13.310  -4.767  1.00 27.95  ? 24  GLU B CB  1 
ATOM   599 C CG  . GLU B 1 50 ? -4.783  13.933  -4.256  1.00 33.69  ? 24  GLU B CG  1 
ATOM   600 C CD  . GLU B 1 50 ? -5.711  14.363  -5.360  1.00 44.93  ? 24  GLU B CD  1 
ATOM   601 O OE1 . GLU B 1 50 ? -5.402  14.085  -6.544  1.00 59.97  ? 24  GLU B OE1 1 
ATOM   602 O OE2 . GLU B 1 50 ? -6.747  14.990  -5.043  1.00 57.03  ? 24  GLU B OE2 1 
ATOM   603 N N   . LEU B 1 51 ? -0.410  12.679  -4.590  1.00 22.79  ? 25  LEU B N   1 
ATOM   604 C CA  . LEU B 1 51 ? 0.758   12.059  -5.183  1.00 21.68  ? 25  LEU B CA  1 
ATOM   605 C C   . LEU B 1 51 ? 1.304   10.977  -4.243  1.00 23.75  ? 25  LEU B C   1 
ATOM   606 O O   . LEU B 1 51 ? 1.664   9.883   -4.669  1.00 20.63  ? 25  LEU B O   1 
ATOM   607 C CB  . LEU B 1 51 ? 1.827   13.113  -5.452  1.00 24.10  ? 25  LEU B CB  1 
ATOM   608 C CG  . LEU B 1 51 ? 3.163   12.565  -5.936  1.00 25.43  ? 25  LEU B CG  1 
ATOM   609 C CD1 . LEU B 1 51 ? 2.956   11.767  -7.205  1.00 31.02  ? 25  LEU B CD1 1 
ATOM   610 C CD2 . LEU B 1 51 ? 4.144   13.698  -6.147  1.00 25.01  ? 25  LEU B CD2 1 
ATOM   611 N N   . ILE B 1 52 ? 1.387   11.310  -2.961  1.00 21.51  ? 26  ILE B N   1 
ATOM   612 C CA  . ILE B 1 52 ? 1.898   10.385  -1.967  1.00 21.88  ? 26  ILE B CA  1 
ATOM   613 C C   . ILE B 1 52 ? 1.009   9.142   -1.870  1.00 20.82  ? 26  ILE B C   1 
ATOM   614 O O   . ILE B 1 52 ? 1.500   8.017   -1.783  1.00 20.29  ? 26  ILE B O   1 
ATOM   615 C CB  . ILE B 1 52 ? 2.053   11.076  -0.592  1.00 23.69  ? 26  ILE B CB  1 
ATOM   616 C CG1 . ILE B 1 52 ? 3.067   12.204  -0.677  1.00 25.19  ? 26  ILE B CG1 1 
ATOM   617 C CG2 . ILE B 1 52 ? 2.552   10.083  0.439   1.00 30.47  ? 26  ILE B CG2 1 
ATOM   618 C CD1 . ILE B 1 52 ? 2.956   13.242  0.417   1.00 25.62  ? 26  ILE B CD1 1 
ATOM   619 N N   . SER B 1 53 ? -0.300  9.325   -1.912  1.00 24.16  ? 27  SER B N   1 
ATOM   620 C CA  . SER B 1 53 ? -1.180  8.166   -1.921  1.00 26.76  ? 27  SER B CA  1 
ATOM   621 C C   . SER B 1 53 ? -0.947  7.326   -3.174  1.00 28.06  ? 27  SER B C   1 
ATOM   622 O O   . SER B 1 53 ? -0.839  6.110   -3.056  1.00 28.67  ? 27  SER B O   1 
ATOM   623 C CB  . SER B 1 53 ? -2.656  8.544   -1.712  1.00 28.92  ? 27  SER B CB  1 
ATOM   624 O OG  . SER B 1 53 ? -3.244  8.975   -2.916  1.00 44.86  ? 27  SER B OG  1 
ATOM   625 N N   . ARG B 1 54 ? -0.808  7.943   -4.358  1.00 26.58  ? 28  ARG B N   1 
ATOM   626 C CA  . ARG B 1 54 ? -0.506  7.166   -5.576  1.00 27.37  ? 28  ARG B CA  1 
ATOM   627 C C   . ARG B 1 54 ? 0.802   6.364   -5.486  1.00 28.69  ? 28  ARG B C   1 
ATOM   628 O O   . ARG B 1 54 ? 0.879   5.218   -5.963  1.00 23.06  ? 28  ARG B O   1 
ATOM   629 C CB  . ARG B 1 54 ? -0.474  8.042   -6.837  1.00 37.19  ? 28  ARG B CB  1 
ATOM   630 C CG  . ARG B 1 54 ? -1.717  8.890   -7.071  1.00 46.71  ? 28  ARG B CG  1 
ATOM   631 C CD  . ARG B 1 54 ? -3.025  8.105   -7.016  1.00 57.36  ? 28  ARG B CD  1 
ATOM   632 N NE  . ARG B 1 54 ? -4.000  8.722   -6.106  1.00 63.99  ? 28  ARG B NE  1 
ATOM   633 C CZ  . ARG B 1 54 ? -5.268  8.335   -5.964  1.00 62.10  ? 28  ARG B CZ  1 
ATOM   634 N NH1 . ARG B 1 54 ? -5.752  7.328   -6.682  1.00 73.37  ? 28  ARG B NH1 1 
ATOM   635 N NH2 . ARG B 1 54 ? -6.058  8.957   -5.097  1.00 55.29  ? 28  ARG B NH2 1 
ATOM   636 N N   . ILE B 1 55 ? 1.830   6.963   -4.893  1.00 23.06  ? 29  ILE B N   1 
ATOM   637 C CA  . ILE B 1 55 ? 3.080   6.271   -4.652  1.00 25.12  ? 29  ILE B CA  1 
ATOM   638 C C   . ILE B 1 55 ? 2.912   5.044   -3.745  1.00 26.54  ? 29  ILE B C   1 
ATOM   639 O O   . ILE B 1 55 ? 3.534   4.009   -3.989  1.00 26.53  ? 29  ILE B O   1 
ATOM   640 C CB  . ILE B 1 55 ? 4.146   7.213   -4.055  1.00 25.01  ? 29  ILE B CB  1 
ATOM   641 C CG1 . ILE B 1 55 ? 4.518   8.316   -5.056  1.00 24.28  ? 29  ILE B CG1 1 
ATOM   642 C CG2 . ILE B 1 55 ? 5.398   6.453   -3.642  1.00 25.96  ? 29  ILE B CG2 1 
ATOM   643 C CD1 . ILE B 1 55 ? 5.152   9.504   -4.378  1.00 28.84  ? 29  ILE B CD1 1 
ATOM   644 N N   . LYS B 1 56 ? 2.098   5.160   -2.702  1.00 26.55  ? 30  LYS B N   1 
ATOM   645 C CA  . LYS B 1 56 ? 1.823   4.021   -1.808  1.00 31.45  ? 30  LYS B CA  1 
ATOM   646 C C   . LYS B 1 56 ? 1.039   2.919   -2.548  1.00 31.49  ? 30  LYS B C   1 
ATOM   647 O O   . LYS B 1 56 ? 1.173   1.731   -2.254  1.00 28.77  ? 30  LYS B O   1 
ATOM   648 C CB  . LYS B 1 56 ? 1.034   4.476   -0.584  1.00 30.06  ? 30  LYS B CB  1 
ATOM   649 C CG  . LYS B 1 56 ? 1.715   5.562   0.243   1.00 31.91  ? 30  LYS B CG  1 
ATOM   650 C CD  . LYS B 1 56 ? 2.664   4.985   1.262   1.00 41.68  ? 30  LYS B CD  1 
ATOM   651 C CE  . LYS B 1 56 ? 3.086   6.037   2.276   1.00 52.90  ? 30  LYS B CE  1 
ATOM   652 N NZ  . LYS B 1 56 ? 3.880   5.449   3.397   1.00 57.91  ? 30  LYS B NZ  1 
ATOM   653 N N   . GLN B 1 57 ? 0.221   3.319   -3.509  1.00 26.03  ? 31  GLN B N   1 
ATOM   654 C CA  . GLN B 1 57 ? -0.443  2.355   -4.370  1.00 28.81  ? 31  GLN B CA  1 
ATOM   655 C C   . GLN B 1 57 ? 0.548   1.588   -5.259  1.00 32.17  ? 31  GLN B C   1 
ATOM   656 O O   . GLN B 1 57 ? 0.446   0.369   -5.419  1.00 30.49  ? 31  GLN B O   1 
ATOM   657 C CB  . GLN B 1 57 ? -1.510  3.064   -5.200  1.00 30.49  ? 31  GLN B CB  1 
ATOM   658 C CG  . GLN B 1 57 ? -2.663  3.548   -4.346  1.00 34.16  ? 31  GLN B CG  1 
ATOM   659 C CD  . GLN B 1 57 ? -3.629  4.409   -5.114  1.00 34.49  ? 31  GLN B CD  1 
ATOM   660 O OE1 . GLN B 1 57 ? -3.597  4.458   -6.344  1.00 40.97  ? 31  GLN B OE1 1 
ATOM   661 N NE2 . GLN B 1 57 ? -4.491  5.106   -4.390  1.00 44.53  ? 31  GLN B NE2 1 
ATOM   662 N N   . SER B 1 58 ? 1.538   2.277   -5.807  1.00 26.21  ? 32  SER B N   1 
ATOM   663 C CA  . SER B 1 58 ? 2.517   1.605   -6.648  1.00 30.07  ? 32  SER B CA  1 
ATOM   664 C C   . SER B 1 58 ? 3.437   0.735   -5.788  1.00 26.07  ? 32  SER B C   1 
ATOM   665 O O   . SER B 1 58 ? 3.775   -0.398  -6.146  1.00 21.97  ? 32  SER B O   1 
ATOM   666 C CB  . SER B 1 58 ? 3.311   2.629   -7.466  1.00 34.35  ? 32  SER B CB  1 
ATOM   667 O OG  . SER B 1 58 ? 3.998   3.521   -6.614  1.00 46.99  ? 32  SER B OG  1 
ATOM   668 N N   . GLU B 1 59 ? 3.810   1.250   -4.631  1.00 21.25  ? 33  GLU B N   1 
ATOM   669 C CA  . GLU B 1 59 ? 4.507   0.449   -3.642  1.00 23.13  ? 33  GLU B CA  1 
ATOM   670 C C   . GLU B 1 59 ? 3.844   -0.917  -3.381  1.00 23.39  ? 33  GLU B C   1 
ATOM   671 O O   . GLU B 1 59 ? 4.520   -1.936  -3.335  1.00 20.85  ? 33  GLU B O   1 
ATOM   672 C CB  . GLU B 1 59 ? 4.590   1.220   -2.327  1.00 24.89  ? 33  GLU B CB  1 
ATOM   673 C CG  . GLU B 1 59 ? 5.798   0.896   -1.485  1.00 32.30  ? 33  GLU B CG  1 
ATOM   674 C CD  . GLU B 1 59 ? 6.265   2.101   -0.684  1.00 39.65  ? 33  GLU B CD  1 
ATOM   675 O OE1 . GLU B 1 59 ? 5.390   2.805   -0.154  1.00 35.67  ? 33  GLU B OE1 1 
ATOM   676 O OE2 . GLU B 1 59 ? 7.495   2.343   -0.588  1.00 52.08  ? 33  GLU B OE2 1 
ATOM   677 N N   . LEU B 1 60 ? 2.532   -0.923  -3.191  1.00 24.16  ? 34  LEU B N   1 
ATOM   678 C CA  . LEU B 1 60 ? 1.794   -2.153  -2.963  1.00 23.39  ? 34  LEU B CA  1 
ATOM   679 C C   . LEU B 1 60 ? 1.953   -3.088  -4.170  1.00 24.14  ? 34  LEU B C   1 
ATOM   680 O O   . LEU B 1 60 ? 2.195   -4.279  -4.018  1.00 20.34  ? 34  LEU B O   1 
ATOM   681 C CB  . LEU B 1 60 ? 0.313   -1.840  -2.713  1.00 26.30  ? 34  LEU B CB  1 
ATOM   682 C CG  . LEU B 1 60 ? -0.559  -3.082  -2.603  1.00 27.69  ? 34  LEU B CG  1 
ATOM   683 C CD1 . LEU B 1 60 ? -0.303  -3.750  -1.272  1.00 35.05  ? 34  LEU B CD1 1 
ATOM   684 C CD2 . LEU B 1 60 ? -2.016  -2.730  -2.754  1.00 30.73  ? 34  LEU B CD2 1 
ATOM   685 N N   . SER B 1 61 ? 1.815   -2.534  -5.365  1.00 22.61  ? 35  SER B N   1 
ATOM   686 C CA  . SER B 1 61 ? 1.960   -3.301  -6.590  1.00 21.94  ? 35  SER B CA  1 
ATOM   687 C C   . SER B 1 61 ? 3.347   -3.921  -6.695  1.00 21.29  ? 35  SER B C   1 
ATOM   688 O O   . SER B 1 61 ? 3.488   -5.112  -7.003  1.00 20.25  ? 35  SER B O   1 
ATOM   689 C CB  . SER B 1 61 ? 1.668   -2.404  -7.812  1.00 23.10  ? 35  SER B CB  1 
ATOM   690 O OG  . SER B 1 61 ? 1.633   -3.169  -9.015  1.00 30.03  ? 35  SER B OG  1 
ATOM   691 N N   . ALA B 1 62 ? 4.374   -3.123  -6.440  1.00 19.16  ? 36  ALA B N   1 
ATOM   692 C CA  . ALA B 1 62 ? 5.745   -3.601  -6.578  1.00 21.91  ? 36  ALA B CA  1 
ATOM   693 C C   . ALA B 1 62 ? 6.066   -4.720  -5.573  1.00 22.81  ? 36  ALA B C   1 
ATOM   694 O O   . ALA B 1 62 ? 6.708   -5.726  -5.908  1.00 21.22  ? 36  ALA B O   1 
ATOM   695 C CB  . ALA B 1 62 ? 6.719   -2.443  -6.419  1.00 22.28  ? 36  ALA B CB  1 
ATOM   696 N N   . LYS B 1 63 ? 5.605   -4.547  -4.342  1.00 21.96  ? 37  LYS B N   1 
ATOM   697 C CA  . LYS B 1 63 ? 5.771   -5.549  -3.332  1.00 22.50  ? 37  LYS B CA  1 
ATOM   698 C C   . LYS B 1 63 ? 5.064   -6.845  -3.670  1.00 21.37  ? 37  LYS B C   1 
ATOM   699 O O   . LYS B 1 63 ? 5.614   -7.914  -3.434  1.00 20.46  ? 37  LYS B O   1 
ATOM   700 C CB  . LYS B 1 63 ? 5.303   -5.028  -1.974  1.00 26.91  ? 37  LYS B CB  1 
ATOM   701 C CG  . LYS B 1 63 ? 6.249   -4.020  -1.363  1.00 35.70  ? 37  LYS B CG  1 
ATOM   702 C CD  . LYS B 1 63 ? 5.720   -3.443  -0.056  1.00 37.58  ? 37  LYS B CD  1 
ATOM   703 C CE  . LYS B 1 63 ? 6.547   -2.233  0.364   1.00 48.78  ? 37  LYS B CE  1 
ATOM   704 N NZ  . LYS B 1 63 ? 5.867   -1.431  1.424   1.00 51.24  ? 37  LYS B NZ  1 
ATOM   705 N N   . MET B 1 64 ? 3.854   -6.767  -4.227  1.00 21.11  ? 38  MET B N   1 
ATOM   706 C CA  . MET B 1 64 ? 3.134   -7.965  -4.598  1.00 19.79  ? 38  MET B CA  1 
ATOM   707 C C   . MET B 1 64 ? 3.756   -8.643  -5.799  1.00 20.23  ? 38  MET B C   1 
ATOM   708 O O   . MET B 1 64 ? 3.803   -9.861  -5.852  1.00 19.85  ? 38  MET B O   1 
ATOM   709 C CB  . MET B 1 64 ? 1.649   -7.654  -4.880  1.00 22.10  ? 38  MET B CB  1 
ATOM   710 C CG  . MET B 1 64 ? 0.800   -7.479  -3.629  1.00 23.42  ? 38  MET B CG  1 
ATOM   711 S SD  . MET B 1 64 ? 1.107   -8.754  -2.361  1.00 26.01  ? 38  MET B SD  1 
ATOM   712 C CE  . MET B 1 64 ? 0.729   -10.267 -3.231  1.00 23.51  ? 38  MET B CE  1 
ATOM   713 N N   . ARG B 1 65 ? 4.214   -7.866  -6.782  1.00 22.44  ? 39  ARG B N   1 
ATOM   714 C CA  . ARG B 1 65 ? 4.947   -8.437  -7.910  1.00 26.71  ? 39  ARG B CA  1 
ATOM   715 C C   . ARG B 1 65 ? 6.173   -9.215  -7.456  1.00 25.35  ? 39  ARG B C   1 
ATOM   716 O O   . ARG B 1 65 ? 6.480   -10.266 -8.001  1.00 26.29  ? 39  ARG B O   1 
ATOM   717 C CB  . ARG B 1 65 ? 5.382   -7.349  -8.894  1.00 32.99  ? 39  ARG B CB  1 
ATOM   718 C CG  . ARG B 1 65 ? 6.040   -7.896  -10.156 1.00 37.39  ? 39  ARG B CG  1 
ATOM   719 C CD  . ARG B 1 65 ? 6.599   -6.792  -11.046 1.00 39.76  ? 39  ARG B CD  1 
ATOM   720 N NE  . ARG B 1 65 ? 5.665   -6.407  -12.104 1.00 49.47  ? 39  ARG B NE  1 
ATOM   721 C CZ  . ARG B 1 65 ? 5.456   -7.119  -13.217 1.00 51.98  ? 39  ARG B CZ  1 
ATOM   722 N NH1 . ARG B 1 65 ? 6.107   -8.267  -13.419 1.00 51.60  ? 39  ARG B NH1 1 
ATOM   723 N NH2 . ARG B 1 65 ? 4.587   -6.690  -14.130 1.00 48.32  ? 39  ARG B NH2 1 
ATOM   724 N N   . GLU B 1 66 ? 6.878   -8.703  -6.463  1.00 25.65  ? 40  GLU B N   1 
ATOM   725 C CA  . GLU B 1 66 ? 7.981   -9.442  -5.858  1.00 26.66  ? 40  GLU B CA  1 
ATOM   726 C C   . GLU B 1 66 ? 7.518   -10.718 -5.121  1.00 26.82  ? 40  GLU B C   1 
ATOM   727 O O   . GLU B 1 66 ? 8.148   -11.794 -5.245  1.00 21.67  ? 40  GLU B O   1 
ATOM   728 C CB  . GLU B 1 66 ? 8.755   -8.543  -4.897  1.00 29.32  ? 40  GLU B CB  1 
ATOM   729 C CG  . GLU B 1 66 ? 10.138  -9.065  -4.564  1.00 39.56  ? 40  GLU B CG  1 
ATOM   730 C CD  . GLU B 1 66 ? 10.576  -8.761  -3.146  1.00 42.59  ? 40  GLU B CD  1 
ATOM   731 O OE1 . GLU B 1 66 ? 9.911   -7.961  -2.452  1.00 47.42  ? 40  GLU B OE1 1 
ATOM   732 O OE2 . GLU B 1 66 ? 11.605  -9.333  -2.729  1.00 57.95  ? 40  GLU B OE2 1 
ATOM   733 N N   . TRP B 1 67 ? 6.432   -10.606 -4.352  1.00 22.72  ? 41  TRP B N   1 
ATOM   734 C CA  . TRP B 1 67 ? 5.952   -11.739 -3.563  1.00 18.96  ? 41  TRP B CA  1 
ATOM   735 C C   . TRP B 1 67 ? 5.478   -12.852 -4.493  1.00 18.72  ? 41  TRP B C   1 
ATOM   736 O O   . TRP B 1 67 ? 5.811   -14.010 -4.283  1.00 19.86  ? 41  TRP B O   1 
ATOM   737 C CB  . TRP B 1 67 ? 4.848   -11.325 -2.608  1.00 22.29  ? 41  TRP B CB  1 
ATOM   738 C CG  . TRP B 1 67 ? 4.376   -12.468 -1.757  1.00 23.65  ? 41  TRP B CG  1 
ATOM   739 C CD1 . TRP B 1 67 ? 4.816   -12.801 -0.492  1.00 28.78  ? 41  TRP B CD1 1 
ATOM   740 C CD2 . TRP B 1 67 ? 3.413   -13.458 -2.120  1.00 20.79  ? 41  TRP B CD2 1 
ATOM   741 N NE1 . TRP B 1 67 ? 4.145   -13.921 -0.041  1.00 26.67  ? 41  TRP B NE1 1 
ATOM   742 C CE2 . TRP B 1 67 ? 3.289   -14.346 -1.027  1.00 27.32  ? 41  TRP B CE2 1 
ATOM   743 C CE3 . TRP B 1 67 ? 2.622   -13.666 -3.251  1.00 22.21  ? 41  TRP B CE3 1 
ATOM   744 C CZ2 . TRP B 1 67 ? 2.419   -15.422 -1.048  1.00 25.77  ? 41  TRP B CZ2 1 
ATOM   745 C CZ3 . TRP B 1 67 ? 1.761   -14.737 -3.270  1.00 25.05  ? 41  TRP B CZ3 1 
ATOM   746 C CH2 . TRP B 1 67 ? 1.671   -15.610 -2.189  1.00 28.51  ? 41  TRP B CH2 1 
ATOM   747 N N   . PHE B 1 68 ? 4.750   -12.498 -5.548  1.00 19.78  ? 42  PHE B N   1 
ATOM   748 C CA  . PHE B 1 68 ? 4.339   -13.478 -6.539  1.00 21.40  ? 42  PHE B CA  1 
ATOM   749 C C   . PHE B 1 68 ? 5.527   -14.165 -7.230  1.00 26.02  ? 42  PHE B C   1 
ATOM   750 O O   . PHE B 1 68 ? 5.570   -15.393 -7.329  1.00 23.21  ? 42  PHE B O   1 
ATOM   751 C CB  . PHE B 1 68 ? 3.397   -12.862 -7.575  1.00 20.04  ? 42  PHE B CB  1 
ATOM   752 C CG  . PHE B 1 68 ? 1.988   -12.660 -7.064  1.00 19.05  ? 42  PHE B CG  1 
ATOM   753 C CD1 . PHE B 1 68 ? 1.252   -13.730 -6.586  1.00 17.61  ? 42  PHE B CD1 1 
ATOM   754 C CD2 . PHE B 1 68 ? 1.396   -11.415 -7.090  1.00 19.69  ? 42  PHE B CD2 1 
ATOM   755 C CE1 . PHE B 1 68 ? -0.035  -13.545 -6.117  1.00 19.61  ? 42  PHE B CE1 1 
ATOM   756 C CE2 . PHE B 1 68 ? 0.110   -11.227 -6.614  1.00 19.26  ? 42  PHE B CE2 1 
ATOM   757 C CZ  . PHE B 1 68 ? -0.610  -12.295 -6.131  1.00 14.71  ? 42  PHE B CZ  1 
ATOM   758 N N   . SER B 1 69 ? 6.504   -13.389 -7.684  1.00 25.22  ? 43  SER B N   1 
ATOM   759 C CA  . SER B 1 69 ? 7.606   -13.951 -8.458  1.00 26.70  ? 43  SER B CA  1 
ATOM   760 C C   . SER B 1 69 ? 8.485   -14.841 -7.589  1.00 27.98  ? 43  SER B C   1 
ATOM   761 O O   . SER B 1 69 ? 8.800   -15.982 -7.966  1.00 28.65  ? 43  SER B O   1 
ATOM   762 C CB  . SER B 1 69 ? 8.409   -12.846 -9.164  1.00 31.28  ? 43  SER B CB  1 
ATOM   763 O OG  . SER B 1 69 ? 9.136   -12.074 -8.231  1.00 39.78  ? 43  SER B OG  1 
ATOM   764 N N   . GLU B 1 70 ? 8.814   -14.366 -6.400  1.00 24.64  ? 44  GLU B N   1 
ATOM   765 C CA  . GLU B 1 70 ? 9.614   -15.142 -5.467  1.00 26.84  ? 44  GLU B CA  1 
ATOM   766 C C   . GLU B 1 70 ? 8.917   -16.434 -5.075  1.00 26.57  ? 44  GLU B C   1 
ATOM   767 O O   . GLU B 1 70 ? 9.532   -17.498 -5.099  1.00 28.50  ? 44  GLU B O   1 
ATOM   768 C CB  . GLU B 1 70 ? 9.928   -14.337 -4.209  1.00 32.95  ? 44  GLU B CB  1 
ATOM   769 C CG  . GLU B 1 70 ? 10.670  -13.026 -4.454  1.00 45.35  ? 44  GLU B CG  1 
ATOM   770 C CD  . GLU B 1 70 ? 12.131  -13.210 -4.830  1.00 56.48  ? 44  GLU B CD  1 
ATOM   771 O OE1 . GLU B 1 70 ? 12.896  -13.767 -4.006  1.00 47.68  ? 44  GLU B OE1 1 
ATOM   772 O OE2 . GLU B 1 70 ? 12.515  -12.770 -5.941  1.00 59.08  ? 44  GLU B OE2 1 
ATOM   773 N N   . THR B 1 71 ? 7.637   -16.347 -4.710  1.00 23.10  ? 45  THR B N   1 
ATOM   774 C CA  . THR B 1 71 ? 6.890   -17.527 -4.319  1.00 22.73  ? 45  THR B CA  1 
ATOM   775 C C   . THR B 1 71 ? 6.847   -18.538 -5.485  1.00 23.10  ? 45  THR B C   1 
ATOM   776 O O   . THR B 1 71 ? 7.048   -19.737 -5.279  1.00 23.62  ? 45  THR B O   1 
ATOM   777 C CB  . THR B 1 71 ? 5.473   -17.185 -3.834  1.00 24.33  ? 45  THR B CB  1 
ATOM   778 O OG1 . THR B 1 71 ? 5.558   -16.298 -2.715  1.00 26.39  ? 45  THR B OG1 1 
ATOM   779 C CG2 . THR B 1 71 ? 4.693   -18.442 -3.405  1.00 27.68  ? 45  THR B CG2 1 
ATOM   780 N N   . PHE B 1 72 ? 6.609   -18.071 -6.708  1.00 20.62  ? 46  PHE B N   1 
ATOM   781 C CA  . PHE B 1 72 ? 6.565   -18.997 -7.806  1.00 24.28  ? 46  PHE B CA  1 
ATOM   782 C C   . PHE B 1 72 ? 7.918   -19.683 -8.018  1.00 24.87  ? 46  PHE B C   1 
ATOM   783 O O   . PHE B 1 72 ? 7.984   -20.889 -8.294  1.00 24.05  ? 46  PHE B O   1 
ATOM   784 C CB  . PHE B 1 72 ? 6.081   -18.339 -9.100  1.00 25.72  ? 46  PHE B CB  1 
ATOM   785 C CG  . PHE B 1 72 ? 5.928   -19.313 -10.215 1.00 26.22  ? 46  PHE B CG  1 
ATOM   786 C CD1 . PHE B 1 72 ? 4.909   -20.262 -10.175 1.00 28.31  ? 46  PHE B CD1 1 
ATOM   787 C CD2 . PHE B 1 72 ? 6.834   -19.336 -11.283 1.00 23.53  ? 46  PHE B CD2 1 
ATOM   788 C CE1 . PHE B 1 72 ? 4.775   -21.188 -11.197 1.00 28.00  ? 46  PHE B CE1 1 
ATOM   789 C CE2 . PHE B 1 72 ? 6.691   -20.260 -12.304 1.00 25.96  ? 46  PHE B CE2 1 
ATOM   790 C CZ  . PHE B 1 72 ? 5.665   -21.192 -12.253 1.00 27.22  ? 46  PHE B CZ  1 
ATOM   791 N N   . GLN B 1 73 ? 8.995   -18.923 -7.862  1.00 28.40  ? 47  GLN B N   1 
ATOM   792 C CA  . GLN B 1 73 ? 10.355  -19.475 -7.938  1.00 30.48  ? 47  GLN B CA  1 
ATOM   793 C C   . GLN B 1 73 ? 10.526  -20.691 -7.036  1.00 31.99  ? 47  GLN B C   1 
ATOM   794 O O   . GLN B 1 73 ? 11.112  -21.692 -7.444  1.00 27.83  ? 47  GLN B O   1 
ATOM   795 C CB  . GLN B 1 73 ? 11.368  -18.423 -7.526  1.00 40.69  ? 47  GLN B CB  1 
ATOM   796 C CG  . GLN B 1 73 ? 12.807  -18.917 -7.554  1.00 52.76  ? 47  GLN B CG  1 
ATOM   797 C CD  . GLN B 1 73 ? 13.262  -19.273 -8.953  1.00 65.38  ? 47  GLN B CD  1 
ATOM   798 O OE1 . GLN B 1 73 ? 12.954  -18.565 -9.915  1.00 71.98  ? 47  GLN B OE1 1 
ATOM   799 N NE2 . GLN B 1 73 ? 13.992  -20.380 -9.078  1.00 63.31  ? 47  GLN B NE2 1 
ATOM   800 N N   . LYS B 1 74 ? 10.025  -20.576 -5.808  1.00 31.37  ? 48  LYS B N   1 
ATOM   801 C CA  . LYS B 1 74 ? 10.089  -21.643 -4.827  1.00 33.79  ? 48  LYS B CA  1 
ATOM   802 C C   . LYS B 1 74 ? 9.240   -22.816 -5.232  1.00 31.01  ? 48  LYS B C   1 
ATOM   803 O O   . LYS B 1 74 ? 9.579   -23.960 -4.943  1.00 30.04  ? 48  LYS B O   1 
ATOM   804 C CB  . LYS B 1 74 ? 9.599   -21.164 -3.459  1.00 41.48  ? 48  LYS B CB  1 
ATOM   805 C CG  . LYS B 1 74 ? 10.683  -20.614 -2.543  1.00 51.71  ? 48  LYS B CG  1 
ATOM   806 C CD  . LYS B 1 74 ? 11.115  -19.217 -2.950  1.00 50.25  ? 48  LYS B CD  1 
ATOM   807 C CE  . LYS B 1 74 ? 11.946  -18.569 -1.857  1.00 53.03  ? 48  LYS B CE  1 
ATOM   808 N NZ  . LYS B 1 74 ? 13.040  -19.465 -1.391  1.00 55.26  ? 48  LYS B NZ  1 
ATOM   809 N N   . VAL B 1 75 ? 8.105   -22.538 -5.863  1.00 28.73  ? 49  VAL B N   1 
ATOM   810 C CA  . VAL B 1 75 ? 7.249   -23.612 -6.329  1.00 30.16  ? 49  VAL B CA  1 
ATOM   811 C C   . VAL B 1 75 ? 8.053   -24.432 -7.324  1.00 24.70  ? 49  VAL B C   1 
ATOM   812 O O   . VAL B 1 75 ? 8.177   -25.632 -7.177  1.00 25.70  ? 49  VAL B O   1 
ATOM   813 C CB  . VAL B 1 75 ? 5.937   -23.078 -6.948  1.00 32.69  ? 49  VAL B CB  1 
ATOM   814 C CG1 . VAL B 1 75 ? 5.121   -24.206 -7.588  1.00 32.92  ? 49  VAL B CG1 1 
ATOM   815 C CG2 . VAL B 1 75 ? 5.129   -22.383 -5.870  1.00 30.83  ? 49  VAL B CG2 1 
ATOM   816 N N   . LYS B 1 76 ? 8.635   -23.770 -8.307  1.00 24.94  ? 50  LYS B N   1 
ATOM   817 C CA  . LYS B 1 76 ? 9.516   -24.448 -9.280  1.00 34.53  ? 50  LYS B CA  1 
ATOM   818 C C   . LYS B 1 76 ? 10.668  -25.237 -8.646  1.00 30.69  ? 50  LYS B C   1 
ATOM   819 O O   . LYS B 1 76 ? 10.908  -26.392 -8.995  1.00 34.43  ? 50  LYS B O   1 
ATOM   820 C CB  . LYS B 1 76 ? 10.123  -23.428 -10.240 1.00 36.80  ? 50  LYS B CB  1 
ATOM   821 C CG  . LYS B 1 76 ? 9.140   -22.882 -11.249 1.00 40.97  ? 50  LYS B CG  1 
ATOM   822 C CD  . LYS B 1 76 ? 9.564   -21.493 -11.706 1.00 45.65  ? 50  LYS B CD  1 
ATOM   823 C CE  . LYS B 1 76 ? 10.908  -21.480 -12.410 1.00 39.09  ? 50  LYS B CE  1 
ATOM   824 N NZ  . LYS B 1 76 ? 11.105  -20.159 -13.058 1.00 36.86  ? 50  LYS B NZ  1 
ATOM   825 N N   . GLU B 1 77 ? 11.384  -24.599 -7.728  1.00 30.45  ? 51  GLU B N   1 
ATOM   826 C CA  . GLU B 1 77 ? 12.523  -25.229 -7.062  1.00 34.77  ? 51  GLU B CA  1 
ATOM   827 C C   . GLU B 1 77 ? 12.106  -26.454 -6.261  1.00 40.29  ? 51  GLU B C   1 
ATOM   828 O O   . GLU B 1 77 ? 12.780  -27.480 -6.265  1.00 36.37  ? 51  GLU B O   1 
ATOM   829 C CB  . GLU B 1 77 ? 13.226  -24.242 -6.146  1.00 39.31  ? 51  GLU B CB  1 
ATOM   830 C CG  . GLU B 1 77 ? 14.286  -23.431 -6.859  1.00 46.53  ? 51  GLU B CG  1 
ATOM   831 C CD  . GLU B 1 77 ? 14.673  -22.190 -6.092  1.00 52.90  ? 51  GLU B CD  1 
ATOM   832 O OE1 . GLU B 1 77 ? 14.528  -22.186 -4.847  1.00 52.52  ? 51  GLU B OE1 1 
ATOM   833 O OE2 . GLU B 1 77 ? 15.108  -21.214 -6.743  1.00 57.45  ? 51  GLU B OE2 1 
ATOM   834 N N   . LYS B 1 78 ? 10.967  -26.346 -5.599  1.00 35.33  ? 52  LYS B N   1 
ATOM   835 C CA  . LYS B 1 78 ? 10.499  -27.397 -4.745  1.00 33.13  ? 52  LYS B CA  1 
ATOM   836 C C   . LYS B 1 78 ? 10.053  -28.613 -5.541  1.00 32.51  ? 52  LYS B C   1 
ATOM   837 O O   . LYS B 1 78 ? 10.211  -29.733 -5.068  1.00 30.05  ? 52  LYS B O   1 
ATOM   838 C CB  . LYS B 1 78 ? 9.352   -26.878 -3.871  1.00 39.74  ? 52  LYS B CB  1 
ATOM   839 C CG  . LYS B 1 78 ? 9.101   -27.697 -2.618  1.00 43.16  ? 52  LYS B CG  1 
ATOM   840 C CD  . LYS B 1 78 ? 10.225  -27.565 -1.597  1.00 40.97  ? 52  LYS B CD  1 
ATOM   841 C CE  . LYS B 1 78 ? 10.318  -28.827 -0.750  1.00 45.20  ? 52  LYS B CE  1 
ATOM   842 N NZ  . LYS B 1 78 ? 11.127  -28.661 0.487   1.00 42.46  ? 52  LYS B NZ  1 
ATOM   843 N N   . LEU B 1 79 ? 9.498   -28.381 -6.735  1.00 28.14  ? 53  LEU B N   1 
ATOM   844 C CA  . LEU B 1 79 ? 8.908   -29.421 -7.576  1.00 31.78  ? 53  LEU B CA  1 
ATOM   845 C C   . LEU B 1 79 ? 9.851   -29.965 -8.640  1.00 40.83  ? 53  LEU B C   1 
ATOM   846 O O   . LEU B 1 79 ? 9.860   -31.166 -8.902  1.00 31.46  ? 53  LEU B O   1 
ATOM   847 C CB  . LEU B 1 79 ? 7.693   -28.872 -8.320  1.00 25.55  ? 53  LEU B CB  1 
ATOM   848 C CG  . LEU B 1 79 ? 6.445   -28.463 -7.530  1.00 27.81  ? 53  LEU B CG  1 
ATOM   849 C CD1 . LEU B 1 79 ? 5.359   -27.984 -8.499  1.00 27.13  ? 53  LEU B CD1 1 
ATOM   850 C CD2 . LEU B 1 79 ? 5.932   -29.611 -6.685  1.00 27.68  ? 53  LEU B CD2 1 
ATOM   851 N N   . LYS B 1 80 ? 10.592  -29.077 -9.306  1.00 56.92  ? 54  LYS B N   1 
ATOM   852 C CA  . LYS B 1 80 ? 11.495  -29.509 -10.373 1.00 59.57  ? 54  LYS B CA  1 
ATOM   853 C C   . LYS B 1 80 ? 12.492  -30.460 -9.748  1.00 63.50  ? 54  LYS B C   1 
ATOM   854 O O   . LYS B 1 80 ? 12.941  -31.409 -10.386 1.00 71.99  ? 54  LYS B O   1 
ATOM   855 C CB  . LYS B 1 80 ? 12.213  -28.333 -11.032 1.00 64.28  ? 54  LYS B CB  1 
ATOM   856 C CG  . LYS B 1 80 ? 11.358  -27.544 -12.014 1.00 68.99  ? 54  LYS B CG  1 
ATOM   857 C CD  . LYS B 1 80 ? 12.176  -26.477 -12.729 1.00 65.46  ? 54  LYS B CD  1 
ATOM   858 C CE  . LYS B 1 80 ? 13.165  -27.089 -13.712 1.00 69.88  ? 54  LYS B CE  1 
ATOM   859 N NZ  . LYS B 1 80 ? 13.758  -26.077 -14.636 1.00 72.84  ? 54  LYS B NZ  1 
ATOM   860 N N   . ILE B 1 81 ? 12.819  -30.188 -8.486  1.00 53.84  ? 55  ILE B N   1 
ATOM   861 C CA  . ILE B 1 81 ? 13.604  -31.087 -7.663  1.00 53.81  ? 55  ILE B CA  1 
ATOM   862 C C   . ILE B 1 81 ? 12.834  -32.390 -7.480  1.00 62.51  ? 55  ILE B C   1 
ATOM   863 O O   . ILE B 1 81 ? 13.114  -33.384 -8.153  1.00 65.28  ? 55  ILE B O   1 
ATOM   864 C CB  . ILE B 1 81 ? 13.911  -30.441 -6.290  1.00 60.33  ? 55  ILE B CB  1 
ATOM   865 C CG1 . ILE B 1 81 ? 15.076  -29.451 -6.418  1.00 62.00  ? 55  ILE B CG1 1 
ATOM   866 C CG2 . ILE B 1 81 ? 14.242  -31.487 -5.238  1.00 64.73  ? 55  ILE B CG2 1 
ATOM   867 C CD1 . ILE B 1 81 ? 15.401  -28.713 -5.134  1.00 61.89  ? 55  ILE B CD1 1 
HETATM 868 O O   B HOH C 2 .  ? 1.497   2.939   5.473   0.50 35.53  ? 101 HOH A O   1 
HETATM 869 O O   . HOH C 2 .  ? 7.724   -16.152 -1.043  1.00 37.51  ? 102 HOH A O   1 
HETATM 870 O O   . HOH C 2 .  ? -4.162  16.199  5.619   1.00 50.43  ? 103 HOH A O   1 
HETATM 871 O O   . HOH C 2 .  ? 1.781   -24.594 7.571   1.00 52.37  ? 104 HOH A O   1 
HETATM 872 O O   . HOH C 2 .  ? -8.353  -2.849  9.829   1.00 51.96  ? 105 HOH A O   1 
HETATM 873 O O   . HOH C 2 .  ? 1.903   -5.999  2.528   1.00 42.30  ? 106 HOH A O   1 
HETATM 874 O O   . HOH C 2 .  ? -12.281 7.687   4.335   1.00 102.21 ? 107 HOH A O   1 
HETATM 875 O O   . HOH C 2 .  ? 1.359   -1.151  2.890   1.00 39.76  ? 108 HOH A O   1 
HETATM 876 O O   . HOH C 2 .  ? 3.792   -10.298 10.285  1.00 42.41  ? 109 HOH A O   1 
HETATM 877 O O   . HOH C 2 .  ? -1.497  14.309  7.673   1.00 49.78  ? 110 HOH A O   1 
HETATM 878 O O   . HOH C 2 .  ? -0.470  11.820  7.519   1.00 40.54  ? 111 HOH A O   1 
HETATM 879 O O   . HOH D 2 .  ? 9.584   -33.521 -9.768  1.00 52.38  ? 101 HOH B O   1 
HETATM 880 O O   . HOH D 2 .  ? -8.236  20.705  0.403   1.00 54.76  ? 102 HOH B O   1 
HETATM 881 O O   B HOH D 2 .  ? 5.323   -3.993  -11.217 0.50 34.61  ? 103 HOH B O   1 
HETATM 882 O O   . HOH D 2 .  ? -4.978  22.201  0.565   1.00 32.43  ? 104 HOH B O   1 
HETATM 883 O O   . HOH D 2 .  ? -7.726  25.569  -4.425  1.00 65.93  ? 105 HOH B O   1 
HETATM 884 O O   . HOH D 2 .  ? -5.481  45.922  -6.128  1.00 38.47  ? 106 HOH B O   1 
HETATM 885 O O   . HOH D 2 .  ? -5.681  5.400   -8.802  1.00 53.51  ? 107 HOH B O   1 
HETATM 886 O O   . HOH D 2 .  ? -7.895  20.187  -6.235  1.00 40.73  ? 108 HOH B O   1 
HETATM 887 O O   A HOH D 2 .  ? 4.117   -2.222  -10.183 0.50 27.74  ? 109 HOH B O   1 
HETATM 888 O O   . HOH D 2 .  ? -3.511  23.631  2.071   1.00 42.51  ? 110 HOH B O   1 
HETATM 889 O O   . HOH D 2 .  ? -7.423  16.698  -2.638  1.00 47.86  ? 111 HOH B O   1 
HETATM 890 O O   . HOH D 2 .  ? -7.518  12.413  -2.861  1.00 65.39  ? 112 HOH B O   1 
HETATM 891 O O   . HOH D 2 .  ? -4.758  26.718  -9.420  1.00 47.30  ? 113 HOH B O   1 
HETATM 892 O O   . HOH D 2 .  ? -7.051  24.048  3.658   1.00 47.83  ? 114 HOH B O   1 
HETATM 893 O O   . HOH D 2 .  ? -2.473  5.241   -9.912  1.00 73.74  ? 115 HOH B O   1 
HETATM 894 O O   . HOH D 2 .  ? -11.334 33.681  -3.549  1.00 43.03  ? 116 HOH B O   1 
# 
loop_
_pdbx_poly_seq_scheme.asym_id 
_pdbx_poly_seq_scheme.entity_id 
_pdbx_poly_seq_scheme.seq_id 
_pdbx_poly_seq_scheme.mon_id 
_pdbx_poly_seq_scheme.ndb_seq_num 
_pdbx_poly_seq_scheme.pdb_seq_num 
_pdbx_poly_seq_scheme.auth_seq_num 
_pdbx_poly_seq_scheme.pdb_mon_id 
_pdbx_poly_seq_scheme.auth_mon_id 
_pdbx_poly_seq_scheme.pdb_strand_id 
_pdbx_poly_seq_scheme.pdb_ins_code 
_pdbx_poly_seq_scheme.hetero 
A 1 1  MET 1  -25 ?  ?   ?   A . n 
A 1 2  ARG 2  -24 ?  ?   ?   A . n 
A 1 3  LEU 3  -23 ?  ?   ?   A . n 
A 1 4  PHE 4  -22 ?  ?   ?   A . n 
A 1 5  LEU 5  -21 ?  ?   ?   A . n 
A 1 6  SER 6  -20 ?  ?   ?   A . n 
A 1 7  LEU 7  -19 ?  ?   ?   A . n 
A 1 8  PRO 8  -18 ?  ?   ?   A . n 
A 1 9  VAL 9  -17 ?  ?   ?   A . n 
A 1 10 LEU 10 -16 ?  ?   ?   A . n 
A 1 11 VAL 11 -15 ?  ?   ?   A . n 
A 1 12 VAL 12 -14 ?  ?   ?   A . n 
A 1 13 VAL 13 -13 ?  ?   ?   A . n 
A 1 14 LEU 14 -12 ?  ?   ?   A . n 
A 1 15 SER 15 -11 ?  ?   ?   A . n 
A 1 16 ILE 16 -10 ?  ?   ?   A . n 
A 1 17 VAL 17 -9  ?  ?   ?   A . n 
A 1 18 LEU 18 -8  ?  ?   ?   A . n 
A 1 19 GLU 19 -7  ?  ?   ?   A . n 
A 1 20 GLY 20 -6  ?  ?   ?   A . n 
A 1 21 PRO 21 -5  ?  ?   ?   A . n 
A 1 22 ALA 22 -4  ?  ?   ?   A . n 
A 1 23 PRO 23 -3  ?  ?   ?   A . n 
A 1 24 ALA 24 -2  ?  ?   ?   A . n 
A 1 25 GLN 25 -1  ?  ?   ?   A . n 
A 1 26 GLY 26 0   ?  ?   ?   A . n 
A 1 27 THR 27 1   ?  ?   ?   A . n 
A 1 28 PRO 28 2   ?  ?   ?   A . n 
A 1 29 ASP 29 3   ?  ?   ?   A . n 
A 1 30 VAL 30 4   ?  ?   ?   A . n 
A 1 31 SER 31 5   5  SER SER A . n 
A 1 32 SER 32 6   6  SER SER A . n 
A 1 33 ALA 33 7   7  ALA ALA A . n 
A 1 34 LEU 34 8   8  LEU LEU A . n 
A 1 35 ASP 35 9   9  ASP ASP A . n 
A 1 36 LYS 36 10  10 LYS LYS A . n 
A 1 37 LEU 37 11  11 LEU LEU A . n 
A 1 38 LYS 38 12  12 LYS LYS A . n 
A 1 39 GLU 39 13  13 GLU GLU A . n 
A 1 40 PHE 40 14  14 PHE PHE A . n 
A 1 41 GLY 41 15  15 GLY GLY A . n 
A 1 42 ASN 42 16  16 ASN ASN A . n 
A 1 43 THR 43 17  17 THR THR A . n 
A 1 44 LEU 44 18  18 LEU LEU A . n 
A 1 45 GLU 45 19  19 GLU GLU A . n 
A 1 46 ASP 46 20  20 ASP ASP A . n 
A 1 47 LYS 47 21  21 LYS LYS A . n 
A 1 48 ALA 48 22  22 ALA ALA A . n 
A 1 49 ARG 49 23  23 ARG ARG A . n 
A 1 50 GLU 50 24  24 GLU GLU A . n 
A 1 51 LEU 51 25  25 LEU LEU A . n 
A 1 52 ILE 52 26  26 ILE ILE A . n 
A 1 53 SER 53 27  27 SER SER A . n 
A 1 54 ARG 54 28  28 ARG ARG A . n 
A 1 55 ILE 55 29  29 ILE ILE A . n 
A 1 56 LYS 56 30  30 LYS LYS A . n 
A 1 57 GLN 57 31  31 GLN GLN A . n 
A 1 58 SER 58 32  32 SER SER A . n 
A 1 59 GLU 59 33  33 GLU GLU A . n 
A 1 60 LEU 60 34  34 LEU LEU A . n 
A 1 61 SER 61 35  35 SER SER A . n 
A 1 62 ALA 62 36  36 ALA ALA A . n 
A 1 63 LYS 63 37  37 LYS LYS A . n 
A 1 64 MET 64 38  38 MET MET A . n 
A 1 65 ARG 65 39  39 ARG ARG A . n 
A 1 66 GLU 66 40  40 GLU GLU A . n 
A 1 67 TRP 67 41  41 TRP TRP A . n 
A 1 68 PHE 68 42  42 PHE PHE A . n 
A 1 69 SER 69 43  43 SER SER A . n 
A 1 70 GLU 70 44  44 GLU GLU A . n 
A 1 71 THR 71 45  45 THR THR A . n 
A 1 72 PHE 72 46  46 PHE PHE A . n 
A 1 73 GLN 73 47  47 GLN GLN A . n 
A 1 74 LYS 74 48  48 LYS LYS A . n 
A 1 75 VAL 75 49  49 VAL VAL A . n 
A 1 76 LYS 76 50  50 LYS LYS A . n 
A 1 77 GLU 77 51  51 GLU GLU A . n 
A 1 78 LYS 78 52  52 LYS LYS A . n 
A 1 79 LEU 79 53  53 LEU LEU A . n 
A 1 80 LYS 80 54  54 LYS LYS A . n 
A 1 81 ILE 81 55  55 ILE ILE A . n 
A 1 82 ASP 82 56  ?  ?   ?   A . n 
A 1 83 SER 83 57  ?  ?   ?   A . n 
B 1 1  MET 1  -25 ?  ?   ?   B . n 
B 1 2  ARG 2  -24 ?  ?   ?   B . n 
B 1 3  LEU 3  -23 ?  ?   ?   B . n 
B 1 4  PHE 4  -22 ?  ?   ?   B . n 
B 1 5  LEU 5  -21 ?  ?   ?   B . n 
B 1 6  SER 6  -20 ?  ?   ?   B . n 
B 1 7  LEU 7  -19 ?  ?   ?   B . n 
B 1 8  PRO 8  -18 ?  ?   ?   B . n 
B 1 9  VAL 9  -17 ?  ?   ?   B . n 
B 1 10 LEU 10 -16 ?  ?   ?   B . n 
B 1 11 VAL 11 -15 ?  ?   ?   B . n 
B 1 12 VAL 12 -14 ?  ?   ?   B . n 
B 1 13 VAL 13 -13 ?  ?   ?   B . n 
B 1 14 LEU 14 -12 ?  ?   ?   B . n 
B 1 15 SER 15 -11 ?  ?   ?   B . n 
B 1 16 ILE 16 -10 ?  ?   ?   B . n 
B 1 17 VAL 17 -9  ?  ?   ?   B . n 
B 1 18 LEU 18 -8  ?  ?   ?   B . n 
B 1 19 GLU 19 -7  ?  ?   ?   B . n 
B 1 20 GLY 20 -6  ?  ?   ?   B . n 
B 1 21 PRO 21 -5  ?  ?   ?   B . n 
B 1 22 ALA 22 -4  ?  ?   ?   B . n 
B 1 23 PRO 23 -3  ?  ?   ?   B . n 
B 1 24 ALA 24 -2  ?  ?   ?   B . n 
B 1 25 GLN 25 -1  ?  ?   ?   B . n 
B 1 26 GLY 26 0   ?  ?   ?   B . n 
B 1 27 THR 27 1   ?  ?   ?   B . n 
B 1 28 PRO 28 2   ?  ?   ?   B . n 
B 1 29 ASP 29 3   3  ASP ASP B . n 
B 1 30 VAL 30 4   4  VAL VAL B . n 
B 1 31 SER 31 5   5  SER SER B . n 
B 1 32 SER 32 6   6  SER SER B . n 
B 1 33 ALA 33 7   7  ALA ALA B . n 
B 1 34 LEU 34 8   8  LEU LEU B . n 
B 1 35 ASP 35 9   9  ASP ASP B . n 
B 1 36 LYS 36 10  10 LYS LYS B . n 
B 1 37 LEU 37 11  11 LEU LEU B . n 
B 1 38 LYS 38 12  12 LYS LYS B . n 
B 1 39 GLU 39 13  13 GLU GLU B . n 
B 1 40 PHE 40 14  14 PHE PHE B . n 
B 1 41 GLY 41 15  15 GLY GLY B . n 
B 1 42 ASN 42 16  16 ASN ASN B . n 
B 1 43 THR 43 17  17 THR THR B . n 
B 1 44 LEU 44 18  18 LEU LEU B . n 
B 1 45 GLU 45 19  19 GLU GLU B . n 
B 1 46 ASP 46 20  20 ASP ASP B . n 
B 1 47 LYS 47 21  21 LYS LYS B . n 
B 1 48 ALA 48 22  22 ALA ALA B . n 
B 1 49 ARG 49 23  23 ARG ARG B . n 
B 1 50 GLU 50 24  24 GLU GLU B . n 
B 1 51 LEU 51 25  25 LEU LEU B . n 
B 1 52 ILE 52 26  26 ILE ILE B . n 
B 1 53 SER 53 27  27 SER SER B . n 
B 1 54 ARG 54 28  28 ARG ARG B . n 
B 1 55 ILE 55 29  29 ILE ILE B . n 
B 1 56 LYS 56 30  30 LYS LYS B . n 
B 1 57 GLN 57 31  31 GLN GLN B . n 
B 1 58 SER 58 32  32 SER SER B . n 
B 1 59 GLU 59 33  33 GLU GLU B . n 
B 1 60 LEU 60 34  34 LEU LEU B . n 
B 1 61 SER 61 35  35 SER SER B . n 
B 1 62 ALA 62 36  36 ALA ALA B . n 
B 1 63 LYS 63 37  37 LYS LYS B . n 
B 1 64 MET 64 38  38 MET MET B . n 
B 1 65 ARG 65 39  39 ARG ARG B . n 
B 1 66 GLU 66 40  40 GLU GLU B . n 
B 1 67 TRP 67 41  41 TRP TRP B . n 
B 1 68 PHE 68 42  42 PHE PHE B . n 
B 1 69 SER 69 43  43 SER SER B . n 
B 1 70 GLU 70 44  44 GLU GLU B . n 
B 1 71 THR 71 45  45 THR THR B . n 
B 1 72 PHE 72 46  46 PHE PHE B . n 
B 1 73 GLN 73 47  47 GLN GLN B . n 
B 1 74 LYS 74 48  48 LYS LYS B . n 
B 1 75 VAL 75 49  49 VAL VAL B . n 
B 1 76 LYS 76 50  50 LYS LYS B . n 
B 1 77 GLU 77 51  51 GLU GLU B . n 
B 1 78 LYS 78 52  52 LYS LYS B . n 
B 1 79 LEU 79 53  53 LEU LEU B . n 
B 1 80 LYS 80 54  54 LYS LYS B . n 
B 1 81 ILE 81 55  55 ILE ILE B . n 
B 1 82 ASP 82 56  ?  ?   ?   B . n 
B 1 83 SER 83 57  ?  ?   ?   B . n 
# 
loop_
_pdbx_nonpoly_scheme.asym_id 
_pdbx_nonpoly_scheme.entity_id 
_pdbx_nonpoly_scheme.mon_id 
_pdbx_nonpoly_scheme.ndb_seq_num 
_pdbx_nonpoly_scheme.pdb_seq_num 
_pdbx_nonpoly_scheme.auth_seq_num 
_pdbx_nonpoly_scheme.pdb_mon_id 
_pdbx_nonpoly_scheme.auth_mon_id 
_pdbx_nonpoly_scheme.pdb_strand_id 
_pdbx_nonpoly_scheme.pdb_ins_code 
C 2 HOH 1  101 17 HOH HOH A . 
C 2 HOH 2  102 12 HOH HOH A . 
C 2 HOH 3  103 8  HOH HOH A . 
C 2 HOH 4  104 21 HOH HOH A . 
C 2 HOH 5  105 11 HOH HOH A . 
C 2 HOH 6  106 16 HOH HOH A . 
C 2 HOH 7  107 22 HOH HOH A . 
C 2 HOH 8  108 9  HOH HOH A . 
C 2 HOH 9  109 23 HOH HOH A . 
C 2 HOH 10 110 27 HOH HOH A . 
C 2 HOH 11 111 26 HOH HOH A . 
D 2 HOH 1  101 18 HOH HOH B . 
D 2 HOH 2  102 10 HOH HOH B . 
D 2 HOH 3  103 25 HOH HOH B . 
D 2 HOH 4  104 2  HOH HOH B . 
D 2 HOH 5  105 14 HOH HOH B . 
D 2 HOH 6  106 3  HOH HOH B . 
D 2 HOH 7  107 7  HOH HOH B . 
D 2 HOH 8  108 13 HOH HOH B . 
D 2 HOH 9  109 4  HOH HOH B . 
D 2 HOH 10 110 19 HOH HOH B . 
D 2 HOH 11 111 6  HOH HOH B . 
D 2 HOH 12 112 5  HOH HOH B . 
D 2 HOH 13 113 28 HOH HOH B . 
D 2 HOH 14 114 20 HOH HOH B . 
D 2 HOH 15 115 24 HOH HOH B . 
D 2 HOH 16 116 15 HOH HOH B . 
# 
_pdbx_struct_assembly.id                   1 
_pdbx_struct_assembly.details              author_and_software_defined_assembly 
_pdbx_struct_assembly.method_details       PISA 
_pdbx_struct_assembly.oligomeric_details   dimeric 
_pdbx_struct_assembly.oligomeric_count     2 
# 
loop_
_pdbx_struct_assembly_gen.assembly_id 
_pdbx_struct_assembly_gen.oper_expression 
_pdbx_struct_assembly_gen.asym_id_list 
1 1 A,C 
1 2 B,D 
# 
loop_
_pdbx_struct_assembly_prop.biol_id 
_pdbx_struct_assembly_prop.type 
_pdbx_struct_assembly_prop.value 
_pdbx_struct_assembly_prop.details 
1 'ABSA (A^2)' 1480 ? 
1 MORE         -15  ? 
1 'SSA (A^2)'  8960 ? 
# 
loop_
_pdbx_struct_oper_list.id 
_pdbx_struct_oper_list.type 
_pdbx_struct_oper_list.name 
_pdbx_struct_oper_list.symmetry_operation 
_pdbx_struct_oper_list.matrix[1][1] 
_pdbx_struct_oper_list.matrix[1][2] 
_pdbx_struct_oper_list.matrix[1][3] 
_pdbx_struct_oper_list.vector[1] 
_pdbx_struct_oper_list.matrix[2][1] 
_pdbx_struct_oper_list.matrix[2][2] 
_pdbx_struct_oper_list.matrix[2][3] 
_pdbx_struct_oper_list.vector[2] 
_pdbx_struct_oper_list.matrix[3][1] 
_pdbx_struct_oper_list.matrix[3][2] 
_pdbx_struct_oper_list.matrix[3][3] 
_pdbx_struct_oper_list.vector[3] 
1 'identity operation'         1_555 x,y,z     1.0000000000 0.0000000000 0.0000000000 0.0000000000  0.0000000000 1.0000000000 0.0000000000 0.0000000000   0.0000000000 0.0000000000 1.0000000000 0.0000000000 
2 'crystal symmetry operation' 1_656 x+1,y,z+1 1.0000000000 0.0000000000 0.0000000000 -3.9118925319 0.0000000000 1.0000000000 0.0000000000 -42.5941398148 0.0000000000 0.0000000000 1.0000000000 3.3066756623 
# 
loop_
_pdbx_audit_revision_history.ordinal 
_pdbx_audit_revision_history.data_content_type 
_pdbx_audit_revision_history.major_revision 
_pdbx_audit_revision_history.minor_revision 
_pdbx_audit_revision_history.revision_date 
1 'Structure model' 1 0 2018-12-26 
2 'Structure model' 1 1 2019-01-16 
3 'Structure model' 1 2 2019-02-13 
4 'Structure model' 1 3 2023-10-11 
# 
_pdbx_audit_revision_details.ordinal             1 
_pdbx_audit_revision_details.revision_ordinal    1 
_pdbx_audit_revision_details.data_content_type   'Structure model' 
_pdbx_audit_revision_details.provider            repository 
_pdbx_audit_revision_details.type                'Initial release' 
_pdbx_audit_revision_details.description         ? 
_pdbx_audit_revision_details.details             ? 
# 
loop_
_pdbx_audit_revision_group.ordinal 
_pdbx_audit_revision_group.revision_ordinal 
_pdbx_audit_revision_group.data_content_type 
_pdbx_audit_revision_group.group 
1 2 'Structure model' 'Data collection'        
2 2 'Structure model' 'Database references'    
3 3 'Structure model' 'Data collection'        
4 3 'Structure model' 'Database references'    
5 4 'Structure model' 'Data collection'        
6 4 'Structure model' 'Database references'    
7 4 'Structure model' 'Refinement description' 
# 
loop_
_pdbx_audit_revision_category.ordinal 
_pdbx_audit_revision_category.revision_ordinal 
_pdbx_audit_revision_category.data_content_type 
_pdbx_audit_revision_category.category 
1 2 'Structure model' citation                      
2 3 'Structure model' citation                      
3 4 'Structure model' chem_comp_atom                
4 4 'Structure model' chem_comp_bond                
5 4 'Structure model' database_2                    
6 4 'Structure model' pdbx_initial_refinement_model 
# 
loop_
_pdbx_audit_revision_item.ordinal 
_pdbx_audit_revision_item.revision_ordinal 
_pdbx_audit_revision_item.data_content_type 
_pdbx_audit_revision_item.item 
1  2 'Structure model' '_citation.journal_abbrev'            
2  2 'Structure model' '_citation.journal_id_ISSN'           
3  2 'Structure model' '_citation.pdbx_database_id_DOI'      
4  2 'Structure model' '_citation.pdbx_database_id_PubMed'   
5  2 'Structure model' '_citation.title'                     
6  3 'Structure model' '_citation.journal_volume'            
7  3 'Structure model' '_citation.page_first'                
8  3 'Structure model' '_citation.page_last'                 
9  3 'Structure model' '_citation.title'                     
10 3 'Structure model' '_citation.year'                      
11 4 'Structure model' '_database_2.pdbx_DOI'                
12 4 'Structure model' '_database_2.pdbx_database_accession' 
# 
loop_
_software.citation_id 
_software.classification 
_software.compiler_name 
_software.compiler_version 
_software.contact_author 
_software.contact_author_email 
_software.date 
_software.description 
_software.dependencies 
_software.hardware 
_software.language 
_software.location 
_software.mods 
_software.name 
_software.os 
_software.os_version 
_software.type 
_software.version 
_software.pdbx_ordinal 
? refinement       ? ? ? ? ? ? ? ? ? ? ? REFMAC      ? ? ? 5.8.0158 1 
? 'data reduction' ? ? ? ? ? ? ? ? ? ? ? UCSD-system ? ? ? .        2 
? 'data scaling'   ? ? ? ? ? ? ? ? ? ? ? Aimless     ? ? ? .        3 
? phasing          ? ? ? ? ? ? ? ? ? ? ? PHASER      ? ? ? .        4 
# 
_pdbx_validate_torsion.id              1 
_pdbx_validate_torsion.PDB_model_num   1 
_pdbx_validate_torsion.auth_comp_id    LYS 
_pdbx_validate_torsion.auth_asym_id    A 
_pdbx_validate_torsion.auth_seq_id     54 
_pdbx_validate_torsion.PDB_ins_code    ? 
_pdbx_validate_torsion.label_alt_id    ? 
_pdbx_validate_torsion.phi             55.43 
_pdbx_validate_torsion.psi             -130.93 
# 
loop_
_pdbx_unobs_or_zero_occ_residues.id 
_pdbx_unobs_or_zero_occ_residues.PDB_model_num 
_pdbx_unobs_or_zero_occ_residues.polymer_flag 
_pdbx_unobs_or_zero_occ_residues.occupancy_flag 
_pdbx_unobs_or_zero_occ_residues.auth_asym_id 
_pdbx_unobs_or_zero_occ_residues.auth_comp_id 
_pdbx_unobs_or_zero_occ_residues.auth_seq_id 
_pdbx_unobs_or_zero_occ_residues.PDB_ins_code 
_pdbx_unobs_or_zero_occ_residues.label_asym_id 
_pdbx_unobs_or_zero_occ_residues.label_comp_id 
_pdbx_unobs_or_zero_occ_residues.label_seq_id 
1  1 Y 1 A MET -25 ? A MET 1  
2  1 Y 1 A ARG -24 ? A ARG 2  
3  1 Y 1 A LEU -23 ? A LEU 3  
4  1 Y 1 A PHE -22 ? A PHE 4  
5  1 Y 1 A LEU -21 ? A LEU 5  
6  1 Y 1 A SER -20 ? A SER 6  
7  1 Y 1 A LEU -19 ? A LEU 7  
8  1 Y 1 A PRO -18 ? A PRO 8  
9  1 Y 1 A VAL -17 ? A VAL 9  
10 1 Y 1 A LEU -16 ? A LEU 10 
11 1 Y 1 A VAL -15 ? A VAL 11 
12 1 Y 1 A VAL -14 ? A VAL 12 
13 1 Y 1 A VAL -13 ? A VAL 13 
14 1 Y 1 A LEU -12 ? A LEU 14 
15 1 Y 1 A SER -11 ? A SER 15 
16 1 Y 1 A ILE -10 ? A ILE 16 
17 1 Y 1 A VAL -9  ? A VAL 17 
18 1 Y 1 A LEU -8  ? A LEU 18 
19 1 Y 1 A GLU -7  ? A GLU 19 
20 1 Y 1 A GLY -6  ? A GLY 20 
21 1 Y 1 A PRO -5  ? A PRO 21 
22 1 Y 1 A ALA -4  ? A ALA 22 
23 1 Y 1 A PRO -3  ? A PRO 23 
24 1 Y 1 A ALA -2  ? A ALA 24 
25 1 Y 1 A GLN -1  ? A GLN 25 
26 1 Y 1 A GLY 0   ? A GLY 26 
27 1 Y 1 A THR 1   ? A THR 27 
28 1 Y 1 A PRO 2   ? A PRO 28 
29 1 Y 1 A ASP 3   ? A ASP 29 
30 1 Y 1 A VAL 4   ? A VAL 30 
31 1 Y 1 A ASP 56  ? A ASP 82 
32 1 Y 1 A SER 57  ? A SER 83 
33 1 Y 1 B MET -25 ? B MET 1  
34 1 Y 1 B ARG -24 ? B ARG 2  
35 1 Y 1 B LEU -23 ? B LEU 3  
36 1 Y 1 B PHE -22 ? B PHE 4  
37 1 Y 1 B LEU -21 ? B LEU 5  
38 1 Y 1 B SER -20 ? B SER 6  
39 1 Y 1 B LEU -19 ? B LEU 7  
40 1 Y 1 B PRO -18 ? B PRO 8  
41 1 Y 1 B VAL -17 ? B VAL 9  
42 1 Y 1 B LEU -16 ? B LEU 10 
43 1 Y 1 B VAL -15 ? B VAL 11 
44 1 Y 1 B VAL -14 ? B VAL 12 
45 1 Y 1 B VAL -13 ? B VAL 13 
46 1 Y 1 B LEU -12 ? B LEU 14 
47 1 Y 1 B SER -11 ? B SER 15 
48 1 Y 1 B ILE -10 ? B ILE 16 
49 1 Y 1 B VAL -9  ? B VAL 17 
50 1 Y 1 B LEU -8  ? B LEU 18 
51 1 Y 1 B GLU -7  ? B GLU 19 
52 1 Y 1 B GLY -6  ? B GLY 20 
53 1 Y 1 B PRO -5  ? B PRO 21 
54 1 Y 1 B ALA -4  ? B ALA 22 
55 1 Y 1 B PRO -3  ? B PRO 23 
56 1 Y 1 B ALA -2  ? B ALA 24 
57 1 Y 1 B GLN -1  ? B GLN 25 
58 1 Y 1 B GLY 0   ? B GLY 26 
59 1 Y 1 B THR 1   ? B THR 27 
60 1 Y 1 B PRO 2   ? B PRO 28 
61 1 Y 1 B ASP 56  ? B ASP 82 
62 1 Y 1 B SER 57  ? B SER 83 
# 
loop_
_chem_comp_atom.comp_id 
_chem_comp_atom.atom_id 
_chem_comp_atom.type_symbol 
_chem_comp_atom.pdbx_aromatic_flag 
_chem_comp_atom.pdbx_stereo_config 
_chem_comp_atom.pdbx_ordinal 
ALA N    N N N 1   
ALA CA   C N S 2   
ALA C    C N N 3   
ALA O    O N N 4   
ALA CB   C N N 5   
ALA OXT  O N N 6   
ALA H    H N N 7   
ALA H2   H N N 8   
ALA HA   H N N 9   
ALA HB1  H N N 10  
ALA HB2  H N N 11  
ALA HB3  H N N 12  
ALA HXT  H N N 13  
ARG N    N N N 14  
ARG CA   C N S 15  
ARG C    C N N 16  
ARG O    O N N 17  
ARG CB   C N N 18  
ARG CG   C N N 19  
ARG CD   C N N 20  
ARG NE   N N N 21  
ARG CZ   C N N 22  
ARG NH1  N N N 23  
ARG NH2  N N N 24  
ARG OXT  O N N 25  
ARG H    H N N 26  
ARG H2   H N N 27  
ARG HA   H N N 28  
ARG HB2  H N N 29  
ARG HB3  H N N 30  
ARG HG2  H N N 31  
ARG HG3  H N N 32  
ARG HD2  H N N 33  
ARG HD3  H N N 34  
ARG HE   H N N 35  
ARG HH11 H N N 36  
ARG HH12 H N N 37  
ARG HH21 H N N 38  
ARG HH22 H N N 39  
ARG HXT  H N N 40  
ASN N    N N N 41  
ASN CA   C N S 42  
ASN C    C N N 43  
ASN O    O N N 44  
ASN CB   C N N 45  
ASN CG   C N N 46  
ASN OD1  O N N 47  
ASN ND2  N N N 48  
ASN OXT  O N N 49  
ASN H    H N N 50  
ASN H2   H N N 51  
ASN HA   H N N 52  
ASN HB2  H N N 53  
ASN HB3  H N N 54  
ASN HD21 H N N 55  
ASN HD22 H N N 56  
ASN HXT  H N N 57  
ASP N    N N N 58  
ASP CA   C N S 59  
ASP C    C N N 60  
ASP O    O N N 61  
ASP CB   C N N 62  
ASP CG   C N N 63  
ASP OD1  O N N 64  
ASP OD2  O N N 65  
ASP OXT  O N N 66  
ASP H    H N N 67  
ASP H2   H N N 68  
ASP HA   H N N 69  
ASP HB2  H N N 70  
ASP HB3  H N N 71  
ASP HD2  H N N 72  
ASP HXT  H N N 73  
GLN N    N N N 74  
GLN CA   C N S 75  
GLN C    C N N 76  
GLN O    O N N 77  
GLN CB   C N N 78  
GLN CG   C N N 79  
GLN CD   C N N 80  
GLN OE1  O N N 81  
GLN NE2  N N N 82  
GLN OXT  O N N 83  
GLN H    H N N 84  
GLN H2   H N N 85  
GLN HA   H N N 86  
GLN HB2  H N N 87  
GLN HB3  H N N 88  
GLN HG2  H N N 89  
GLN HG3  H N N 90  
GLN HE21 H N N 91  
GLN HE22 H N N 92  
GLN HXT  H N N 93  
GLU N    N N N 94  
GLU CA   C N S 95  
GLU C    C N N 96  
GLU O    O N N 97  
GLU CB   C N N 98  
GLU CG   C N N 99  
GLU CD   C N N 100 
GLU OE1  O N N 101 
GLU OE2  O N N 102 
GLU OXT  O N N 103 
GLU H    H N N 104 
GLU H2   H N N 105 
GLU HA   H N N 106 
GLU HB2  H N N 107 
GLU HB3  H N N 108 
GLU HG2  H N N 109 
GLU HG3  H N N 110 
GLU HE2  H N N 111 
GLU HXT  H N N 112 
GLY N    N N N 113 
GLY CA   C N N 114 
GLY C    C N N 115 
GLY O    O N N 116 
GLY OXT  O N N 117 
GLY H    H N N 118 
GLY H2   H N N 119 
GLY HA2  H N N 120 
GLY HA3  H N N 121 
GLY HXT  H N N 122 
HOH O    O N N 123 
HOH H1   H N N 124 
HOH H2   H N N 125 
ILE N    N N N 126 
ILE CA   C N S 127 
ILE C    C N N 128 
ILE O    O N N 129 
ILE CB   C N S 130 
ILE CG1  C N N 131 
ILE CG2  C N N 132 
ILE CD1  C N N 133 
ILE OXT  O N N 134 
ILE H    H N N 135 
ILE H2   H N N 136 
ILE HA   H N N 137 
ILE HB   H N N 138 
ILE HG12 H N N 139 
ILE HG13 H N N 140 
ILE HG21 H N N 141 
ILE HG22 H N N 142 
ILE HG23 H N N 143 
ILE HD11 H N N 144 
ILE HD12 H N N 145 
ILE HD13 H N N 146 
ILE HXT  H N N 147 
LEU N    N N N 148 
LEU CA   C N S 149 
LEU C    C N N 150 
LEU O    O N N 151 
LEU CB   C N N 152 
LEU CG   C N N 153 
LEU CD1  C N N 154 
LEU CD2  C N N 155 
LEU OXT  O N N 156 
LEU H    H N N 157 
LEU H2   H N N 158 
LEU HA   H N N 159 
LEU HB2  H N N 160 
LEU HB3  H N N 161 
LEU HG   H N N 162 
LEU HD11 H N N 163 
LEU HD12 H N N 164 
LEU HD13 H N N 165 
LEU HD21 H N N 166 
LEU HD22 H N N 167 
LEU HD23 H N N 168 
LEU HXT  H N N 169 
LYS N    N N N 170 
LYS CA   C N S 171 
LYS C    C N N 172 
LYS O    O N N 173 
LYS CB   C N N 174 
LYS CG   C N N 175 
LYS CD   C N N 176 
LYS CE   C N N 177 
LYS NZ   N N N 178 
LYS OXT  O N N 179 
LYS H    H N N 180 
LYS H2   H N N 181 
LYS HA   H N N 182 
LYS HB2  H N N 183 
LYS HB3  H N N 184 
LYS HG2  H N N 185 
LYS HG3  H N N 186 
LYS HD2  H N N 187 
LYS HD3  H N N 188 
LYS HE2  H N N 189 
LYS HE3  H N N 190 
LYS HZ1  H N N 191 
LYS HZ2  H N N 192 
LYS HZ3  H N N 193 
LYS HXT  H N N 194 
MET N    N N N 195 
MET CA   C N S 196 
MET C    C N N 197 
MET O    O N N 198 
MET CB   C N N 199 
MET CG   C N N 200 
MET SD   S N N 201 
MET CE   C N N 202 
MET OXT  O N N 203 
MET H    H N N 204 
MET H2   H N N 205 
MET HA   H N N 206 
MET HB2  H N N 207 
MET HB3  H N N 208 
MET HG2  H N N 209 
MET HG3  H N N 210 
MET HE1  H N N 211 
MET HE2  H N N 212 
MET HE3  H N N 213 
MET HXT  H N N 214 
PHE N    N N N 215 
PHE CA   C N S 216 
PHE C    C N N 217 
PHE O    O N N 218 
PHE CB   C N N 219 
PHE CG   C Y N 220 
PHE CD1  C Y N 221 
PHE CD2  C Y N 222 
PHE CE1  C Y N 223 
PHE CE2  C Y N 224 
PHE CZ   C Y N 225 
PHE OXT  O N N 226 
PHE H    H N N 227 
PHE H2   H N N 228 
PHE HA   H N N 229 
PHE HB2  H N N 230 
PHE HB3  H N N 231 
PHE HD1  H N N 232 
PHE HD2  H N N 233 
PHE HE1  H N N 234 
PHE HE2  H N N 235 
PHE HZ   H N N 236 
PHE HXT  H N N 237 
PRO N    N N N 238 
PRO CA   C N S 239 
PRO C    C N N 240 
PRO O    O N N 241 
PRO CB   C N N 242 
PRO CG   C N N 243 
PRO CD   C N N 244 
PRO OXT  O N N 245 
PRO H    H N N 246 
PRO HA   H N N 247 
PRO HB2  H N N 248 
PRO HB3  H N N 249 
PRO HG2  H N N 250 
PRO HG3  H N N 251 
PRO HD2  H N N 252 
PRO HD3  H N N 253 
PRO HXT  H N N 254 
SER N    N N N 255 
SER CA   C N S 256 
SER C    C N N 257 
SER O    O N N 258 
SER CB   C N N 259 
SER OG   O N N 260 
SER OXT  O N N 261 
SER H    H N N 262 
SER H2   H N N 263 
SER HA   H N N 264 
SER HB2  H N N 265 
SER HB3  H N N 266 
SER HG   H N N 267 
SER HXT  H N N 268 
THR N    N N N 269 
THR CA   C N S 270 
THR C    C N N 271 
THR O    O N N 272 
THR CB   C N R 273 
THR OG1  O N N 274 
THR CG2  C N N 275 
THR OXT  O N N 276 
THR H    H N N 277 
THR H2   H N N 278 
THR HA   H N N 279 
THR HB   H N N 280 
THR HG1  H N N 281 
THR HG21 H N N 282 
THR HG22 H N N 283 
THR HG23 H N N 284 
THR HXT  H N N 285 
TRP N    N N N 286 
TRP CA   C N S 287 
TRP C    C N N 288 
TRP O    O N N 289 
TRP CB   C N N 290 
TRP CG   C Y N 291 
TRP CD1  C Y N 292 
TRP CD2  C Y N 293 
TRP NE1  N Y N 294 
TRP CE2  C Y N 295 
TRP CE3  C Y N 296 
TRP CZ2  C Y N 297 
TRP CZ3  C Y N 298 
TRP CH2  C Y N 299 
TRP OXT  O N N 300 
TRP H    H N N 301 
TRP H2   H N N 302 
TRP HA   H N N 303 
TRP HB2  H N N 304 
TRP HB3  H N N 305 
TRP HD1  H N N 306 
TRP HE1  H N N 307 
TRP HE3  H N N 308 
TRP HZ2  H N N 309 
TRP HZ3  H N N 310 
TRP HH2  H N N 311 
TRP HXT  H N N 312 
VAL N    N N N 313 
VAL CA   C N S 314 
VAL C    C N N 315 
VAL O    O N N 316 
VAL CB   C N N 317 
VAL CG1  C N N 318 
VAL CG2  C N N 319 
VAL OXT  O N N 320 
VAL H    H N N 321 
VAL H2   H N N 322 
VAL HA   H N N 323 
VAL HB   H N N 324 
VAL HG11 H N N 325 
VAL HG12 H N N 326 
VAL HG13 H N N 327 
VAL HG21 H N N 328 
VAL HG22 H N N 329 
VAL HG23 H N N 330 
VAL HXT  H N N 331 
# 
loop_
_chem_comp_bond.comp_id 
_chem_comp_bond.atom_id_1 
_chem_comp_bond.atom_id_2 
_chem_comp_bond.value_order 
_chem_comp_bond.pdbx_aromatic_flag 
_chem_comp_bond.pdbx_stereo_config 
_chem_comp_bond.pdbx_ordinal 
ALA N   CA   sing N N 1   
ALA N   H    sing N N 2   
ALA N   H2   sing N N 3   
ALA CA  C    sing N N 4   
ALA CA  CB   sing N N 5   
ALA CA  HA   sing N N 6   
ALA C   O    doub N N 7   
ALA C   OXT  sing N N 8   
ALA CB  HB1  sing N N 9   
ALA CB  HB2  sing N N 10  
ALA CB  HB3  sing N N 11  
ALA OXT HXT  sing N N 12  
ARG N   CA   sing N N 13  
ARG N   H    sing N N 14  
ARG N   H2   sing N N 15  
ARG CA  C    sing N N 16  
ARG CA  CB   sing N N 17  
ARG CA  HA   sing N N 18  
ARG C   O    doub N N 19  
ARG C   OXT  sing N N 20  
ARG CB  CG   sing N N 21  
ARG CB  HB2  sing N N 22  
ARG CB  HB3  sing N N 23  
ARG CG  CD   sing N N 24  
ARG CG  HG2  sing N N 25  
ARG CG  HG3  sing N N 26  
ARG CD  NE   sing N N 27  
ARG CD  HD2  sing N N 28  
ARG CD  HD3  sing N N 29  
ARG NE  CZ   sing N N 30  
ARG NE  HE   sing N N 31  
ARG CZ  NH1  sing N N 32  
ARG CZ  NH2  doub N N 33  
ARG NH1 HH11 sing N N 34  
ARG NH1 HH12 sing N N 35  
ARG NH2 HH21 sing N N 36  
ARG NH2 HH22 sing N N 37  
ARG OXT HXT  sing N N 38  
ASN N   CA   sing N N 39  
ASN N   H    sing N N 40  
ASN N   H2   sing N N 41  
ASN CA  C    sing N N 42  
ASN CA  CB   sing N N 43  
ASN CA  HA   sing N N 44  
ASN C   O    doub N N 45  
ASN C   OXT  sing N N 46  
ASN CB  CG   sing N N 47  
ASN CB  HB2  sing N N 48  
ASN CB  HB3  sing N N 49  
ASN CG  OD1  doub N N 50  
ASN CG  ND2  sing N N 51  
ASN ND2 HD21 sing N N 52  
ASN ND2 HD22 sing N N 53  
ASN OXT HXT  sing N N 54  
ASP N   CA   sing N N 55  
ASP N   H    sing N N 56  
ASP N   H2   sing N N 57  
ASP CA  C    sing N N 58  
ASP CA  CB   sing N N 59  
ASP CA  HA   sing N N 60  
ASP C   O    doub N N 61  
ASP C   OXT  sing N N 62  
ASP CB  CG   sing N N 63  
ASP CB  HB2  sing N N 64  
ASP CB  HB3  sing N N 65  
ASP CG  OD1  doub N N 66  
ASP CG  OD2  sing N N 67  
ASP OD2 HD2  sing N N 68  
ASP OXT HXT  sing N N 69  
GLN N   CA   sing N N 70  
GLN N   H    sing N N 71  
GLN N   H2   sing N N 72  
GLN CA  C    sing N N 73  
GLN CA  CB   sing N N 74  
GLN CA  HA   sing N N 75  
GLN C   O    doub N N 76  
GLN C   OXT  sing N N 77  
GLN CB  CG   sing N N 78  
GLN CB  HB2  sing N N 79  
GLN CB  HB3  sing N N 80  
GLN CG  CD   sing N N 81  
GLN CG  HG2  sing N N 82  
GLN CG  HG3  sing N N 83  
GLN CD  OE1  doub N N 84  
GLN CD  NE2  sing N N 85  
GLN NE2 HE21 sing N N 86  
GLN NE2 HE22 sing N N 87  
GLN OXT HXT  sing N N 88  
GLU N   CA   sing N N 89  
GLU N   H    sing N N 90  
GLU N   H2   sing N N 91  
GLU CA  C    sing N N 92  
GLU CA  CB   sing N N 93  
GLU CA  HA   sing N N 94  
GLU C   O    doub N N 95  
GLU C   OXT  sing N N 96  
GLU CB  CG   sing N N 97  
GLU CB  HB2  sing N N 98  
GLU CB  HB3  sing N N 99  
GLU CG  CD   sing N N 100 
GLU CG  HG2  sing N N 101 
GLU CG  HG3  sing N N 102 
GLU CD  OE1  doub N N 103 
GLU CD  OE2  sing N N 104 
GLU OE2 HE2  sing N N 105 
GLU OXT HXT  sing N N 106 
GLY N   CA   sing N N 107 
GLY N   H    sing N N 108 
GLY N   H2   sing N N 109 
GLY CA  C    sing N N 110 
GLY CA  HA2  sing N N 111 
GLY CA  HA3  sing N N 112 
GLY C   O    doub N N 113 
GLY C   OXT  sing N N 114 
GLY OXT HXT  sing N N 115 
HOH O   H1   sing N N 116 
HOH O   H2   sing N N 117 
ILE N   CA   sing N N 118 
ILE N   H    sing N N 119 
ILE N   H2   sing N N 120 
ILE CA  C    sing N N 121 
ILE CA  CB   sing N N 122 
ILE CA  HA   sing N N 123 
ILE C   O    doub N N 124 
ILE C   OXT  sing N N 125 
ILE CB  CG1  sing N N 126 
ILE CB  CG2  sing N N 127 
ILE CB  HB   sing N N 128 
ILE CG1 CD1  sing N N 129 
ILE CG1 HG12 sing N N 130 
ILE CG1 HG13 sing N N 131 
ILE CG2 HG21 sing N N 132 
ILE CG2 HG22 sing N N 133 
ILE CG2 HG23 sing N N 134 
ILE CD1 HD11 sing N N 135 
ILE CD1 HD12 sing N N 136 
ILE CD1 HD13 sing N N 137 
ILE OXT HXT  sing N N 138 
LEU N   CA   sing N N 139 
LEU N   H    sing N N 140 
LEU N   H2   sing N N 141 
LEU CA  C    sing N N 142 
LEU CA  CB   sing N N 143 
LEU CA  HA   sing N N 144 
LEU C   O    doub N N 145 
LEU C   OXT  sing N N 146 
LEU CB  CG   sing N N 147 
LEU CB  HB2  sing N N 148 
LEU CB  HB3  sing N N 149 
LEU CG  CD1  sing N N 150 
LEU CG  CD2  sing N N 151 
LEU CG  HG   sing N N 152 
LEU CD1 HD11 sing N N 153 
LEU CD1 HD12 sing N N 154 
LEU CD1 HD13 sing N N 155 
LEU CD2 HD21 sing N N 156 
LEU CD2 HD22 sing N N 157 
LEU CD2 HD23 sing N N 158 
LEU OXT HXT  sing N N 159 
LYS N   CA   sing N N 160 
LYS N   H    sing N N 161 
LYS N   H2   sing N N 162 
LYS CA  C    sing N N 163 
LYS CA  CB   sing N N 164 
LYS CA  HA   sing N N 165 
LYS C   O    doub N N 166 
LYS C   OXT  sing N N 167 
LYS CB  CG   sing N N 168 
LYS CB  HB2  sing N N 169 
LYS CB  HB3  sing N N 170 
LYS CG  CD   sing N N 171 
LYS CG  HG2  sing N N 172 
LYS CG  HG3  sing N N 173 
LYS CD  CE   sing N N 174 
LYS CD  HD2  sing N N 175 
LYS CD  HD3  sing N N 176 
LYS CE  NZ   sing N N 177 
LYS CE  HE2  sing N N 178 
LYS CE  HE3  sing N N 179 
LYS NZ  HZ1  sing N N 180 
LYS NZ  HZ2  sing N N 181 
LYS NZ  HZ3  sing N N 182 
LYS OXT HXT  sing N N 183 
MET N   CA   sing N N 184 
MET N   H    sing N N 185 
MET N   H2   sing N N 186 
MET CA  C    sing N N 187 
MET CA  CB   sing N N 188 
MET CA  HA   sing N N 189 
MET C   O    doub N N 190 
MET C   OXT  sing N N 191 
MET CB  CG   sing N N 192 
MET CB  HB2  sing N N 193 
MET CB  HB3  sing N N 194 
MET CG  SD   sing N N 195 
MET CG  HG2  sing N N 196 
MET CG  HG3  sing N N 197 
MET SD  CE   sing N N 198 
MET CE  HE1  sing N N 199 
MET CE  HE2  sing N N 200 
MET CE  HE3  sing N N 201 
MET OXT HXT  sing N N 202 
PHE N   CA   sing N N 203 
PHE N   H    sing N N 204 
PHE N   H2   sing N N 205 
PHE CA  C    sing N N 206 
PHE CA  CB   sing N N 207 
PHE CA  HA   sing N N 208 
PHE C   O    doub N N 209 
PHE C   OXT  sing N N 210 
PHE CB  CG   sing N N 211 
PHE CB  HB2  sing N N 212 
PHE CB  HB3  sing N N 213 
PHE CG  CD1  doub Y N 214 
PHE CG  CD2  sing Y N 215 
PHE CD1 CE1  sing Y N 216 
PHE CD1 HD1  sing N N 217 
PHE CD2 CE2  doub Y N 218 
PHE CD2 HD2  sing N N 219 
PHE CE1 CZ   doub Y N 220 
PHE CE1 HE1  sing N N 221 
PHE CE2 CZ   sing Y N 222 
PHE CE2 HE2  sing N N 223 
PHE CZ  HZ   sing N N 224 
PHE OXT HXT  sing N N 225 
PRO N   CA   sing N N 226 
PRO N   CD   sing N N 227 
PRO N   H    sing N N 228 
PRO CA  C    sing N N 229 
PRO CA  CB   sing N N 230 
PRO CA  HA   sing N N 231 
PRO C   O    doub N N 232 
PRO C   OXT  sing N N 233 
PRO CB  CG   sing N N 234 
PRO CB  HB2  sing N N 235 
PRO CB  HB3  sing N N 236 
PRO CG  CD   sing N N 237 
PRO CG  HG2  sing N N 238 
PRO CG  HG3  sing N N 239 
PRO CD  HD2  sing N N 240 
PRO CD  HD3  sing N N 241 
PRO OXT HXT  sing N N 242 
SER N   CA   sing N N 243 
SER N   H    sing N N 244 
SER N   H2   sing N N 245 
SER CA  C    sing N N 246 
SER CA  CB   sing N N 247 
SER CA  HA   sing N N 248 
SER C   O    doub N N 249 
SER C   OXT  sing N N 250 
SER CB  OG   sing N N 251 
SER CB  HB2  sing N N 252 
SER CB  HB3  sing N N 253 
SER OG  HG   sing N N 254 
SER OXT HXT  sing N N 255 
THR N   CA   sing N N 256 
THR N   H    sing N N 257 
THR N   H2   sing N N 258 
THR CA  C    sing N N 259 
THR CA  CB   sing N N 260 
THR CA  HA   sing N N 261 
THR C   O    doub N N 262 
THR C   OXT  sing N N 263 
THR CB  OG1  sing N N 264 
THR CB  CG2  sing N N 265 
THR CB  HB   sing N N 266 
THR OG1 HG1  sing N N 267 
THR CG2 HG21 sing N N 268 
THR CG2 HG22 sing N N 269 
THR CG2 HG23 sing N N 270 
THR OXT HXT  sing N N 271 
TRP N   CA   sing N N 272 
TRP N   H    sing N N 273 
TRP N   H2   sing N N 274 
TRP CA  C    sing N N 275 
TRP CA  CB   sing N N 276 
TRP CA  HA   sing N N 277 
TRP C   O    doub N N 278 
TRP C   OXT  sing N N 279 
TRP CB  CG   sing N N 280 
TRP CB  HB2  sing N N 281 
TRP CB  HB3  sing N N 282 
TRP CG  CD1  doub Y N 283 
TRP CG  CD2  sing Y N 284 
TRP CD1 NE1  sing Y N 285 
TRP CD1 HD1  sing N N 286 
TRP CD2 CE2  doub Y N 287 
TRP CD2 CE3  sing Y N 288 
TRP NE1 CE2  sing Y N 289 
TRP NE1 HE1  sing N N 290 
TRP CE2 CZ2  sing Y N 291 
TRP CE3 CZ3  doub Y N 292 
TRP CE3 HE3  sing N N 293 
TRP CZ2 CH2  doub Y N 294 
TRP CZ2 HZ2  sing N N 295 
TRP CZ3 CH2  sing Y N 296 
TRP CZ3 HZ3  sing N N 297 
TRP CH2 HH2  sing N N 298 
TRP OXT HXT  sing N N 299 
VAL N   CA   sing N N 300 
VAL N   H    sing N N 301 
VAL N   H2   sing N N 302 
VAL CA  C    sing N N 303 
VAL CA  CB   sing N N 304 
VAL CA  HA   sing N N 305 
VAL C   O    doub N N 306 
VAL C   OXT  sing N N 307 
VAL CB  CG1  sing N N 308 
VAL CB  CG2  sing N N 309 
VAL CB  HB   sing N N 310 
VAL CG1 HG11 sing N N 311 
VAL CG1 HG12 sing N N 312 
VAL CG1 HG13 sing N N 313 
VAL CG2 HG21 sing N N 314 
VAL CG2 HG22 sing N N 315 
VAL CG2 HG23 sing N N 316 
VAL OXT HXT  sing N N 317 
# 
_pdbx_entity_nonpoly.entity_id   2 
_pdbx_entity_nonpoly.name        water 
_pdbx_entity_nonpoly.comp_id     HOH 
# 
_pdbx_initial_refinement_model.id               1 
_pdbx_initial_refinement_model.entity_id_list   ? 
_pdbx_initial_refinement_model.type             'experimental model' 
_pdbx_initial_refinement_model.source_name      PDB 
_pdbx_initial_refinement_model.accession_code   1ROP 
_pdbx_initial_refinement_model.details          ? 
# 
_pdbx_struct_assembly_auth_evidence.id                     1 
_pdbx_struct_assembly_auth_evidence.assembly_id            1 
_pdbx_struct_assembly_auth_evidence.experimental_support   none 
_pdbx_struct_assembly_auth_evidence.details                ? 
# 
